data_7V0J
#
_entry.id   7V0J
#
_cell.length_a   92.585
_cell.length_b   161.637
_cell.length_c   210.439
_cell.angle_alpha   90.000
_cell.angle_beta   90.000
_cell.angle_gamma   90.000
#
_symmetry.space_group_name_H-M   'C 2 2 21'
#
loop_
_entity.id
_entity.type
_entity.pdbx_description
1 polymer Glucanase
2 branched beta-D-glucopyranose-(1-4)-beta-D-glucopyranose
3 non-polymer 'CALCIUM ION'
4 water water
#
_entity_poly.entity_id   1
_entity_poly.type   'polypeptide(L)'
_entity_poly.pdbx_seq_one_letter_code
;MDYNYGEALQKAIMFYEFQMSGKLPDNIRNNWRGDSCLGDGSDVGLDLTGGWFDAGDHVKFNLPMAYTATMLAWAVYEYK
DALQKSGQLGYLMDQIKWASDYFIRCHPEKYVYYYQVGNGDMDHRWWVPAECIDVQAPRPSYKVDLSNPGSTVTAGTAAA
LAATALVFKDTDPAYAALCIRHAKELFDFAETTMSDKGYTAALNFYTSHSGWYDELSWAGAWIYLADGDETYLEKAEKYV
DKWPIESQTTYIAYSWGHCWDDVHYGAALLLAKITNKSLYKEAIERHLDYWTVGFNGQRVRYTPKGLAHLTDWGVLRHAT
TTAFLACVYSDWSECPREKANIYIDFAKKQADYALGSSGRSYVVGFGVNPPQHPHHRTAHSSWCDSQKVPEYHRHVLYGA
LVGGPDASDAYVDDIGNYVTNQVACDYNAGFVGLLAKMYEKYGGNPIPNFMAIEENLYFQSGSHHHHHHHH
;
_entity_poly.pdbx_strand_id   A,B,C
#
loop_
_chem_comp.id
_chem_comp.type
_chem_comp.name
_chem_comp.formula
BGC D-saccharide, beta linking beta-D-glucopyranose 'C6 H12 O6'
CA non-polymer 'CALCIUM ION' 'Ca 2'
#
# COMPACT_ATOMS: atom_id res chain seq x y z
N ASP A 2 -6.19 -36.05 24.61
CA ASP A 2 -4.97 -35.60 23.96
C ASP A 2 -5.04 -35.76 22.45
N TYR A 3 -4.19 -35.01 21.74
CA TYR A 3 -4.19 -35.02 20.29
C TYR A 3 -3.26 -36.09 19.75
N ASN A 4 -3.57 -36.55 18.54
CA ASN A 4 -2.78 -37.57 17.85
C ASN A 4 -1.56 -36.90 17.25
N TYR A 5 -0.45 -36.92 18.00
CA TYR A 5 0.76 -36.28 17.52
C TYR A 5 1.45 -37.08 16.42
N GLY A 6 1.18 -38.38 16.33
CA GLY A 6 1.72 -39.15 15.22
C GLY A 6 1.07 -38.80 13.89
N GLU A 7 -0.27 -38.71 13.89
CA GLU A 7 -0.97 -38.27 12.69
C GLU A 7 -0.54 -36.87 12.28
N ALA A 8 -0.45 -35.95 13.25
CA ALA A 8 -0.01 -34.59 12.95
C ALA A 8 1.40 -34.57 12.38
N LEU A 9 2.32 -35.28 13.03
CA LEU A 9 3.70 -35.35 12.54
C LEU A 9 3.74 -35.91 11.12
N GLN A 10 3.08 -37.05 10.90
CA GLN A 10 3.05 -37.67 9.59
C GLN A 10 2.61 -36.69 8.52
N LYS A 11 1.61 -35.86 8.82
CA LYS A 11 1.07 -34.93 7.83
C LYS A 11 1.94 -33.68 7.71
N ALA A 12 2.47 -33.18 8.83
CA ALA A 12 3.33 -32.00 8.77
C ALA A 12 4.55 -32.27 7.92
N ILE A 13 5.02 -33.52 7.88
CA ILE A 13 6.12 -33.88 6.99
C ILE A 13 5.62 -34.01 5.56
N MET A 14 4.47 -34.66 5.36
CA MET A 14 3.91 -34.81 4.02
C MET A 14 3.66 -33.46 3.37
N PHE A 15 3.43 -32.41 4.16
CA PHE A 15 3.19 -31.09 3.60
C PHE A 15 4.26 -30.69 2.58
N TYR A 16 5.50 -31.15 2.79
CA TYR A 16 6.59 -30.72 1.92
C TYR A 16 6.55 -31.41 0.56
N GLU A 17 5.97 -32.61 0.48
CA GLU A 17 5.79 -33.24 -0.83
C GLU A 17 5.00 -32.32 -1.76
N PHE A 18 3.98 -31.63 -1.22
CA PHE A 18 3.17 -30.74 -2.03
C PHE A 18 3.95 -29.55 -2.55
N GLN A 19 5.04 -29.17 -1.88
CA GLN A 19 5.85 -28.01 -2.26
C GLN A 19 6.92 -28.34 -3.28
N MET A 20 7.08 -29.60 -3.65
CA MET A 20 8.21 -30.00 -4.48
C MET A 20 8.11 -29.40 -5.88
N SER A 21 9.25 -28.95 -6.40
CA SER A 21 9.37 -28.46 -7.77
C SER A 21 10.24 -29.42 -8.56
N GLY A 22 10.02 -29.45 -9.88
CA GLY A 22 10.83 -30.26 -10.77
C GLY A 22 10.20 -31.60 -11.09
N LYS A 23 11.04 -32.51 -11.58
CA LYS A 23 10.61 -33.86 -11.91
C LYS A 23 10.39 -34.64 -10.62
N LEU A 24 9.13 -34.92 -10.30
CA LEU A 24 8.83 -35.62 -9.06
C LEU A 24 9.30 -37.07 -9.13
N PRO A 25 9.76 -37.63 -8.01
CA PRO A 25 10.09 -39.06 -7.99
C PRO A 25 8.82 -39.90 -8.06
N ASP A 26 9.01 -41.17 -8.40
CA ASP A 26 7.86 -42.08 -8.52
C ASP A 26 7.27 -42.45 -7.16
N ASN A 27 7.99 -42.21 -6.07
CA ASN A 27 7.58 -42.64 -4.74
C ASN A 27 6.63 -41.65 -4.05
N ILE A 28 6.17 -40.61 -4.76
CA ILE A 28 5.31 -39.62 -4.13
C ILE A 28 3.99 -40.27 -3.70
N ARG A 29 3.40 -39.74 -2.64
CA ARG A 29 2.22 -40.32 -2.02
C ARG A 29 0.92 -39.63 -2.43
N ASN A 30 0.95 -38.65 -3.32
CA ASN A 30 -0.24 -37.97 -3.79
C ASN A 30 -0.42 -38.18 -5.29
N ASN A 31 -1.65 -37.93 -5.75
CA ASN A 31 -2.02 -38.16 -7.14
C ASN A 31 -2.41 -36.89 -7.88
N TRP A 32 -2.16 -35.72 -7.29
CA TRP A 32 -2.53 -34.46 -7.92
C TRP A 32 -1.37 -33.55 -8.24
N ARG A 33 -0.17 -33.79 -7.69
CA ARG A 33 1.02 -33.05 -8.06
C ARG A 33 1.73 -33.76 -9.20
N GLY A 34 2.23 -32.96 -10.15
CA GLY A 34 2.96 -33.49 -11.29
C GLY A 34 4.21 -32.68 -11.54
N ASP A 35 4.95 -33.09 -12.58
CA ASP A 35 6.16 -32.38 -12.95
C ASP A 35 5.86 -30.91 -13.20
N SER A 36 6.82 -30.05 -12.86
CA SER A 36 6.64 -28.61 -12.99
C SER A 36 7.99 -27.94 -13.07
N CYS A 37 8.02 -26.80 -13.76
CA CYS A 37 9.20 -25.94 -13.81
C CYS A 37 10.45 -26.75 -14.10
N LEU A 38 10.38 -27.56 -15.15
CA LEU A 38 11.51 -28.39 -15.55
C LEU A 38 12.59 -27.60 -16.27
N GLY A 39 12.27 -26.39 -16.74
CA GLY A 39 13.23 -25.54 -17.39
C GLY A 39 13.97 -24.60 -16.45
N ASP A 40 13.75 -24.72 -15.14
CA ASP A 40 14.41 -23.84 -14.19
C ASP A 40 15.92 -23.95 -14.34
N GLY A 41 16.58 -22.80 -14.52
CA GLY A 41 17.99 -22.75 -14.77
C GLY A 41 18.38 -22.74 -16.24
N SER A 42 17.42 -22.86 -17.14
CA SER A 42 17.73 -22.88 -18.57
C SER A 42 18.33 -21.56 -19.04
N ASP A 43 17.94 -20.45 -18.40
CA ASP A 43 18.43 -19.14 -18.83
C ASP A 43 19.91 -18.93 -18.52
N VAL A 44 20.53 -19.77 -17.69
CA VAL A 44 21.94 -19.65 -17.36
C VAL A 44 22.69 -20.94 -17.65
N GLY A 45 22.10 -21.84 -18.44
CA GLY A 45 22.78 -23.05 -18.83
C GLY A 45 22.97 -24.07 -17.73
N LEU A 46 22.18 -24.00 -16.66
CA LEU A 46 22.34 -24.87 -15.51
C LEU A 46 21.04 -25.62 -15.24
N ASP A 47 21.17 -26.74 -14.53
CA ASP A 47 20.03 -27.51 -14.05
C ASP A 47 19.74 -27.03 -12.62
N LEU A 48 18.81 -26.09 -12.52
CA LEU A 48 18.38 -25.55 -11.22
C LEU A 48 16.97 -26.02 -10.86
N THR A 49 16.59 -27.21 -11.31
CA THR A 49 15.30 -27.77 -10.97
C THR A 49 15.33 -28.35 -9.56
N GLY A 50 14.16 -28.75 -9.07
CA GLY A 50 14.06 -29.32 -7.75
C GLY A 50 13.78 -28.26 -6.70
N GLY A 51 14.00 -28.65 -5.45
CA GLY A 51 13.76 -27.76 -4.34
C GLY A 51 12.27 -27.59 -4.08
N TRP A 52 11.97 -26.65 -3.17
CA TRP A 52 10.61 -26.38 -2.76
C TRP A 52 10.16 -25.01 -3.24
N PHE A 53 8.94 -24.94 -3.76
CA PHE A 53 8.26 -23.66 -3.85
C PHE A 53 8.13 -23.08 -2.44
N ASP A 54 8.31 -21.76 -2.32
CA ASP A 54 8.41 -21.15 -1.00
C ASP A 54 7.11 -21.30 -0.21
N ALA A 55 6.01 -20.78 -0.76
CA ALA A 55 4.75 -20.76 -0.03
C ALA A 55 3.61 -21.22 -0.92
N GLY A 56 2.57 -20.40 -1.09
CA GLY A 56 1.51 -20.66 -2.03
C GLY A 56 1.80 -20.17 -3.43
N ASP A 57 2.99 -19.62 -3.66
CA ASP A 57 3.44 -19.17 -4.95
C ASP A 57 4.36 -20.23 -5.55
N HIS A 58 5.12 -19.87 -6.57
CA HIS A 58 6.02 -20.82 -7.23
C HIS A 58 7.42 -20.25 -7.38
N VAL A 59 7.75 -19.21 -6.63
CA VAL A 59 9.12 -18.72 -6.56
C VAL A 59 9.90 -19.58 -5.59
N LYS A 60 11.14 -19.91 -5.96
CA LYS A 60 12.05 -20.64 -5.08
C LYS A 60 12.99 -19.61 -4.46
N PHE A 61 12.70 -19.24 -3.21
CA PHE A 61 13.54 -18.33 -2.42
C PHE A 61 14.50 -19.16 -1.60
N ASN A 62 15.80 -19.06 -1.87
CA ASN A 62 16.76 -19.97 -1.25
C ASN A 62 17.10 -19.61 0.19
N LEU A 63 16.80 -18.39 0.65
CA LEU A 63 17.07 -18.07 2.05
C LEU A 63 16.12 -18.81 2.98
N PRO A 64 14.79 -18.65 2.88
CA PRO A 64 13.92 -19.44 3.75
C PRO A 64 13.97 -20.92 3.45
N MET A 65 14.28 -21.32 2.23
CA MET A 65 14.37 -22.74 1.92
C MET A 65 15.52 -23.39 2.69
N ALA A 66 16.69 -22.76 2.68
CA ALA A 66 17.82 -23.27 3.44
C ALA A 66 17.50 -23.31 4.94
N TYR A 67 16.86 -22.25 5.45
CA TYR A 67 16.43 -22.27 6.84
C TYR A 67 15.55 -23.48 7.12
N THR A 68 14.58 -23.75 6.25
CA THR A 68 13.68 -24.87 6.46
C THR A 68 14.44 -26.19 6.48
N ALA A 69 15.33 -26.40 5.52
CA ALA A 69 16.11 -27.63 5.48
C ALA A 69 16.88 -27.81 6.78
N THR A 70 17.53 -26.75 7.26
CA THR A 70 18.32 -26.86 8.48
C THR A 70 17.46 -27.28 9.66
N MET A 71 16.27 -26.69 9.80
CA MET A 71 15.39 -27.05 10.90
C MET A 71 14.88 -28.49 10.76
N LEU A 72 14.61 -28.92 9.53
CA LEU A 72 14.19 -30.32 9.33
C LEU A 72 15.31 -31.28 9.72
N ALA A 73 16.54 -30.99 9.28
CA ALA A 73 17.68 -31.79 9.71
C ALA A 73 17.83 -31.75 11.23
N TRP A 74 17.59 -30.59 11.84
CA TRP A 74 17.69 -30.49 13.29
C TRP A 74 16.70 -31.41 13.98
N ALA A 75 15.48 -31.51 13.44
CA ALA A 75 14.50 -32.42 14.01
C ALA A 75 15.00 -33.86 13.99
N VAL A 76 15.57 -34.29 12.87
CA VAL A 76 16.14 -35.64 12.78
C VAL A 76 17.25 -35.80 13.81
N TYR A 77 18.15 -34.82 13.90
CA TYR A 77 19.29 -34.91 14.80
C TYR A 77 18.85 -35.14 16.24
N GLU A 78 17.80 -34.45 16.68
CA GLU A 78 17.37 -34.53 18.07
C GLU A 78 16.44 -35.70 18.32
N TYR A 79 15.57 -36.05 17.37
CA TYR A 79 14.52 -37.04 17.59
C TYR A 79 14.48 -38.07 16.48
N LYS A 80 15.65 -38.62 16.15
CA LYS A 80 15.72 -39.66 15.11
C LYS A 80 14.90 -40.88 15.50
N ASP A 81 15.14 -41.43 16.69
CA ASP A 81 14.46 -42.67 17.07
C ASP A 81 12.95 -42.50 17.09
N ALA A 82 12.46 -41.36 17.59
CA ALA A 82 11.02 -41.13 17.60
C ALA A 82 10.48 -41.03 16.18
N LEU A 83 11.25 -40.42 15.27
CA LEU A 83 10.80 -40.29 13.88
C LEU A 83 10.78 -41.64 13.19
N GLN A 84 11.74 -42.52 13.50
CA GLN A 84 11.71 -43.86 12.91
C GLN A 84 10.51 -44.65 13.42
N LYS A 85 10.27 -44.63 14.74
CA LYS A 85 9.15 -45.38 15.30
C LYS A 85 7.83 -44.93 14.69
N SER A 86 7.70 -43.64 14.36
CA SER A 86 6.49 -43.17 13.69
C SER A 86 6.40 -43.66 12.24
N GLY A 87 7.50 -44.13 11.68
CA GLY A 87 7.53 -44.57 10.29
C GLY A 87 7.69 -43.46 9.28
N GLN A 88 7.89 -42.22 9.73
CA GLN A 88 7.99 -41.07 8.83
C GLN A 88 9.41 -40.57 8.65
N LEU A 89 10.40 -41.21 9.28
CA LEU A 89 11.78 -40.74 9.15
C LEU A 89 12.24 -40.80 7.69
N GLY A 90 11.87 -41.88 6.98
CA GLY A 90 12.26 -42.00 5.59
C GLY A 90 11.75 -40.85 4.73
N TYR A 91 10.49 -40.48 4.91
CA TYR A 91 9.94 -39.36 4.14
C TYR A 91 10.67 -38.07 4.47
N LEU A 92 10.89 -37.80 5.75
CA LEU A 92 11.55 -36.57 6.15
C LEU A 92 12.98 -36.50 5.60
N MET A 93 13.70 -37.61 5.66
CA MET A 93 15.04 -37.65 5.06
C MET A 93 14.99 -37.36 3.57
N ASP A 94 13.99 -37.94 2.88
CA ASP A 94 13.89 -37.74 1.44
C ASP A 94 13.70 -36.27 1.09
N GLN A 95 12.98 -35.53 1.93
CA GLN A 95 12.76 -34.11 1.66
C GLN A 95 14.03 -33.30 1.91
N ILE A 96 14.77 -33.63 2.96
CA ILE A 96 16.02 -32.92 3.23
C ILE A 96 16.96 -33.04 2.03
N LYS A 97 17.13 -34.26 1.51
CA LYS A 97 18.00 -34.45 0.35
C LYS A 97 17.46 -33.73 -0.87
N TRP A 98 16.14 -33.63 -1.01
CA TRP A 98 15.58 -32.91 -2.15
C TRP A 98 16.01 -31.44 -2.13
N ALA A 99 15.91 -30.80 -0.97
CA ALA A 99 16.31 -29.40 -0.86
C ALA A 99 17.83 -29.25 -0.98
N SER A 100 18.58 -30.16 -0.36
CA SER A 100 20.03 -30.06 -0.40
C SER A 100 20.58 -30.38 -1.79
N ASP A 101 19.99 -31.36 -2.47
CA ASP A 101 20.36 -31.62 -3.86
C ASP A 101 20.20 -30.35 -4.69
N TYR A 102 19.17 -29.57 -4.42
CA TYR A 102 18.94 -28.34 -5.18
C TYR A 102 19.95 -27.27 -4.81
N PHE A 103 20.27 -27.14 -3.52
CA PHE A 103 21.30 -26.19 -3.10
C PHE A 103 22.63 -26.50 -3.78
N ILE A 104 22.98 -27.78 -3.88
CA ILE A 104 24.24 -28.16 -4.51
C ILE A 104 24.24 -27.76 -5.98
N ARG A 105 23.13 -27.98 -6.68
CA ARG A 105 23.06 -27.57 -8.08
C ARG A 105 23.15 -26.06 -8.23
N CYS A 106 22.69 -25.31 -7.21
CA CYS A 106 22.81 -23.85 -7.21
C CYS A 106 24.23 -23.36 -6.95
N HIS A 107 25.18 -24.26 -6.66
CA HIS A 107 26.56 -23.90 -6.33
C HIS A 107 27.48 -24.54 -7.35
N PRO A 108 27.46 -24.08 -8.61
CA PRO A 108 28.31 -24.69 -9.64
C PRO A 108 29.77 -24.30 -9.55
N GLU A 109 30.09 -23.18 -8.90
CA GLU A 109 31.46 -22.76 -8.68
C GLU A 109 31.61 -22.33 -7.23
N LYS A 110 32.86 -22.35 -6.75
CA LYS A 110 33.09 -22.10 -5.32
C LYS A 110 32.54 -20.74 -4.90
N TYR A 111 32.65 -19.74 -5.77
CA TYR A 111 32.23 -18.38 -5.46
C TYR A 111 31.10 -17.92 -6.38
N VAL A 112 30.19 -18.83 -6.70
CA VAL A 112 29.01 -18.52 -7.50
C VAL A 112 27.84 -19.31 -6.93
N TYR A 113 26.85 -18.60 -6.39
CA TYR A 113 25.68 -19.23 -5.78
C TYR A 113 24.43 -18.59 -6.35
N TYR A 114 23.55 -19.41 -6.93
CA TYR A 114 22.22 -18.97 -7.35
C TYR A 114 21.29 -19.06 -6.16
N TYR A 115 20.63 -17.95 -5.83
CA TYR A 115 19.83 -17.84 -4.62
C TYR A 115 18.35 -17.68 -4.89
N GLN A 116 17.92 -17.69 -6.15
CA GLN A 116 16.51 -17.50 -6.44
C GLN A 116 16.22 -17.90 -7.88
N VAL A 117 15.11 -18.61 -8.07
CA VAL A 117 14.59 -18.94 -9.39
C VAL A 117 13.15 -18.43 -9.45
N GLY A 118 12.89 -17.53 -10.38
CA GLY A 118 11.56 -16.96 -10.52
C GLY A 118 11.52 -15.53 -10.02
N ASN A 119 10.79 -14.68 -10.74
CA ASN A 119 10.63 -13.29 -10.37
C ASN A 119 9.39 -13.13 -9.49
N GLY A 120 9.57 -12.47 -8.35
CA GLY A 120 8.49 -12.41 -7.37
C GLY A 120 7.25 -11.72 -7.89
N ASP A 121 7.41 -10.52 -8.46
CA ASP A 121 6.26 -9.74 -8.90
C ASP A 121 5.51 -10.47 -10.02
N MET A 122 6.25 -10.99 -11.00
CA MET A 122 5.59 -11.62 -12.14
C MET A 122 4.94 -12.93 -11.75
N ASP A 123 5.63 -13.76 -10.98
CA ASP A 123 5.07 -15.05 -10.58
C ASP A 123 3.79 -14.88 -9.77
N HIS A 124 3.71 -13.80 -8.98
CA HIS A 124 2.53 -13.57 -8.14
C HIS A 124 1.36 -12.98 -8.91
N ARG A 125 1.57 -12.52 -10.16
CA ARG A 125 0.44 -12.05 -10.96
C ARG A 125 -0.47 -13.18 -11.41
N TRP A 126 0.04 -14.41 -11.43
CA TRP A 126 -0.67 -15.56 -12.00
C TRP A 126 -1.17 -16.47 -10.90
N TRP A 127 -2.48 -16.67 -10.83
CA TRP A 127 -3.08 -17.63 -9.90
C TRP A 127 -3.34 -18.93 -10.66
N VAL A 128 -2.26 -19.71 -10.85
CA VAL A 128 -2.35 -20.94 -11.63
C VAL A 128 -1.53 -22.02 -10.95
N PRO A 129 -1.90 -23.28 -11.16
CA PRO A 129 -1.17 -24.38 -10.53
C PRO A 129 0.27 -24.47 -11.01
N ALA A 130 1.08 -25.18 -10.22
CA ALA A 130 2.51 -25.27 -10.50
C ALA A 130 2.78 -25.92 -11.85
N GLU A 131 1.92 -26.86 -12.26
CA GLU A 131 2.12 -27.58 -13.50
C GLU A 131 1.84 -26.72 -14.73
N CYS A 132 1.33 -25.50 -14.54
CA CYS A 132 1.05 -24.58 -15.64
C CYS A 132 1.80 -23.26 -15.52
N ILE A 133 2.51 -23.01 -14.43
CA ILE A 133 3.07 -21.69 -14.18
C ILE A 133 4.15 -21.35 -15.21
N ASP A 134 5.04 -22.31 -15.50
CA ASP A 134 6.17 -22.03 -16.37
C ASP A 134 5.76 -21.73 -17.81
N VAL A 135 4.52 -22.02 -18.19
CA VAL A 135 4.06 -21.67 -19.53
C VAL A 135 3.60 -20.22 -19.61
N GLN A 136 3.30 -19.58 -18.47
CA GLN A 136 2.69 -18.27 -18.48
C GLN A 136 3.71 -17.13 -18.44
N ALA A 137 4.87 -17.34 -17.83
CA ALA A 137 5.85 -16.27 -17.68
C ALA A 137 7.23 -16.87 -17.53
N PRO A 138 8.27 -16.16 -17.95
CA PRO A 138 9.63 -16.69 -17.77
C PRO A 138 9.98 -16.78 -16.30
N ARG A 139 10.95 -17.64 -16.00
CA ARG A 139 11.41 -17.90 -14.64
C ARG A 139 12.91 -17.71 -14.58
N PRO A 140 13.38 -16.47 -14.43
CA PRO A 140 14.82 -16.21 -14.47
C PRO A 140 15.54 -16.64 -13.20
N SER A 141 16.84 -16.90 -13.35
CA SER A 141 17.70 -17.29 -12.26
C SER A 141 18.52 -16.09 -11.80
N TYR A 142 18.74 -16.00 -10.49
CA TYR A 142 19.49 -14.91 -9.88
C TYR A 142 20.65 -15.48 -9.08
N LYS A 143 21.78 -14.78 -9.10
CA LYS A 143 22.99 -15.29 -8.47
C LYS A 143 23.76 -14.18 -7.77
N VAL A 144 24.64 -14.59 -6.87
CA VAL A 144 25.62 -13.72 -6.22
C VAL A 144 27.00 -14.29 -6.51
N ASP A 145 28.00 -13.41 -6.48
CA ASP A 145 29.39 -13.80 -6.67
C ASP A 145 30.25 -12.82 -5.89
N LEU A 146 31.57 -12.90 -6.09
CA LEU A 146 32.48 -12.03 -5.35
C LEU A 146 32.25 -10.56 -5.66
N SER A 147 31.80 -10.25 -6.88
CA SER A 147 31.54 -8.86 -7.24
C SER A 147 30.16 -8.39 -6.82
N ASN A 148 29.23 -9.30 -6.58
CA ASN A 148 27.88 -8.98 -6.11
C ASN A 148 27.50 -10.03 -5.07
N PRO A 149 28.05 -9.90 -3.86
CA PRO A 149 27.97 -11.00 -2.89
C PRO A 149 26.65 -11.00 -2.11
N GLY A 150 26.41 -12.13 -1.45
CA GLY A 150 25.25 -12.32 -0.60
C GLY A 150 25.58 -13.20 0.59
N SER A 151 26.19 -12.61 1.62
CA SER A 151 26.71 -13.40 2.72
C SER A 151 25.61 -14.05 3.53
N THR A 152 24.45 -13.39 3.68
CA THR A 152 23.37 -13.97 4.45
C THR A 152 22.89 -15.28 3.84
N VAL A 153 22.59 -15.27 2.54
CA VAL A 153 22.00 -16.45 1.92
C VAL A 153 23.04 -17.54 1.69
N THR A 154 24.28 -17.17 1.38
CA THR A 154 25.33 -18.18 1.22
C THR A 154 25.66 -18.85 2.54
N ALA A 155 25.72 -18.09 3.63
CA ALA A 155 25.94 -18.69 4.94
C ALA A 155 24.76 -19.56 5.35
N GLY A 156 23.55 -19.11 5.05
CA GLY A 156 22.37 -19.91 5.39
C GLY A 156 22.34 -21.25 4.68
N THR A 157 22.76 -21.27 3.40
CA THR A 157 22.81 -22.53 2.67
C THR A 157 23.92 -23.43 3.18
N ALA A 158 25.04 -22.85 3.62
CA ALA A 158 26.10 -23.65 4.23
C ALA A 158 25.59 -24.40 5.46
N ALA A 159 24.81 -23.71 6.30
CA ALA A 159 24.23 -24.37 7.47
C ALA A 159 23.36 -25.55 7.04
N ALA A 160 22.56 -25.37 5.99
CA ALA A 160 21.64 -26.44 5.57
C ALA A 160 22.40 -27.65 5.08
N LEU A 161 23.42 -27.45 4.26
CA LEU A 161 24.21 -28.57 3.77
C LEU A 161 24.98 -29.24 4.90
N ALA A 162 25.49 -28.45 5.85
CA ALA A 162 26.20 -29.03 6.98
C ALA A 162 25.27 -29.90 7.82
N ALA A 163 24.10 -29.36 8.18
CA ALA A 163 23.13 -30.14 8.93
C ALA A 163 22.69 -31.38 8.16
N THR A 164 22.56 -31.25 6.83
CA THR A 164 22.24 -32.43 6.02
C THR A 164 23.32 -33.50 6.15
N ALA A 165 24.58 -33.09 5.99
CA ALA A 165 25.69 -34.03 6.17
C ALA A 165 25.62 -34.69 7.54
N LEU A 166 25.20 -33.94 8.57
CA LEU A 166 25.14 -34.48 9.92
C LEU A 166 24.21 -35.69 9.99
N VAL A 167 23.01 -35.56 9.42
CA VAL A 167 22.03 -36.63 9.54
C VAL A 167 22.18 -37.73 8.49
N PHE A 168 22.90 -37.47 7.40
CA PHE A 168 23.14 -38.47 6.38
C PHE A 168 24.48 -39.19 6.53
N LYS A 169 25.31 -38.79 7.50
CA LYS A 169 26.64 -39.38 7.61
C LYS A 169 26.59 -40.86 7.92
N ASP A 170 25.57 -41.31 8.67
CA ASP A 170 25.49 -42.70 9.08
C ASP A 170 24.87 -43.59 8.02
N THR A 171 24.12 -43.04 7.07
CA THR A 171 23.47 -43.81 6.02
C THR A 171 24.10 -43.62 4.64
N ASP A 172 24.53 -42.41 4.30
CA ASP A 172 25.15 -42.11 3.00
C ASP A 172 26.37 -41.25 3.22
N PRO A 173 27.48 -41.84 3.70
CA PRO A 173 28.67 -41.02 3.98
C PRO A 173 29.20 -40.28 2.76
N ALA A 174 29.12 -40.89 1.58
CA ALA A 174 29.57 -40.20 0.37
C ALA A 174 28.81 -38.90 0.16
N TYR A 175 27.48 -38.95 0.33
CA TYR A 175 26.68 -37.73 0.20
C TYR A 175 27.02 -36.73 1.30
N ALA A 176 27.27 -37.21 2.52
CA ALA A 176 27.61 -36.31 3.61
C ALA A 176 28.91 -35.57 3.33
N ALA A 177 29.90 -36.28 2.77
CA ALA A 177 31.17 -35.63 2.44
C ALA A 177 30.98 -34.54 1.40
N LEU A 178 30.13 -34.79 0.40
CA LEU A 178 29.87 -33.77 -0.62
C LEU A 178 29.24 -32.53 -0.01
N CYS A 179 28.21 -32.72 0.83
CA CYS A 179 27.55 -31.59 1.44
C CYS A 179 28.51 -30.77 2.29
N ILE A 180 29.41 -31.44 3.02
CA ILE A 180 30.37 -30.72 3.86
C ILE A 180 31.29 -29.87 3.00
N ARG A 181 31.80 -30.46 1.91
CA ARG A 181 32.67 -29.71 1.01
C ARG A 181 31.98 -28.45 0.49
N HIS A 182 30.72 -28.60 0.08
CA HIS A 182 29.97 -27.43 -0.40
C HIS A 182 29.69 -26.43 0.72
N ALA A 183 29.48 -26.91 1.94
CA ALA A 183 29.16 -26.02 3.05
C ALA A 183 30.35 -25.15 3.41
N LYS A 184 31.53 -25.75 3.53
CA LYS A 184 32.72 -24.97 3.87
C LYS A 184 33.08 -23.99 2.76
N GLU A 185 32.83 -24.36 1.51
CA GLU A 185 33.05 -23.42 0.41
C GLU A 185 32.09 -22.25 0.52
N LEU A 186 30.79 -22.53 0.72
CA LEU A 186 29.81 -21.46 0.85
C LEU A 186 30.09 -20.60 2.08
N PHE A 187 30.58 -21.21 3.16
CA PHE A 187 30.96 -20.44 4.34
C PHE A 187 32.11 -19.50 4.03
N ASP A 188 33.18 -20.02 3.41
CA ASP A 188 34.29 -19.16 3.02
C ASP A 188 33.84 -18.05 2.10
N PHE A 189 32.93 -18.35 1.16
CA PHE A 189 32.36 -17.33 0.29
C PHE A 189 31.71 -16.23 1.11
N ALA A 190 30.84 -16.59 2.05
CA ALA A 190 30.13 -15.59 2.84
C ALA A 190 31.09 -14.78 3.70
N GLU A 191 32.01 -15.45 4.38
CA GLU A 191 32.92 -14.76 5.30
C GLU A 191 33.86 -13.82 4.57
N THR A 192 34.27 -14.18 3.34
CA THR A 192 35.22 -13.35 2.61
C THR A 192 34.59 -12.04 2.14
N THR A 193 33.30 -12.05 1.80
CA THR A 193 32.67 -10.91 1.16
C THR A 193 32.06 -9.93 2.14
N MET A 194 31.49 -10.42 3.24
CA MET A 194 30.87 -9.58 4.27
C MET A 194 29.97 -8.52 3.63
N SER A 195 29.01 -8.97 2.83
CA SER A 195 28.14 -8.03 2.14
C SER A 195 26.96 -8.76 1.55
N ASP A 196 25.83 -8.05 1.47
CA ASP A 196 24.63 -8.51 0.77
C ASP A 196 24.33 -7.65 -0.46
N LYS A 197 25.35 -6.99 -1.01
CA LYS A 197 25.13 -6.07 -2.13
C LYS A 197 24.45 -6.77 -3.30
N GLY A 198 24.71 -8.06 -3.52
CA GLY A 198 24.14 -8.78 -4.63
C GLY A 198 22.83 -9.47 -4.36
N TYR A 199 22.40 -9.54 -3.11
CA TYR A 199 21.18 -10.23 -2.72
C TYR A 199 20.00 -9.29 -2.94
N THR A 200 19.58 -9.18 -4.19
CA THR A 200 18.63 -8.15 -4.61
C THR A 200 17.31 -8.68 -5.13
N ALA A 201 17.24 -9.92 -5.61
CA ALA A 201 15.99 -10.41 -6.20
C ALA A 201 14.93 -10.69 -5.16
N ALA A 202 15.31 -10.84 -3.89
CA ALA A 202 14.36 -11.14 -2.83
C ALA A 202 13.89 -9.91 -2.07
N LEU A 203 14.30 -8.71 -2.50
CA LEU A 203 13.81 -7.49 -1.87
C LEU A 203 12.29 -7.51 -1.82
N ASN A 204 11.75 -7.06 -0.68
CA ASN A 204 10.32 -7.00 -0.40
C ASN A 204 9.70 -8.37 -0.17
N PHE A 205 10.47 -9.44 -0.21
CA PHE A 205 9.97 -10.79 0.07
C PHE A 205 10.69 -11.46 1.22
N TYR A 206 12.02 -11.48 1.18
CA TYR A 206 12.83 -12.12 2.22
C TYR A 206 14.11 -11.33 2.46
N THR A 207 13.94 -10.03 2.72
CA THR A 207 15.05 -9.16 3.10
C THR A 207 15.28 -9.25 4.60
N SER A 208 16.53 -9.47 4.98
CA SER A 208 16.90 -9.57 6.38
C SER A 208 17.54 -8.27 6.85
N HIS A 209 17.23 -7.89 8.10
CA HIS A 209 17.83 -6.74 8.75
C HIS A 209 18.68 -7.10 9.95
N SER A 210 18.63 -8.35 10.42
CA SER A 210 19.37 -8.72 11.62
C SER A 210 20.87 -8.87 11.32
N GLY A 211 21.22 -9.21 10.10
CA GLY A 211 22.61 -9.33 9.70
C GLY A 211 23.00 -10.78 9.42
N TRP A 212 24.07 -10.93 8.66
CA TRP A 212 24.57 -12.25 8.28
C TRP A 212 25.47 -12.88 9.34
N TYR A 213 25.78 -12.16 10.42
CA TYR A 213 26.77 -12.67 11.37
C TYR A 213 26.20 -13.83 12.19
N ASP A 214 24.94 -13.74 12.61
CA ASP A 214 24.33 -14.88 13.28
C ASP A 214 24.16 -16.04 12.31
N GLU A 215 23.98 -15.77 11.02
CA GLU A 215 24.03 -16.82 10.02
C GLU A 215 25.38 -17.51 10.00
N LEU A 216 26.46 -16.76 10.25
CA LEU A 216 27.79 -17.36 10.29
C LEU A 216 27.94 -18.29 11.50
N SER A 217 27.53 -17.82 12.68
CA SER A 217 27.57 -18.68 13.86
C SER A 217 26.65 -19.88 13.67
N TRP A 218 25.46 -19.64 13.11
CA TRP A 218 24.54 -20.72 12.75
C TRP A 218 25.23 -21.77 11.90
N ALA A 219 25.88 -21.34 10.81
CA ALA A 219 26.54 -22.29 9.93
C ALA A 219 27.78 -22.89 10.56
N GLY A 220 28.54 -22.08 11.31
CA GLY A 220 29.76 -22.59 11.92
C GLY A 220 29.49 -23.72 12.89
N ALA A 221 28.41 -23.63 13.66
CA ALA A 221 28.08 -24.69 14.60
C ALA A 221 27.68 -25.97 13.88
N TRP A 222 26.89 -25.86 12.82
CA TRP A 222 26.47 -27.05 12.08
C TRP A 222 27.65 -27.72 11.38
N ILE A 223 28.60 -26.92 10.89
CA ILE A 223 29.78 -27.49 10.26
C ILE A 223 30.60 -28.27 11.28
N TYR A 224 30.70 -27.75 12.51
CA TYR A 224 31.46 -28.45 13.54
C TYR A 224 30.77 -29.73 13.97
N LEU A 225 29.45 -29.69 14.18
CA LEU A 225 28.72 -30.88 14.60
C LEU A 225 28.82 -31.99 13.55
N ALA A 226 28.96 -31.62 12.28
CA ALA A 226 28.98 -32.60 11.20
C ALA A 226 30.39 -33.05 10.83
N ASP A 227 31.40 -32.21 11.09
CA ASP A 227 32.75 -32.47 10.63
C ASP A 227 33.79 -32.46 11.76
N GLY A 228 33.51 -31.81 12.89
CA GLY A 228 34.47 -31.72 13.97
C GLY A 228 35.55 -30.68 13.76
N ASP A 229 35.61 -30.03 12.61
CA ASP A 229 36.63 -29.02 12.34
C ASP A 229 36.45 -27.84 13.29
N GLU A 230 37.33 -27.75 14.29
CA GLU A 230 37.21 -26.67 15.27
C GLU A 230 37.36 -25.30 14.64
N THR A 231 38.01 -25.20 13.47
CA THR A 231 38.18 -23.91 12.81
C THR A 231 36.84 -23.21 12.64
N TYR A 232 35.78 -23.96 12.35
CA TYR A 232 34.48 -23.37 12.12
C TYR A 232 33.69 -23.15 13.41
N LEU A 233 34.03 -23.88 14.48
CA LEU A 233 33.52 -23.51 15.80
C LEU A 233 34.17 -22.22 16.28
N GLU A 234 35.47 -22.07 16.04
CA GLU A 234 36.16 -20.84 16.42
C GLU A 234 35.56 -19.63 15.71
N LYS A 235 35.30 -19.76 14.41
CA LYS A 235 34.70 -18.66 13.67
C LYS A 235 33.29 -18.36 14.16
N ALA A 236 32.54 -19.38 14.56
CA ALA A 236 31.18 -19.17 15.03
C ALA A 236 31.16 -18.27 16.26
N GLU A 237 31.98 -18.60 17.26
CA GLU A 237 32.00 -17.81 18.48
C GLU A 237 32.59 -16.42 18.25
N LYS A 238 33.38 -16.24 17.19
CA LYS A 238 33.99 -14.95 16.92
C LYS A 238 32.94 -13.88 16.60
N TYR A 239 31.86 -14.27 15.93
CA TYR A 239 30.86 -13.33 15.45
C TYR A 239 29.67 -13.19 16.40
N VAL A 240 29.74 -13.77 17.59
CA VAL A 240 28.66 -13.63 18.55
C VAL A 240 28.48 -12.16 18.93
N ASP A 241 29.58 -11.41 19.01
CA ASP A 241 29.49 -10.01 19.43
C ASP A 241 28.76 -9.13 18.43
N LYS A 242 28.50 -9.62 17.22
CA LYS A 242 27.75 -8.87 16.22
C LYS A 242 26.36 -9.44 15.98
N TRP A 243 25.89 -10.32 16.88
CA TRP A 243 24.50 -10.69 16.89
C TRP A 243 23.64 -9.50 17.29
N PRO A 244 22.35 -9.52 16.96
CA PRO A 244 21.47 -8.44 17.42
C PRO A 244 21.42 -8.35 18.93
N ILE A 245 21.32 -7.11 19.43
CA ILE A 245 21.28 -6.82 20.86
C ILE A 245 19.90 -6.28 21.19
N GLU A 246 19.32 -6.75 22.29
CA GLU A 246 18.05 -6.23 22.76
C GLU A 246 18.15 -4.71 22.93
N SER A 247 17.19 -4.00 22.38
CA SER A 247 17.21 -2.55 22.44
C SER A 247 17.19 -2.07 23.89
N GLN A 248 17.91 -0.97 24.13
CA GLN A 248 17.99 -0.33 25.44
C GLN A 248 18.71 -1.18 26.47
N THR A 249 19.45 -2.20 26.05
CA THR A 249 20.21 -3.05 26.96
C THR A 249 21.56 -3.38 26.31
N THR A 250 22.31 -4.26 26.99
CA THR A 250 23.53 -4.84 26.45
C THR A 250 23.44 -6.36 26.35
N TYR A 251 22.25 -6.93 26.57
CA TYR A 251 22.05 -8.36 26.39
C TYR A 251 21.98 -8.71 24.91
N ILE A 252 22.28 -9.98 24.61
CA ILE A 252 21.91 -10.52 23.31
C ILE A 252 20.39 -10.47 23.19
N ALA A 253 19.90 -10.10 22.01
CA ALA A 253 18.46 -9.95 21.81
C ALA A 253 17.73 -11.22 22.24
N TYR A 254 16.55 -11.03 22.83
CA TYR A 254 15.79 -12.16 23.36
C TYR A 254 14.28 -12.06 23.21
N SER A 255 13.72 -10.92 22.84
CA SER A 255 12.27 -10.73 22.83
C SER A 255 11.65 -11.01 21.47
N TRP A 256 12.42 -11.50 20.50
CA TRP A 256 11.89 -12.02 19.25
C TRP A 256 11.98 -13.54 19.30
N GLY A 257 12.16 -14.18 18.14
CA GLY A 257 12.25 -15.63 18.10
C GLY A 257 13.07 -16.11 16.93
N HIS A 258 13.48 -17.37 17.01
CA HIS A 258 14.16 -18.03 15.91
C HIS A 258 13.25 -18.07 14.69
N CYS A 259 13.78 -17.69 13.54
CA CYS A 259 13.02 -17.62 12.29
C CYS A 259 14.01 -17.48 11.15
N TRP A 260 13.47 -17.49 9.92
CA TRP A 260 14.34 -17.41 8.75
C TRP A 260 15.19 -16.14 8.76
N ASP A 261 14.70 -15.07 9.37
CA ASP A 261 15.44 -13.81 9.39
C ASP A 261 16.42 -13.70 10.54
N ASP A 262 16.18 -14.38 11.66
CA ASP A 262 16.99 -14.21 12.87
C ASP A 262 17.28 -15.59 13.43
N VAL A 263 18.48 -16.10 13.16
CA VAL A 263 18.87 -17.45 13.58
C VAL A 263 19.81 -17.43 14.78
N HIS A 264 20.07 -16.26 15.36
CA HIS A 264 20.97 -16.22 16.51
C HIS A 264 20.39 -16.94 17.72
N TYR A 265 19.05 -17.07 17.79
CA TYR A 265 18.43 -17.83 18.86
C TYR A 265 18.86 -19.29 18.80
N GLY A 266 18.62 -19.95 17.68
CA GLY A 266 19.03 -21.34 17.54
C GLY A 266 20.54 -21.51 17.60
N ALA A 267 21.27 -20.53 17.07
CA ALA A 267 22.73 -20.59 17.16
C ALA A 267 23.18 -20.62 18.62
N ALA A 268 22.54 -19.83 19.48
CA ALA A 268 22.92 -19.81 20.88
C ALA A 268 22.62 -21.14 21.56
N LEU A 269 21.50 -21.77 21.19
CA LEU A 269 21.17 -23.07 21.77
C LEU A 269 22.21 -24.11 21.38
N LEU A 270 22.58 -24.16 20.09
CA LEU A 270 23.55 -25.14 19.64
C LEU A 270 24.93 -24.88 20.24
N LEU A 271 25.32 -23.61 20.36
CA LEU A 271 26.60 -23.29 20.96
C LEU A 271 26.61 -23.60 22.45
N ALA A 272 25.46 -23.47 23.11
CA ALA A 272 25.39 -23.85 24.52
C ALA A 272 25.64 -25.34 24.70
N LYS A 273 25.02 -26.17 23.86
CA LYS A 273 25.22 -27.61 23.96
C LYS A 273 26.64 -28.01 23.58
N ILE A 274 27.26 -27.26 22.66
CA ILE A 274 28.60 -27.63 22.20
C ILE A 274 29.65 -27.22 23.21
N THR A 275 29.56 -25.99 23.73
CA THR A 275 30.60 -25.43 24.58
C THR A 275 30.23 -25.42 26.07
N ASN A 276 28.94 -25.42 26.40
CA ASN A 276 28.46 -25.37 27.77
C ASN A 276 28.84 -24.06 28.47
N LYS A 277 29.18 -23.03 27.70
CA LYS A 277 29.51 -21.73 28.26
C LYS A 277 28.26 -21.03 28.75
N SER A 278 28.40 -20.28 29.85
CA SER A 278 27.26 -19.58 30.42
C SER A 278 26.79 -18.42 29.54
N LEU A 279 27.66 -17.88 28.69
CA LEU A 279 27.23 -16.84 27.76
C LEU A 279 26.04 -17.31 26.94
N TYR A 280 26.14 -18.51 26.36
CA TYR A 280 25.07 -19.02 25.52
C TYR A 280 23.90 -19.54 26.35
N LYS A 281 24.18 -20.16 27.49
CA LYS A 281 23.09 -20.64 28.34
C LYS A 281 22.24 -19.49 28.85
N GLU A 282 22.87 -18.40 29.25
CA GLU A 282 22.10 -17.24 29.71
C GLU A 282 21.26 -16.64 28.57
N ALA A 283 21.85 -16.53 27.38
CA ALA A 283 21.15 -15.91 26.27
C ALA A 283 19.90 -16.70 25.89
N ILE A 284 20.04 -18.02 25.76
CA ILE A 284 18.88 -18.84 25.38
C ILE A 284 17.87 -18.88 26.52
N GLU A 285 18.35 -18.94 27.77
CA GLU A 285 17.43 -18.97 28.90
C GLU A 285 16.74 -17.62 29.10
N ARG A 286 17.41 -16.52 28.75
CA ARG A 286 16.74 -15.23 28.72
C ARG A 286 15.61 -15.24 27.71
N HIS A 287 15.84 -15.83 26.54
CA HIS A 287 14.82 -15.91 25.50
C HIS A 287 13.65 -16.78 25.92
N LEU A 288 13.94 -18.03 26.34
CA LEU A 288 12.87 -18.95 26.69
C LEU A 288 12.16 -18.52 27.99
N ASP A 289 12.86 -17.82 28.88
CA ASP A 289 12.19 -17.29 30.06
C ASP A 289 11.21 -16.18 29.69
N TYR A 290 11.66 -15.22 28.88
CA TYR A 290 10.79 -14.15 28.43
C TYR A 290 9.56 -14.70 27.70
N TRP A 291 9.70 -15.83 27.02
CA TRP A 291 8.60 -16.41 26.27
C TRP A 291 7.67 -17.26 27.12
N THR A 292 7.99 -17.45 28.40
CA THR A 292 7.16 -18.29 29.26
C THR A 292 6.75 -17.54 30.52
N VAL A 293 7.62 -17.50 31.53
CA VAL A 293 7.29 -16.87 32.80
C VAL A 293 7.59 -15.38 32.80
N GLY A 294 8.40 -14.90 31.87
CA GLY A 294 8.80 -13.50 31.82
C GLY A 294 10.24 -13.31 32.26
N PHE A 295 10.80 -12.17 31.84
CA PHE A 295 12.16 -11.80 32.22
C PHE A 295 12.18 -10.29 32.49
N ASN A 296 12.65 -9.92 33.69
CA ASN A 296 12.73 -8.52 34.10
C ASN A 296 11.36 -7.84 34.01
N GLY A 297 10.34 -8.53 34.49
CA GLY A 297 9.01 -7.96 34.52
C GLY A 297 8.38 -7.72 33.16
N GLN A 298 8.90 -8.37 32.11
CA GLN A 298 8.34 -8.25 30.77
C GLN A 298 8.22 -9.64 30.15
N ARG A 299 7.20 -9.81 29.32
CA ARG A 299 6.78 -11.12 28.87
C ARG A 299 6.16 -11.01 27.49
N VAL A 300 6.47 -11.97 26.62
CA VAL A 300 5.87 -12.04 25.30
C VAL A 300 4.35 -12.03 25.47
N ARG A 301 3.66 -11.42 24.51
CA ARG A 301 2.21 -11.35 24.58
C ARG A 301 1.60 -12.74 24.45
N TYR A 302 0.46 -12.93 25.11
CA TYR A 302 -0.30 -14.17 25.04
C TYR A 302 -1.76 -13.86 24.74
N THR A 303 -2.38 -14.73 23.95
CA THR A 303 -3.82 -14.65 23.77
C THR A 303 -4.52 -15.26 24.98
N PRO A 304 -5.76 -14.84 25.25
CA PRO A 304 -6.48 -15.43 26.40
C PRO A 304 -6.54 -16.95 26.37
N LYS A 305 -6.47 -17.57 25.19
CA LYS A 305 -6.53 -19.02 25.06
C LYS A 305 -5.14 -19.66 25.06
N GLY A 306 -4.11 -18.95 25.50
CA GLY A 306 -2.83 -19.55 25.80
C GLY A 306 -1.81 -19.55 24.69
N LEU A 307 -2.07 -18.87 23.58
CA LEU A 307 -1.13 -18.84 22.47
C LEU A 307 -0.09 -17.74 22.68
N ALA A 308 1.18 -18.10 22.57
CA ALA A 308 2.25 -17.11 22.54
C ALA A 308 2.21 -16.35 21.22
N HIS A 309 1.93 -15.06 21.28
CA HIS A 309 1.60 -14.26 20.10
C HIS A 309 2.65 -13.16 19.91
N LEU A 310 3.73 -13.49 19.20
CA LEU A 310 4.79 -12.52 18.99
C LEU A 310 4.35 -11.40 18.06
N THR A 311 3.80 -11.75 16.91
CA THR A 311 3.38 -10.78 15.91
C THR A 311 2.28 -11.38 15.07
N ASP A 312 1.63 -10.55 14.26
CA ASP A 312 0.47 -10.98 13.47
C ASP A 312 0.87 -11.74 12.22
N TRP A 313 2.11 -11.62 11.76
CA TRP A 313 2.55 -12.27 10.52
C TRP A 313 3.16 -13.63 10.87
N GLY A 314 2.49 -14.69 10.46
CA GLY A 314 2.95 -16.04 10.75
C GLY A 314 3.12 -16.29 12.23
N VAL A 315 2.07 -15.99 13.00
CA VAL A 315 2.18 -16.07 14.45
C VAL A 315 2.48 -17.50 14.90
N LEU A 316 1.81 -18.48 14.28
CA LEU A 316 2.00 -19.87 14.69
C LEU A 316 3.39 -20.38 14.31
N ARG A 317 3.92 -19.92 13.18
CA ARG A 317 5.31 -20.20 12.82
C ARG A 317 6.25 -19.80 13.95
N HIS A 318 5.99 -18.65 14.59
CA HIS A 318 6.87 -18.20 15.67
C HIS A 318 6.67 -19.03 16.93
N ALA A 319 5.42 -19.33 17.29
CA ALA A 319 5.16 -20.05 18.53
C ALA A 319 5.67 -21.49 18.45
N THR A 320 5.37 -22.18 17.35
CA THR A 320 5.83 -23.56 17.20
C THR A 320 7.34 -23.64 17.12
N THR A 321 7.97 -22.67 16.44
CA THR A 321 9.42 -22.70 16.31
C THR A 321 10.09 -22.44 17.65
N THR A 322 9.66 -21.40 18.37
CA THR A 322 10.19 -21.19 19.72
C THR A 322 9.91 -22.40 20.61
N ALA A 323 8.73 -23.01 20.45
CA ALA A 323 8.41 -24.19 21.23
C ALA A 323 9.39 -25.31 20.94
N PHE A 324 9.80 -25.47 19.68
CA PHE A 324 10.78 -26.50 19.36
C PHE A 324 12.10 -26.25 20.08
N LEU A 325 12.58 -25.00 20.08
CA LEU A 325 13.80 -24.69 20.82
C LEU A 325 13.65 -25.04 22.29
N ALA A 326 12.45 -24.83 22.85
CA ALA A 326 12.20 -25.22 24.24
C ALA A 326 12.33 -26.73 24.42
N CYS A 327 11.87 -27.51 23.44
CA CYS A 327 12.01 -28.96 23.52
C CYS A 327 13.48 -29.36 23.58
N VAL A 328 14.29 -28.85 22.66
CA VAL A 328 15.69 -29.26 22.58
C VAL A 328 16.43 -28.88 23.85
N TYR A 329 16.19 -27.66 24.35
CA TYR A 329 16.92 -27.21 25.54
C TYR A 329 16.40 -27.91 26.79
N SER A 330 15.08 -28.10 26.90
CA SER A 330 14.54 -28.76 28.08
C SER A 330 15.00 -30.20 28.19
N ASP A 331 15.28 -30.86 27.07
CA ASP A 331 15.81 -32.21 27.08
C ASP A 331 17.30 -32.26 27.36
N TRP A 332 17.96 -31.11 27.45
CA TRP A 332 19.39 -31.05 27.68
C TRP A 332 19.70 -31.28 29.15
N SER A 333 20.82 -31.98 29.42
CA SER A 333 21.16 -32.31 30.79
C SER A 333 21.58 -31.10 31.60
N GLU A 334 22.14 -30.07 30.94
CA GLU A 334 22.61 -28.89 31.64
C GLU A 334 21.51 -27.87 31.89
N CYS A 335 20.29 -28.13 31.42
CA CYS A 335 19.20 -27.21 31.67
C CYS A 335 18.75 -27.32 33.13
N PRO A 336 18.62 -26.22 33.85
CA PRO A 336 18.06 -26.29 35.20
C PRO A 336 16.73 -27.04 35.20
N ARG A 337 16.60 -28.00 36.13
CA ARG A 337 15.43 -28.88 36.12
C ARG A 337 14.13 -28.10 36.20
N GLU A 338 14.07 -27.09 37.06
CA GLU A 338 12.83 -26.33 37.20
C GLU A 338 12.47 -25.62 35.89
N LYS A 339 13.48 -25.10 35.19
CA LYS A 339 13.22 -24.46 33.91
C LYS A 339 12.82 -25.48 32.84
N ALA A 340 13.27 -26.72 32.97
CA ALA A 340 12.93 -27.74 31.99
C ALA A 340 11.44 -28.01 31.99
N ASN A 341 10.84 -28.21 33.16
CA ASN A 341 9.41 -28.49 33.23
C ASN A 341 8.60 -27.32 32.70
N ILE A 342 9.03 -26.09 33.01
CA ILE A 342 8.32 -24.91 32.51
C ILE A 342 8.38 -24.85 30.99
N TYR A 343 9.56 -25.13 30.42
CA TYR A 343 9.72 -25.03 28.97
C TYR A 343 8.92 -26.09 28.24
N ILE A 344 8.87 -27.31 28.78
CA ILE A 344 8.22 -28.40 28.07
C ILE A 344 6.70 -28.28 28.18
N ASP A 345 6.19 -27.82 29.33
CA ASP A 345 4.77 -27.53 29.42
C ASP A 345 4.39 -26.42 28.45
N PHE A 346 5.26 -25.41 28.31
CA PHE A 346 5.06 -24.40 27.29
C PHE A 346 4.97 -25.02 25.90
N ALA A 347 5.90 -25.92 25.59
CA ALA A 347 5.92 -26.53 24.26
C ALA A 347 4.64 -27.30 23.99
N LYS A 348 4.15 -28.07 24.98
CA LYS A 348 2.93 -28.85 24.75
C LYS A 348 1.73 -27.95 24.53
N LYS A 349 1.64 -26.85 25.29
CA LYS A 349 0.50 -25.95 25.13
C LYS A 349 0.49 -25.31 23.75
N GLN A 350 1.66 -24.86 23.27
CA GLN A 350 1.72 -24.28 21.93
C GLN A 350 1.39 -25.32 20.88
N ALA A 351 1.93 -26.53 20.99
CA ALA A 351 1.57 -27.61 20.08
C ALA A 351 0.07 -27.85 20.09
N ASP A 352 -0.50 -28.02 21.29
CA ASP A 352 -1.92 -28.29 21.39
C ASP A 352 -2.76 -27.13 20.83
N TYR A 353 -2.27 -25.90 20.95
CA TYR A 353 -2.99 -24.78 20.36
C TYR A 353 -3.00 -24.88 18.84
N ALA A 354 -1.89 -25.32 18.24
CA ALA A 354 -1.84 -25.47 16.80
C ALA A 354 -2.74 -26.60 16.33
N LEU A 355 -2.97 -27.60 17.18
CA LEU A 355 -3.73 -28.78 16.80
C LEU A 355 -5.21 -28.72 17.18
N GLY A 356 -5.61 -27.79 18.04
CA GLY A 356 -7.03 -27.56 18.24
C GLY A 356 -7.49 -27.26 19.66
N SER A 357 -6.61 -26.74 20.52
CA SER A 357 -7.03 -26.46 21.88
C SER A 357 -7.99 -25.27 21.95
N SER A 358 -7.88 -24.34 21.01
CA SER A 358 -8.75 -23.17 20.99
C SER A 358 -10.14 -23.47 20.44
N GLY A 359 -10.37 -24.68 19.92
CA GLY A 359 -11.64 -25.06 19.34
C GLY A 359 -11.54 -25.54 17.91
N ARG A 360 -10.44 -25.30 17.23
CA ARG A 360 -10.29 -25.73 15.84
C ARG A 360 -8.80 -25.96 15.56
N SER A 361 -8.51 -26.97 14.76
CA SER A 361 -7.16 -27.16 14.28
C SER A 361 -6.76 -26.01 13.36
N TYR A 362 -5.48 -25.64 13.41
CA TYR A 362 -4.88 -24.74 12.45
C TYR A 362 -3.91 -25.46 11.53
N VAL A 363 -4.10 -26.76 11.36
CA VAL A 363 -3.32 -27.59 10.45
C VAL A 363 -4.28 -28.14 9.41
N VAL A 364 -4.06 -27.78 8.14
CA VAL A 364 -4.98 -28.20 7.09
C VAL A 364 -5.07 -29.72 7.05
N GLY A 365 -6.29 -30.23 6.99
CA GLY A 365 -6.51 -31.65 6.89
C GLY A 365 -6.26 -32.43 8.16
N PHE A 366 -6.30 -31.78 9.32
CA PHE A 366 -6.12 -32.47 10.59
C PHE A 366 -7.08 -31.92 11.63
N GLY A 367 -7.60 -32.82 12.47
CA GLY A 367 -8.36 -32.41 13.63
C GLY A 367 -9.72 -31.82 13.30
N VAL A 368 -10.20 -31.00 14.23
CA VAL A 368 -11.55 -30.45 14.18
C VAL A 368 -11.54 -29.14 13.40
N ASN A 369 -12.45 -29.02 12.44
CA ASN A 369 -12.71 -27.81 11.68
C ASN A 369 -11.40 -27.14 11.27
N PRO A 370 -10.54 -27.83 10.52
CA PRO A 370 -9.25 -27.23 10.12
C PRO A 370 -9.45 -26.21 9.02
N PRO A 371 -8.43 -25.41 8.72
CA PRO A 371 -8.57 -24.45 7.61
C PRO A 371 -8.77 -25.17 6.29
N GLN A 372 -9.64 -24.62 5.46
CA GLN A 372 -9.99 -25.23 4.19
C GLN A 372 -9.65 -24.36 2.99
N HIS A 373 -9.12 -23.15 3.18
CA HIS A 373 -8.85 -22.23 2.09
C HIS A 373 -7.48 -21.58 2.25
N PRO A 374 -6.42 -22.39 2.35
CA PRO A 374 -5.07 -21.81 2.43
C PRO A 374 -4.70 -21.06 1.17
N HIS A 375 -4.01 -19.93 1.35
CA HIS A 375 -3.53 -19.10 0.23
C HIS A 375 -2.46 -19.90 -0.51
N HIS A 376 -2.91 -20.81 -1.37
CA HIS A 376 -2.02 -21.74 -2.04
C HIS A 376 -2.59 -22.02 -3.43
N ARG A 377 -1.84 -21.62 -4.47
CA ARG A 377 -2.35 -21.70 -5.82
C ARG A 377 -2.65 -23.14 -6.23
N THR A 378 -1.70 -24.05 -5.98
CA THR A 378 -1.81 -25.38 -6.55
C THR A 378 -2.88 -26.22 -5.84
N ALA A 379 -2.98 -26.09 -4.51
CA ALA A 379 -4.02 -26.82 -3.79
C ALA A 379 -5.40 -26.28 -4.14
N HIS A 380 -5.51 -24.99 -4.45
CA HIS A 380 -6.77 -24.44 -4.92
C HIS A 380 -7.08 -24.95 -6.31
N SER A 381 -6.10 -24.83 -7.23
CA SER A 381 -6.21 -25.34 -8.59
C SER A 381 -7.36 -24.64 -9.32
N SER A 382 -7.15 -23.35 -9.57
CA SER A 382 -8.09 -22.57 -10.36
C SER A 382 -7.91 -22.87 -11.84
N TRP A 383 -9.02 -22.83 -12.58
CA TRP A 383 -9.00 -23.07 -14.01
C TRP A 383 -9.04 -21.78 -14.82
N CYS A 384 -8.99 -20.63 -14.16
CA CYS A 384 -9.12 -19.35 -14.87
C CYS A 384 -8.47 -18.20 -14.12
N ASP A 385 -7.33 -18.46 -13.48
CA ASP A 385 -6.50 -17.38 -12.96
C ASP A 385 -7.29 -16.50 -11.98
N SER A 386 -7.98 -17.16 -11.05
CA SER A 386 -8.81 -16.45 -10.08
C SER A 386 -8.83 -17.18 -8.75
N GLN A 387 -8.59 -16.44 -7.67
CA GLN A 387 -8.64 -17.02 -6.33
C GLN A 387 -10.06 -17.50 -5.98
N LYS A 388 -11.08 -16.88 -6.57
CA LYS A 388 -12.45 -17.16 -6.21
C LYS A 388 -13.04 -18.38 -6.91
N VAL A 389 -12.35 -18.93 -7.91
CA VAL A 389 -12.91 -19.96 -8.78
C VAL A 389 -11.89 -21.09 -8.91
N PRO A 390 -12.17 -22.31 -8.42
CA PRO A 390 -13.42 -22.74 -7.75
C PRO A 390 -13.59 -22.12 -6.36
N GLU A 391 -14.78 -22.27 -5.76
CA GLU A 391 -15.00 -21.70 -4.44
C GLU A 391 -14.50 -22.61 -3.32
N TYR A 392 -14.10 -23.84 -3.63
CA TYR A 392 -13.46 -24.74 -2.68
C TYR A 392 -12.18 -25.27 -3.28
N HIS A 393 -11.20 -25.53 -2.43
CA HIS A 393 -9.92 -26.05 -2.89
C HIS A 393 -10.12 -27.43 -3.50
N ARG A 394 -9.61 -27.63 -4.71
CA ARG A 394 -9.69 -28.93 -5.35
C ARG A 394 -8.87 -29.99 -4.63
N HIS A 395 -7.87 -29.59 -3.84
CA HIS A 395 -6.97 -30.53 -3.20
C HIS A 395 -6.74 -30.11 -1.75
N VAL A 396 -6.50 -31.11 -0.91
CA VAL A 396 -6.27 -30.89 0.52
C VAL A 396 -4.77 -30.75 0.75
N LEU A 397 -4.37 -29.63 1.36
CA LEU A 397 -2.96 -29.36 1.64
C LEU A 397 -2.61 -29.91 3.03
N TYR A 398 -2.61 -31.24 3.10
CA TYR A 398 -2.39 -31.93 4.37
C TYR A 398 -1.13 -31.45 5.06
N GLY A 399 -1.26 -31.13 6.35
CA GLY A 399 -0.12 -30.83 7.19
C GLY A 399 0.35 -29.39 7.17
N ALA A 400 -0.30 -28.51 6.42
CA ALA A 400 0.14 -27.13 6.34
C ALA A 400 -0.33 -26.35 7.56
N LEU A 401 0.62 -25.70 8.25
CA LEU A 401 0.30 -24.80 9.35
C LEU A 401 0.07 -23.41 8.78
N VAL A 402 -1.10 -22.84 9.05
CA VAL A 402 -1.47 -21.55 8.48
C VAL A 402 -0.90 -20.42 9.34
N GLY A 403 -0.98 -19.20 8.85
CA GLY A 403 -0.50 -18.04 9.58
C GLY A 403 -0.97 -18.04 11.02
N GLY A 404 -2.29 -18.02 11.22
CA GLY A 404 -2.87 -18.15 12.53
C GLY A 404 -3.79 -17.01 12.90
N PRO A 405 -4.37 -17.08 14.09
CA PRO A 405 -5.30 -16.03 14.54
C PRO A 405 -4.56 -14.79 15.00
N ASP A 406 -5.34 -13.76 15.31
CA ASP A 406 -4.80 -12.51 15.82
C ASP A 406 -4.66 -12.61 17.34
N ALA A 407 -4.33 -11.49 17.99
CA ALA A 407 -4.02 -11.51 19.42
C ALA A 407 -5.22 -11.80 20.30
N SER A 408 -6.45 -11.80 19.75
CA SER A 408 -7.64 -12.14 20.51
C SER A 408 -8.20 -13.49 20.12
N ASP A 409 -7.38 -14.36 19.52
CA ASP A 409 -7.76 -15.72 19.14
C ASP A 409 -8.78 -15.74 18.00
N ALA A 410 -8.92 -14.63 17.29
CA ALA A 410 -9.88 -14.51 16.20
C ALA A 410 -9.24 -14.93 14.88
N TYR A 411 -9.99 -15.68 14.08
CA TYR A 411 -9.51 -16.17 12.80
C TYR A 411 -10.70 -16.56 11.94
N VAL A 412 -10.54 -16.42 10.64
CA VAL A 412 -11.55 -16.85 9.68
C VAL A 412 -10.84 -17.34 8.43
N ASP A 413 -11.36 -18.42 7.86
CA ASP A 413 -10.85 -18.90 6.58
C ASP A 413 -11.06 -17.84 5.52
N ASP A 414 -10.05 -17.68 4.66
CA ASP A 414 -10.09 -16.65 3.61
C ASP A 414 -8.91 -16.85 2.68
N ILE A 415 -9.15 -17.45 1.51
CA ILE A 415 -8.07 -17.76 0.59
C ILE A 415 -7.29 -16.50 0.22
N GLY A 416 -7.95 -15.33 0.25
CA GLY A 416 -7.32 -14.11 -0.20
C GLY A 416 -6.40 -13.46 0.81
N ASN A 417 -6.55 -13.80 2.09
CA ASN A 417 -5.74 -13.21 3.16
C ASN A 417 -4.44 -13.98 3.26
N TYR A 418 -3.39 -13.47 2.63
CA TYR A 418 -2.09 -14.13 2.64
C TYR A 418 -1.26 -13.79 3.87
N VAL A 419 -1.91 -13.37 4.95
CA VAL A 419 -1.31 -13.32 6.27
C VAL A 419 -1.90 -14.40 7.18
N THR A 420 -3.22 -14.36 7.37
CA THR A 420 -3.87 -15.32 8.25
C THR A 420 -3.91 -16.72 7.64
N ASN A 421 -4.24 -16.80 6.34
CA ASN A 421 -4.33 -18.06 5.64
C ASN A 421 -3.07 -18.43 4.87
N GLN A 422 -1.96 -17.73 5.14
CA GLN A 422 -0.69 -18.06 4.50
C GLN A 422 -0.19 -19.42 4.95
N VAL A 423 0.54 -20.09 4.05
CA VAL A 423 1.28 -21.29 4.37
C VAL A 423 2.64 -21.18 3.70
N ALA A 424 3.65 -21.84 4.27
CA ALA A 424 4.99 -21.70 3.72
C ALA A 424 5.92 -22.75 4.29
N CYS A 425 7.05 -22.92 3.62
CA CYS A 425 8.07 -23.86 4.06
C CYS A 425 8.51 -23.57 5.50
N ASP A 426 8.85 -22.32 5.78
CA ASP A 426 9.35 -21.98 7.12
C ASP A 426 8.28 -22.12 8.19
N TYR A 427 7.00 -22.04 7.82
CA TYR A 427 5.95 -22.19 8.81
C TYR A 427 5.91 -23.60 9.40
N ASN A 428 6.28 -24.61 8.62
CA ASN A 428 6.21 -26.00 9.05
C ASN A 428 7.55 -26.54 9.54
N ALA A 429 8.64 -25.79 9.39
CA ALA A 429 9.96 -26.32 9.69
C ALA A 429 10.09 -26.71 11.16
N GLY A 430 10.12 -25.73 12.06
CA GLY A 430 10.18 -26.03 13.47
C GLY A 430 9.00 -26.84 13.96
N PHE A 431 7.83 -26.66 13.33
CA PHE A 431 6.64 -27.41 13.70
C PHE A 431 6.90 -28.91 13.68
N VAL A 432 7.63 -29.39 12.66
CA VAL A 432 7.96 -30.80 12.59
C VAL A 432 8.75 -31.22 13.83
N GLY A 433 9.79 -30.45 14.16
CA GLY A 433 10.57 -30.78 15.35
C GLY A 433 9.72 -30.82 16.60
N LEU A 434 8.83 -29.85 16.77
CA LEU A 434 7.94 -29.84 17.92
C LEU A 434 7.11 -31.13 17.99
N LEU A 435 6.44 -31.47 16.88
CA LEU A 435 5.59 -32.66 16.87
C LEU A 435 6.40 -33.94 17.10
N ALA A 436 7.64 -33.99 16.61
CA ALA A 436 8.49 -35.15 16.85
C ALA A 436 8.68 -35.37 18.35
N LYS A 437 8.92 -34.30 19.10
CA LYS A 437 9.04 -34.43 20.55
C LYS A 437 7.72 -34.84 21.17
N MET A 438 6.63 -34.19 20.77
CA MET A 438 5.32 -34.51 21.35
C MET A 438 4.96 -35.97 21.09
N TYR A 439 5.28 -36.48 19.89
CA TYR A 439 5.05 -37.89 19.61
C TYR A 439 5.91 -38.77 20.52
N GLU A 440 7.18 -38.40 20.70
CA GLU A 440 8.06 -39.17 21.55
C GLU A 440 7.51 -39.27 22.98
N LYS A 441 6.93 -38.18 23.48
CA LYS A 441 6.50 -38.13 24.86
C LYS A 441 5.08 -38.67 25.06
N TYR A 442 4.15 -38.31 24.16
CA TYR A 442 2.75 -38.64 24.36
C TYR A 442 2.21 -39.66 23.35
N GLY A 443 2.91 -39.88 22.24
CA GLY A 443 2.46 -40.87 21.29
C GLY A 443 1.30 -40.38 20.44
N GLY A 444 0.39 -41.30 20.13
CA GLY A 444 -0.62 -41.05 19.13
C GLY A 444 -0.15 -41.62 17.81
N ASN A 445 -0.87 -42.61 17.30
CA ASN A 445 -0.34 -43.36 16.15
C ASN A 445 -0.70 -42.68 14.83
N PRO A 446 0.25 -42.60 13.89
CA PRO A 446 -0.08 -42.05 12.58
C PRO A 446 -1.01 -42.98 11.80
N ILE A 447 -1.65 -42.42 10.78
CA ILE A 447 -2.56 -43.19 9.94
C ILE A 447 -1.74 -44.21 9.17
N PRO A 448 -2.01 -45.51 9.32
CA PRO A 448 -1.23 -46.51 8.58
C PRO A 448 -1.49 -46.43 7.09
N ASN A 449 -0.40 -46.50 6.32
CA ASN A 449 -0.49 -46.53 4.85
C ASN A 449 -1.00 -45.21 4.29
N PHE A 450 -0.80 -44.11 5.01
CA PHE A 450 -1.47 -42.87 4.63
C PHE A 450 -1.02 -42.40 3.26
N MET A 451 -2.00 -42.09 2.41
CA MET A 451 -1.78 -41.53 1.08
C MET A 451 -2.75 -40.39 0.88
N ALA A 452 -2.36 -39.42 0.05
CA ALA A 452 -3.21 -38.26 -0.21
C ALA A 452 -4.00 -38.46 -1.50
N ASP B 2 -32.83 29.99 -2.11
CA ASP B 2 -32.29 29.04 -1.13
C ASP B 2 -32.67 27.61 -1.48
N TYR B 3 -31.91 26.67 -0.93
CA TYR B 3 -32.13 25.25 -1.21
C TYR B 3 -33.25 24.69 -0.36
N ASN B 4 -33.89 23.65 -0.87
CA ASN B 4 -35.01 22.99 -0.19
C ASN B 4 -34.44 22.06 0.87
N TYR B 5 -34.35 22.56 2.10
CA TYR B 5 -33.78 21.77 3.19
C TYR B 5 -34.73 20.69 3.67
N GLY B 6 -36.04 20.85 3.45
CA GLY B 6 -36.98 19.79 3.82
C GLY B 6 -36.86 18.58 2.92
N GLU B 7 -36.76 18.81 1.61
CA GLU B 7 -36.47 17.71 0.69
C GLU B 7 -35.15 17.06 1.04
N ALA B 8 -34.11 17.87 1.25
CA ALA B 8 -32.81 17.32 1.63
C ALA B 8 -32.92 16.46 2.87
N LEU B 9 -33.57 16.98 3.92
CA LEU B 9 -33.73 16.22 5.15
C LEU B 9 -34.46 14.91 4.90
N GLN B 10 -35.58 14.97 4.20
CA GLN B 10 -36.37 13.77 3.91
C GLN B 10 -35.52 12.70 3.25
N LYS B 11 -34.65 13.09 2.32
CA LYS B 11 -33.84 12.10 1.61
C LYS B 11 -32.66 11.64 2.44
N ALA B 12 -32.03 12.55 3.20
CA ALA B 12 -30.90 12.16 4.04
C ALA B 12 -31.30 11.14 5.09
N ILE B 13 -32.56 11.16 5.52
CA ILE B 13 -33.05 10.16 6.46
C ILE B 13 -33.39 8.86 5.73
N MET B 14 -34.03 8.95 4.57
CA MET B 14 -34.34 7.76 3.81
C MET B 14 -33.09 6.96 3.47
N PHE B 15 -31.94 7.64 3.35
CA PHE B 15 -30.70 6.94 3.00
C PHE B 15 -30.47 5.74 3.91
N TYR B 16 -30.85 5.85 5.18
CA TYR B 16 -30.60 4.76 6.12
C TYR B 16 -31.49 3.55 5.86
N GLU B 17 -32.65 3.75 5.23
CA GLU B 17 -33.45 2.60 4.82
C GLU B 17 -32.68 1.72 3.85
N PHE B 18 -31.97 2.35 2.90
CA PHE B 18 -31.16 1.61 1.94
C PHE B 18 -30.01 0.86 2.58
N GLN B 19 -29.68 1.17 3.83
CA GLN B 19 -28.56 0.54 4.54
C GLN B 19 -29.00 -0.55 5.50
N MET B 20 -30.30 -0.83 5.59
CA MET B 20 -30.80 -1.79 6.57
C MET B 20 -30.39 -3.20 6.20
N SER B 21 -30.08 -4.00 7.23
CA SER B 21 -29.75 -5.41 7.09
C SER B 21 -30.77 -6.26 7.83
N GLY B 22 -30.99 -7.47 7.35
CA GLY B 22 -31.91 -8.39 7.98
C GLY B 22 -33.28 -8.44 7.31
N LYS B 23 -34.24 -8.94 8.07
CA LYS B 23 -35.64 -9.06 7.62
C LYS B 23 -36.26 -7.68 7.62
N LEU B 24 -36.37 -7.08 6.45
CA LEU B 24 -36.84 -5.70 6.34
C LEU B 24 -38.32 -5.60 6.74
N PRO B 25 -38.72 -4.48 7.32
CA PRO B 25 -40.14 -4.28 7.63
C PRO B 25 -40.95 -3.97 6.38
N ASP B 26 -42.27 -4.18 6.50
CA ASP B 26 -43.15 -4.00 5.35
C ASP B 26 -43.33 -2.55 4.95
N ASN B 27 -43.02 -1.61 5.85
CA ASN B 27 -43.28 -0.20 5.58
C ASN B 27 -42.12 0.51 4.89
N ILE B 28 -41.09 -0.21 4.46
CA ILE B 28 -40.01 0.46 3.73
C ILE B 28 -40.60 1.09 2.47
N ARG B 29 -40.01 2.21 2.04
CA ARG B 29 -40.55 3.00 0.96
C ARG B 29 -39.72 2.88 -0.32
N ASN B 30 -38.90 1.85 -0.43
CA ASN B 30 -38.20 1.54 -1.67
C ASN B 30 -38.64 0.18 -2.18
N ASN B 31 -38.36 -0.06 -3.46
CA ASN B 31 -38.84 -1.24 -4.17
C ASN B 31 -37.71 -2.18 -4.57
N TRP B 32 -36.46 -1.89 -4.19
CA TRP B 32 -35.32 -2.68 -4.65
C TRP B 32 -34.50 -3.33 -3.53
N ARG B 33 -34.73 -2.98 -2.26
CA ARG B 33 -34.06 -3.66 -1.16
C ARG B 33 -34.91 -4.84 -0.68
N GLY B 34 -34.24 -5.94 -0.34
CA GLY B 34 -34.90 -7.12 0.18
C GLY B 34 -34.21 -7.63 1.44
N ASP B 35 -34.72 -8.76 1.93
CA ASP B 35 -34.11 -9.40 3.10
C ASP B 35 -32.66 -9.73 2.81
N SER B 36 -31.81 -9.61 3.83
CA SER B 36 -30.38 -9.86 3.67
C SER B 36 -29.77 -10.31 4.98
N CYS B 37 -28.77 -11.19 4.86
CA CYS B 37 -27.94 -11.61 6.00
C CYS B 37 -28.80 -12.06 7.17
N LEU B 38 -29.79 -12.90 6.88
CA LEU B 38 -30.66 -13.42 7.93
C LEU B 38 -29.99 -14.43 8.82
N GLY B 39 -28.82 -14.93 8.45
CA GLY B 39 -28.03 -15.83 9.27
C GLY B 39 -26.99 -15.16 10.13
N ASP B 40 -26.99 -13.83 10.21
CA ASP B 40 -26.01 -13.12 11.01
C ASP B 40 -26.15 -13.52 12.47
N GLY B 41 -25.04 -14.00 13.06
CA GLY B 41 -25.02 -14.43 14.43
C GLY B 41 -25.19 -15.93 14.62
N SER B 42 -25.51 -16.66 13.55
CA SER B 42 -25.74 -18.10 13.70
C SER B 42 -24.47 -18.82 14.15
N ASP B 43 -23.30 -18.29 13.78
CA ASP B 43 -22.05 -18.94 14.15
C ASP B 43 -21.84 -18.99 15.65
N VAL B 44 -22.59 -18.19 16.41
CA VAL B 44 -22.49 -18.15 17.87
C VAL B 44 -23.85 -18.41 18.52
N GLY B 45 -24.80 -18.94 17.75
CA GLY B 45 -26.09 -19.29 18.31
C GLY B 45 -26.95 -18.12 18.74
N LEU B 46 -26.77 -16.96 18.11
CA LEU B 46 -27.48 -15.75 18.49
C LEU B 46 -28.14 -15.14 17.25
N ASP B 47 -29.15 -14.31 17.49
CA ASP B 47 -29.80 -13.53 16.44
C ASP B 47 -29.13 -12.17 16.40
N LEU B 48 -28.16 -12.01 15.49
CA LEU B 48 -27.46 -10.75 15.31
C LEU B 48 -27.85 -10.09 13.99
N THR B 49 -29.09 -10.29 13.56
CA THR B 49 -29.59 -9.60 12.37
C THR B 49 -29.98 -8.16 12.73
N GLY B 50 -30.24 -7.37 11.70
CA GLY B 50 -30.61 -5.98 11.88
C GLY B 50 -29.40 -5.06 11.74
N GLY B 51 -29.61 -3.82 12.20
CA GLY B 51 -28.56 -2.83 12.11
C GLY B 51 -28.39 -2.31 10.69
N TRP B 52 -27.30 -1.55 10.52
CA TRP B 52 -26.96 -0.94 9.24
C TRP B 52 -25.65 -1.52 8.72
N PHE B 53 -25.62 -1.80 7.41
CA PHE B 53 -24.33 -1.95 6.75
C PHE B 53 -23.57 -0.63 6.85
N ASP B 54 -22.26 -0.72 7.05
CA ASP B 54 -21.49 0.48 7.36
C ASP B 54 -21.52 1.48 6.21
N ALA B 55 -20.96 1.10 5.07
CA ALA B 55 -20.85 2.01 3.93
C ALA B 55 -21.41 1.36 2.68
N GLY B 56 -20.63 1.38 1.59
CA GLY B 56 -20.96 0.63 0.39
C GLY B 56 -20.59 -0.84 0.47
N ASP B 57 -20.24 -1.32 1.65
CA ASP B 57 -19.93 -2.71 1.91
C ASP B 57 -21.07 -3.32 2.73
N HIS B 58 -20.83 -4.49 3.32
CA HIS B 58 -21.87 -5.17 4.08
C HIS B 58 -21.37 -5.66 5.44
N VAL B 59 -20.25 -5.12 5.92
CA VAL B 59 -19.82 -5.38 7.28
C VAL B 59 -20.63 -4.50 8.22
N LYS B 60 -20.93 -5.03 9.40
CA LYS B 60 -21.61 -4.28 10.44
C LYS B 60 -20.56 -3.88 11.48
N PHE B 61 -20.07 -2.64 11.38
CA PHE B 61 -19.08 -2.09 12.29
C PHE B 61 -19.83 -1.32 13.38
N ASN B 62 -19.82 -1.84 14.61
CA ASN B 62 -20.66 -1.28 15.66
C ASN B 62 -20.16 0.08 16.16
N LEU B 63 -18.86 0.38 16.04
CA LEU B 63 -18.38 1.67 16.51
C LEU B 63 -18.98 2.81 15.69
N PRO B 64 -18.81 2.86 14.37
CA PRO B 64 -19.47 3.93 13.60
C PRO B 64 -20.98 3.81 13.58
N MET B 65 -21.52 2.59 13.67
CA MET B 65 -22.97 2.43 13.70
C MET B 65 -23.55 3.02 14.97
N ALA B 66 -22.89 2.79 16.11
CA ALA B 66 -23.38 3.36 17.37
C ALA B 66 -23.23 4.88 17.37
N TYR B 67 -22.14 5.39 16.78
CA TYR B 67 -21.98 6.83 16.65
C TYR B 67 -23.14 7.44 15.87
N THR B 68 -23.47 6.84 14.72
CA THR B 68 -24.54 7.36 13.88
C THR B 68 -25.86 7.40 14.62
N ALA B 69 -26.19 6.33 15.34
CA ALA B 69 -27.44 6.31 16.08
C ALA B 69 -27.48 7.44 17.11
N THR B 70 -26.39 7.67 17.83
CA THR B 70 -26.35 8.75 18.82
C THR B 70 -26.58 10.10 18.14
N MET B 71 -25.92 10.34 17.02
CA MET B 71 -26.07 11.62 16.33
C MET B 71 -27.49 11.79 15.81
N LEU B 72 -28.09 10.73 15.27
CA LEU B 72 -29.47 10.82 14.81
C LEU B 72 -30.40 11.13 15.97
N ALA B 73 -30.25 10.42 17.08
CA ALA B 73 -31.05 10.71 18.26
C ALA B 73 -30.80 12.13 18.76
N TRP B 74 -29.55 12.59 18.66
CA TRP B 74 -29.24 13.97 19.06
C TRP B 74 -30.03 14.97 18.23
N ALA B 75 -30.19 14.68 16.93
CA ALA B 75 -30.99 15.56 16.08
C ALA B 75 -32.44 15.59 16.55
N VAL B 76 -32.98 14.43 16.94
CA VAL B 76 -34.34 14.39 17.48
C VAL B 76 -34.43 15.24 18.75
N TYR B 77 -33.46 15.06 19.65
CA TYR B 77 -33.49 15.77 20.93
C TYR B 77 -33.49 17.28 20.73
N GLU B 78 -32.71 17.78 19.76
CA GLU B 78 -32.57 19.22 19.59
C GLU B 78 -33.68 19.82 18.75
N TYR B 79 -34.08 19.12 17.69
CA TYR B 79 -35.01 19.65 16.70
C TYR B 79 -36.15 18.67 16.44
N LYS B 80 -36.76 18.19 17.53
CA LYS B 80 -37.92 17.33 17.39
C LYS B 80 -39.06 18.05 16.68
N ASP B 81 -39.41 19.25 17.15
CA ASP B 81 -40.54 19.98 16.59
C ASP B 81 -40.37 20.19 15.09
N ALA B 82 -39.16 20.57 14.65
CA ALA B 82 -38.92 20.73 13.23
C ALA B 82 -39.10 19.42 12.47
N LEU B 83 -38.56 18.33 13.02
CA LEU B 83 -38.74 17.02 12.42
C LEU B 83 -40.22 16.66 12.34
N GLN B 84 -41.00 17.04 13.36
CA GLN B 84 -42.43 16.76 13.36
C GLN B 84 -43.10 17.39 12.14
N LYS B 85 -42.94 18.71 11.98
CA LYS B 85 -43.60 19.39 10.87
C LYS B 85 -43.15 18.84 9.52
N SER B 86 -41.89 18.42 9.40
CA SER B 86 -41.39 17.88 8.15
C SER B 86 -42.05 16.54 7.78
N GLY B 87 -42.78 15.93 8.71
CA GLY B 87 -43.36 14.62 8.46
C GLY B 87 -42.37 13.49 8.41
N GLN B 88 -41.09 13.75 8.68
CA GLN B 88 -40.05 12.74 8.61
C GLN B 88 -39.65 12.20 9.98
N LEU B 89 -40.20 12.75 11.07
CA LEU B 89 -39.83 12.30 12.40
C LEU B 89 -40.08 10.82 12.58
N GLY B 90 -41.23 10.33 12.07
CA GLY B 90 -41.53 8.92 12.21
C GLY B 90 -40.47 8.03 11.60
N TYR B 91 -40.03 8.37 10.39
CA TYR B 91 -39.01 7.56 9.72
C TYR B 91 -37.70 7.57 10.49
N LEU B 92 -37.35 8.71 11.09
CA LEU B 92 -36.08 8.81 11.81
C LEU B 92 -36.11 8.01 13.10
N MET B 93 -37.19 8.14 13.88
CA MET B 93 -37.33 7.33 15.09
C MET B 93 -37.25 5.84 14.75
N ASP B 94 -37.90 5.42 13.67
CA ASP B 94 -37.88 4.01 13.28
C ASP B 94 -36.45 3.54 13.02
N GLN B 95 -35.62 4.41 12.43
CA GLN B 95 -34.24 4.01 12.12
C GLN B 95 -33.39 3.95 13.38
N ILE B 96 -33.58 4.91 14.29
CA ILE B 96 -32.86 4.87 15.57
C ILE B 96 -33.12 3.55 16.27
N LYS B 97 -34.40 3.16 16.34
CA LYS B 97 -34.75 1.91 17.00
C LYS B 97 -34.22 0.70 16.23
N TRP B 98 -34.05 0.82 14.92
CA TRP B 98 -33.50 -0.28 14.15
C TRP B 98 -32.07 -0.59 14.58
N ALA B 99 -31.27 0.45 14.83
CA ALA B 99 -29.90 0.24 15.28
C ALA B 99 -29.85 -0.17 16.74
N SER B 100 -30.72 0.41 17.58
CA SER B 100 -30.67 0.12 19.00
C SER B 100 -31.12 -1.30 19.30
N ASP B 101 -32.19 -1.76 18.64
CA ASP B 101 -32.61 -3.15 18.80
C ASP B 101 -31.47 -4.11 18.46
N TYR B 102 -30.67 -3.77 17.45
CA TYR B 102 -29.54 -4.62 17.07
C TYR B 102 -28.46 -4.61 18.15
N PHE B 103 -28.12 -3.43 18.67
CA PHE B 103 -27.14 -3.36 19.74
C PHE B 103 -27.59 -4.20 20.94
N ILE B 104 -28.87 -4.12 21.29
CA ILE B 104 -29.38 -4.90 22.41
C ILE B 104 -29.18 -6.38 22.15
N ARG B 105 -29.46 -6.83 20.92
CA ARG B 105 -29.23 -8.24 20.58
C ARG B 105 -27.75 -8.58 20.66
N CYS B 106 -26.86 -7.60 20.45
CA CYS B 106 -25.43 -7.81 20.56
C CYS B 106 -24.94 -7.88 21.99
N HIS B 107 -25.81 -7.65 22.98
CA HIS B 107 -25.42 -7.57 24.39
C HIS B 107 -26.21 -8.59 25.20
N PRO B 108 -25.98 -9.89 24.94
CA PRO B 108 -26.75 -10.92 25.65
C PRO B 108 -26.36 -11.06 27.12
N GLU B 109 -25.14 -10.68 27.49
CA GLU B 109 -24.67 -10.77 28.86
C GLU B 109 -23.98 -9.47 29.21
N LYS B 110 -23.88 -9.19 30.52
CA LYS B 110 -23.39 -7.87 30.94
C LYS B 110 -22.00 -7.59 30.36
N TYR B 111 -21.08 -8.55 30.48
CA TYR B 111 -19.70 -8.37 30.05
C TYR B 111 -19.39 -9.21 28.81
N VAL B 112 -20.33 -9.25 27.87
CA VAL B 112 -20.13 -9.90 26.58
C VAL B 112 -20.86 -9.05 25.54
N TYR B 113 -20.11 -8.42 24.64
CA TYR B 113 -20.68 -7.55 23.62
C TYR B 113 -20.12 -7.93 22.27
N TYR B 114 -21.02 -8.24 21.32
CA TYR B 114 -20.62 -8.48 19.93
C TYR B 114 -20.55 -7.14 19.21
N TYR B 115 -19.37 -6.83 18.67
CA TYR B 115 -19.08 -5.50 18.13
C TYR B 115 -18.89 -5.49 16.63
N GLN B 116 -19.08 -6.63 15.96
CA GLN B 116 -18.90 -6.66 14.52
C GLN B 116 -19.46 -7.97 13.97
N VAL B 117 -20.18 -7.88 12.87
CA VAL B 117 -20.59 -9.04 12.09
C VAL B 117 -20.00 -8.89 10.71
N GLY B 118 -19.18 -9.86 10.31
CA GLY B 118 -18.56 -9.85 9.00
C GLY B 118 -17.08 -9.49 9.09
N ASN B 119 -16.27 -10.14 8.26
CA ASN B 119 -14.84 -9.87 8.17
C ASN B 119 -14.58 -8.81 7.12
N GLY B 120 -13.87 -7.75 7.50
CA GLY B 120 -13.70 -6.61 6.61
C GLY B 120 -12.99 -6.98 5.32
N ASP B 121 -11.84 -7.64 5.42
CA ASP B 121 -11.09 -7.98 4.22
C ASP B 121 -11.91 -8.86 3.29
N MET B 122 -12.59 -9.87 3.85
CA MET B 122 -13.31 -10.82 3.02
C MET B 122 -14.56 -10.18 2.41
N ASP B 123 -15.30 -9.40 3.20
CA ASP B 123 -16.51 -8.76 2.68
C ASP B 123 -16.18 -7.82 1.53
N HIS B 124 -15.07 -7.10 1.62
CA HIS B 124 -14.68 -6.15 0.59
C HIS B 124 -14.17 -6.82 -0.68
N ARG B 125 -13.88 -8.12 -0.63
CA ARG B 125 -13.47 -8.83 -1.83
C ARG B 125 -14.60 -9.02 -2.82
N TRP B 126 -15.85 -8.90 -2.37
CA TRP B 126 -17.02 -9.23 -3.19
C TRP B 126 -17.78 -7.96 -3.53
N TRP B 127 -17.87 -7.66 -4.83
CA TRP B 127 -18.68 -6.54 -5.30
C TRP B 127 -20.03 -7.12 -5.74
N VAL B 128 -20.84 -7.44 -4.74
CA VAL B 128 -22.16 -8.05 -4.97
C VAL B 128 -23.19 -7.36 -4.10
N PRO B 129 -24.46 -7.46 -4.46
CA PRO B 129 -25.51 -6.79 -3.67
C PRO B 129 -25.67 -7.43 -2.30
N ALA B 130 -26.28 -6.67 -1.39
CA ALA B 130 -26.52 -7.15 -0.03
C ALA B 130 -27.29 -8.45 -0.03
N GLU B 131 -28.23 -8.61 -0.96
CA GLU B 131 -29.09 -9.77 -0.97
C GLU B 131 -28.36 -11.05 -1.40
N CYS B 132 -27.10 -10.93 -1.85
CA CYS B 132 -26.33 -12.09 -2.27
C CYS B 132 -25.04 -12.29 -1.48
N ILE B 133 -24.60 -11.29 -0.72
CA ILE B 133 -23.26 -11.34 -0.13
C ILE B 133 -23.14 -12.48 0.87
N ASP B 134 -24.15 -12.66 1.73
CA ASP B 134 -24.07 -13.71 2.75
C ASP B 134 -23.93 -15.10 2.15
N VAL B 135 -24.18 -15.25 0.85
CA VAL B 135 -23.99 -16.53 0.18
C VAL B 135 -22.55 -16.74 -0.29
N GLN B 136 -21.76 -15.67 -0.39
CA GLN B 136 -20.45 -15.74 -1.05
C GLN B 136 -19.32 -16.10 -0.10
N ALA B 137 -19.41 -15.72 1.17
CA ALA B 137 -18.33 -15.94 2.11
C ALA B 137 -18.90 -15.86 3.52
N PRO B 138 -18.33 -16.60 4.48
CA PRO B 138 -18.87 -16.58 5.84
C PRO B 138 -18.82 -15.18 6.44
N ARG B 139 -19.70 -14.96 7.41
CA ARG B 139 -19.83 -13.68 8.12
C ARG B 139 -19.64 -13.93 9.61
N PRO B 140 -18.39 -13.92 10.10
CA PRO B 140 -18.16 -14.27 11.50
C PRO B 140 -18.59 -13.16 12.46
N SER B 141 -18.93 -13.57 13.67
CA SER B 141 -19.32 -12.67 14.74
C SER B 141 -18.14 -12.47 15.69
N TYR B 142 -17.81 -11.20 15.96
CA TYR B 142 -16.71 -10.85 16.82
C TYR B 142 -17.24 -10.19 18.09
N LYS B 143 -16.65 -10.53 19.23
CA LYS B 143 -17.15 -10.06 20.51
C LYS B 143 -15.99 -9.67 21.43
N VAL B 144 -16.32 -8.84 22.42
CA VAL B 144 -15.40 -8.48 23.48
C VAL B 144 -15.96 -9.04 24.79
N ASP B 145 -15.05 -9.32 25.72
CA ASP B 145 -15.41 -9.83 27.03
C ASP B 145 -14.35 -9.35 28.02
N LEU B 146 -14.49 -9.76 29.28
CA LEU B 146 -13.51 -9.39 30.29
C LEU B 146 -12.11 -9.90 29.94
N SER B 147 -12.02 -10.95 29.13
CA SER B 147 -10.73 -11.46 28.67
C SER B 147 -10.28 -10.80 27.37
N ASN B 148 -11.20 -10.25 26.58
CA ASN B 148 -10.88 -9.55 25.34
C ASN B 148 -11.65 -8.24 25.34
N PRO B 149 -11.20 -7.25 26.11
CA PRO B 149 -12.02 -6.07 26.35
C PRO B 149 -12.01 -5.09 25.18
N GLY B 150 -13.04 -4.25 25.15
CA GLY B 150 -13.19 -3.23 24.14
C GLY B 150 -13.91 -2.01 24.68
N SER B 151 -13.17 -1.16 25.41
CA SER B 151 -13.80 -0.04 26.10
C SER B 151 -14.41 0.96 25.11
N THR B 152 -13.71 1.22 24.00
CA THR B 152 -14.18 2.26 23.08
C THR B 152 -15.55 1.91 22.51
N VAL B 153 -15.72 0.67 22.03
CA VAL B 153 -16.96 0.34 21.32
C VAL B 153 -18.10 0.06 22.30
N THR B 154 -17.80 -0.47 23.49
CA THR B 154 -18.87 -0.68 24.47
C THR B 154 -19.32 0.65 25.08
N ALA B 155 -18.40 1.58 25.30
CA ALA B 155 -18.78 2.92 25.73
C ALA B 155 -19.55 3.64 24.64
N GLY B 156 -19.10 3.52 23.39
CA GLY B 156 -19.82 4.12 22.28
C GLY B 156 -21.24 3.59 22.15
N THR B 157 -21.40 2.27 22.30
CA THR B 157 -22.72 1.68 22.21
C THR B 157 -23.59 2.09 23.39
N ALA B 158 -22.99 2.34 24.56
CA ALA B 158 -23.76 2.80 25.70
C ALA B 158 -24.35 4.18 25.45
N ALA B 159 -23.57 5.07 24.80
CA ALA B 159 -24.10 6.38 24.45
C ALA B 159 -25.28 6.27 23.51
N ALA B 160 -25.17 5.40 22.50
CA ALA B 160 -26.27 5.23 21.55
C ALA B 160 -27.55 4.79 22.24
N LEU B 161 -27.46 3.83 23.16
CA LEU B 161 -28.66 3.35 23.83
C LEU B 161 -29.21 4.38 24.81
N ALA B 162 -28.32 5.14 25.47
CA ALA B 162 -28.78 6.20 26.36
C ALA B 162 -29.51 7.28 25.57
N ALA B 163 -28.93 7.69 24.44
CA ALA B 163 -29.60 8.69 23.60
C ALA B 163 -30.92 8.15 23.05
N THR B 164 -30.97 6.86 22.72
CA THR B 164 -32.21 6.27 22.24
C THR B 164 -33.29 6.32 23.32
N ALA B 165 -32.94 5.89 24.53
CA ALA B 165 -33.90 5.95 25.64
C ALA B 165 -34.38 7.38 25.89
N LEU B 166 -33.50 8.36 25.67
CA LEU B 166 -33.86 9.75 25.91
C LEU B 166 -35.01 10.19 25.00
N VAL B 167 -34.90 9.88 23.70
CA VAL B 167 -35.90 10.34 22.73
C VAL B 167 -37.12 9.44 22.66
N PHE B 168 -37.06 8.24 23.24
CA PHE B 168 -38.17 7.29 23.21
C PHE B 168 -38.96 7.25 24.51
N LYS B 169 -38.54 8.00 25.54
CA LYS B 169 -39.18 7.87 26.85
C LYS B 169 -40.65 8.24 26.80
N ASP B 170 -41.04 9.16 25.92
CA ASP B 170 -42.41 9.64 25.90
C ASP B 170 -43.36 8.67 25.21
N THR B 171 -42.91 7.96 24.17
CA THR B 171 -43.78 7.11 23.37
C THR B 171 -43.69 5.63 23.75
N ASP B 172 -42.52 5.14 24.12
CA ASP B 172 -42.33 3.74 24.50
C ASP B 172 -41.48 3.70 25.76
N PRO B 173 -42.06 4.05 26.91
CA PRO B 173 -41.25 4.11 28.14
C PRO B 173 -40.63 2.78 28.53
N ALA B 174 -41.35 1.67 28.32
CA ALA B 174 -40.77 0.35 28.57
C ALA B 174 -39.49 0.16 27.76
N TYR B 175 -39.51 0.55 26.49
CA TYR B 175 -38.33 0.39 25.65
C TYR B 175 -37.20 1.29 26.12
N ALA B 176 -37.53 2.50 26.60
CA ALA B 176 -36.50 3.38 27.13
C ALA B 176 -35.80 2.74 28.32
N ALA B 177 -36.57 2.19 29.26
CA ALA B 177 -35.97 1.52 30.42
C ALA B 177 -35.04 0.41 29.97
N LEU B 178 -35.45 -0.38 28.97
CA LEU B 178 -34.60 -1.45 28.48
C LEU B 178 -33.29 -0.91 27.94
N CYS B 179 -33.34 0.18 27.17
CA CYS B 179 -32.12 0.75 26.61
C CYS B 179 -31.21 1.32 27.69
N ILE B 180 -31.80 1.93 28.72
CA ILE B 180 -31.00 2.50 29.81
C ILE B 180 -30.26 1.38 30.55
N ARG B 181 -30.97 0.29 30.84
CA ARG B 181 -30.34 -0.82 31.56
C ARG B 181 -29.15 -1.36 30.79
N HIS B 182 -29.31 -1.57 29.49
CA HIS B 182 -28.18 -2.01 28.67
C HIS B 182 -27.09 -0.95 28.60
N ALA B 183 -27.49 0.34 28.65
CA ALA B 183 -26.50 1.41 28.55
C ALA B 183 -25.62 1.46 29.79
N LYS B 184 -26.23 1.42 30.98
CA LYS B 184 -25.45 1.41 32.21
C LYS B 184 -24.53 0.20 32.29
N GLU B 185 -24.97 -0.95 31.77
CA GLU B 185 -24.17 -2.15 31.84
C GLU B 185 -22.94 -2.06 30.94
N LEU B 186 -23.12 -1.57 29.71
CA LEU B 186 -21.99 -1.44 28.79
C LEU B 186 -21.00 -0.40 29.31
N PHE B 187 -21.50 0.70 29.88
CA PHE B 187 -20.61 1.68 30.49
C PHE B 187 -19.76 1.03 31.57
N ASP B 188 -20.38 0.29 32.49
CA ASP B 188 -19.63 -0.42 33.52
C ASP B 188 -18.66 -1.41 32.89
N PHE B 189 -19.07 -2.08 31.81
CA PHE B 189 -18.16 -2.96 31.09
C PHE B 189 -16.92 -2.20 30.61
N ALA B 190 -17.13 -1.06 29.94
CA ALA B 190 -16.00 -0.30 29.43
C ALA B 190 -15.14 0.25 30.56
N GLU B 191 -15.78 0.89 31.55
CA GLU B 191 -15.02 1.53 32.62
C GLU B 191 -14.22 0.52 33.43
N THR B 192 -14.73 -0.69 33.59
CA THR B 192 -14.04 -1.69 34.41
C THR B 192 -12.81 -2.25 33.72
N THR B 193 -12.85 -2.40 32.39
CA THR B 193 -11.78 -3.07 31.68
C THR B 193 -10.65 -2.12 31.28
N MET B 194 -10.99 -0.91 30.82
CA MET B 194 -10.00 0.08 30.40
C MET B 194 -8.97 -0.55 29.45
N SER B 195 -9.47 -1.06 28.33
CA SER B 195 -8.59 -1.71 27.37
C SER B 195 -9.37 -2.00 26.10
N ASP B 196 -8.70 -1.83 24.95
CA ASP B 196 -9.22 -2.22 23.64
C ASP B 196 -8.47 -3.43 23.10
N LYS B 197 -7.80 -4.19 23.96
CA LYS B 197 -6.98 -5.30 23.50
C LYS B 197 -7.77 -6.36 22.78
N GLY B 198 -9.10 -6.38 22.94
CA GLY B 198 -9.93 -7.35 22.26
C GLY B 198 -10.65 -6.77 21.06
N TYR B 199 -10.58 -5.45 20.90
CA TYR B 199 -11.21 -4.75 19.77
C TYR B 199 -10.27 -4.81 18.58
N THR B 200 -10.26 -5.97 17.92
CA THR B 200 -9.29 -6.28 16.88
C THR B 200 -9.88 -6.41 15.48
N ALA B 201 -11.15 -6.81 15.36
CA ALA B 201 -11.72 -7.06 14.05
C ALA B 201 -11.85 -5.81 13.20
N ALA B 202 -11.83 -4.62 13.81
CA ALA B 202 -11.97 -3.37 13.09
C ALA B 202 -10.63 -2.76 12.71
N LEU B 203 -9.52 -3.48 12.91
CA LEU B 203 -8.22 -2.99 12.52
C LEU B 203 -8.22 -2.60 11.04
N ASN B 204 -7.64 -1.44 10.74
CA ASN B 204 -7.51 -0.87 9.41
C ASN B 204 -8.84 -0.35 8.85
N PHE B 205 -9.94 -0.44 9.60
CA PHE B 205 -11.22 0.08 9.15
C PHE B 205 -11.76 1.11 10.13
N TYR B 206 -11.94 0.75 11.40
CA TYR B 206 -12.47 1.66 12.41
C TYR B 206 -11.68 1.51 13.69
N THR B 207 -10.36 1.44 13.57
CA THR B 207 -9.45 1.59 14.69
C THR B 207 -9.25 3.07 14.98
N SER B 208 -9.31 3.44 16.25
CA SER B 208 -9.39 4.85 16.63
C SER B 208 -8.02 5.48 16.93
N HIS B 209 -7.56 5.34 18.17
CA HIS B 209 -6.29 5.86 18.69
C HIS B 209 -6.48 7.15 19.51
N SER B 210 -7.66 7.77 19.47
CA SER B 210 -7.87 8.95 20.29
C SER B 210 -8.13 8.59 21.75
N GLY B 211 -8.67 7.41 22.02
CA GLY B 211 -8.85 6.93 23.38
C GLY B 211 -10.30 6.76 23.77
N TRP B 212 -10.57 5.81 24.66
CA TRP B 212 -11.94 5.52 25.09
C TRP B 212 -12.44 6.49 26.14
N TYR B 213 -11.58 7.36 26.67
CA TYR B 213 -12.00 8.21 27.79
C TYR B 213 -12.97 9.30 27.35
N ASP B 214 -12.89 9.77 26.11
CA ASP B 214 -13.90 10.68 25.62
C ASP B 214 -15.20 9.95 25.30
N GLU B 215 -15.12 8.67 24.93
CA GLU B 215 -16.34 7.88 24.78
C GLU B 215 -17.06 7.71 26.11
N LEU B 216 -16.31 7.59 27.20
CA LEU B 216 -16.93 7.47 28.52
C LEU B 216 -17.65 8.75 28.90
N SER B 217 -17.03 9.90 28.65
CA SER B 217 -17.71 11.17 28.89
C SER B 217 -18.91 11.31 27.96
N TRP B 218 -18.73 10.99 26.67
CA TRP B 218 -19.82 10.95 25.72
C TRP B 218 -20.98 10.13 26.25
N ALA B 219 -20.71 8.87 26.63
CA ALA B 219 -21.79 7.99 27.08
C ALA B 219 -22.33 8.42 28.44
N GLY B 220 -21.45 8.81 29.36
CA GLY B 220 -21.92 9.22 30.68
C GLY B 220 -22.84 10.41 30.63
N ALA B 221 -22.56 11.36 29.73
CA ALA B 221 -23.41 12.53 29.61
C ALA B 221 -24.80 12.16 29.07
N TRP B 222 -24.86 11.25 28.09
CA TRP B 222 -26.14 10.82 27.57
C TRP B 222 -26.93 10.04 28.62
N ILE B 223 -26.25 9.22 29.43
CA ILE B 223 -26.95 8.46 30.46
C ILE B 223 -27.58 9.40 31.48
N TYR B 224 -26.91 10.52 31.77
CA TYR B 224 -27.49 11.48 32.70
C TYR B 224 -28.69 12.19 32.10
N LEU B 225 -28.58 12.61 30.82
CA LEU B 225 -29.70 13.28 30.16
C LEU B 225 -30.92 12.36 30.07
N ALA B 226 -30.69 11.05 29.93
CA ALA B 226 -31.79 10.11 29.74
C ALA B 226 -32.30 9.52 31.05
N ASP B 227 -31.48 9.48 32.09
CA ASP B 227 -31.84 8.81 33.34
C ASP B 227 -31.68 9.67 34.58
N GLY B 228 -30.95 10.77 34.51
CA GLY B 228 -30.76 11.63 35.67
C GLY B 228 -29.82 11.10 36.72
N ASP B 229 -29.28 9.89 36.54
CA ASP B 229 -28.33 9.33 37.49
C ASP B 229 -27.08 10.22 37.55
N GLU B 230 -26.96 11.02 38.61
CA GLU B 230 -25.85 11.95 38.73
C GLU B 230 -24.50 11.22 38.75
N THR B 231 -24.49 9.95 39.13
CA THR B 231 -23.23 9.20 39.16
C THR B 231 -22.56 9.20 37.80
N TYR B 232 -23.35 9.15 36.72
CA TYR B 232 -22.78 9.10 35.38
C TYR B 232 -22.42 10.48 34.84
N LEU B 233 -23.00 11.55 35.39
CA LEU B 233 -22.48 12.89 35.11
C LEU B 233 -21.13 13.08 35.79
N GLU B 234 -21.01 12.63 37.04
CA GLU B 234 -19.72 12.70 37.73
C GLU B 234 -18.65 11.96 36.96
N LYS B 235 -18.96 10.73 36.49
CA LYS B 235 -17.97 9.96 35.76
C LYS B 235 -17.59 10.62 34.44
N ALA B 236 -18.54 11.32 33.81
CA ALA B 236 -18.23 11.98 32.54
C ALA B 236 -17.20 13.09 32.74
N GLU B 237 -17.40 13.94 33.75
CA GLU B 237 -16.46 15.00 34.04
C GLU B 237 -15.15 14.45 34.60
N LYS B 238 -15.17 13.23 35.14
CA LYS B 238 -13.96 12.65 35.74
C LYS B 238 -12.89 12.40 34.68
N TYR B 239 -13.28 11.93 33.50
CA TYR B 239 -12.33 11.52 32.48
C TYR B 239 -12.02 12.63 31.47
N VAL B 240 -12.36 13.88 31.78
CA VAL B 240 -12.10 14.97 30.86
C VAL B 240 -10.59 15.16 30.65
N ASP B 241 -9.80 14.94 31.70
CA ASP B 241 -8.37 15.16 31.59
C ASP B 241 -7.67 14.13 30.72
N LYS B 242 -8.34 13.04 30.36
CA LYS B 242 -7.80 12.03 29.47
C LYS B 242 -8.31 12.18 28.03
N TRP B 243 -9.03 13.26 27.75
CA TRP B 243 -9.46 13.54 26.38
C TRP B 243 -8.25 13.85 25.51
N PRO B 244 -8.42 13.89 24.20
CA PRO B 244 -7.32 14.30 23.33
C PRO B 244 -6.84 15.71 23.66
N ILE B 245 -5.53 15.90 23.60
CA ILE B 245 -4.90 17.17 23.92
C ILE B 245 -4.36 17.79 22.62
N GLU B 246 -4.57 19.09 22.46
CA GLU B 246 -3.96 19.79 21.33
C GLU B 246 -2.45 19.65 21.40
N SER B 247 -1.84 19.23 20.29
CA SER B 247 -0.42 18.90 20.31
C SER B 247 0.42 20.09 20.75
N GLN B 248 1.44 19.81 21.57
CA GLN B 248 2.38 20.79 22.08
C GLN B 248 1.74 21.79 23.03
N THR B 249 0.56 21.47 23.59
CA THR B 249 -0.11 22.36 24.53
C THR B 249 -0.74 21.53 25.64
N THR B 250 -1.45 22.22 26.54
CA THR B 250 -2.28 21.58 27.54
C THR B 250 -3.77 21.85 27.30
N TYR B 251 -4.11 22.47 26.17
CA TYR B 251 -5.52 22.65 25.81
C TYR B 251 -6.14 21.30 25.45
N ILE B 252 -7.43 21.18 25.72
CA ILE B 252 -8.20 20.11 25.10
C ILE B 252 -8.22 20.34 23.60
N ALA B 253 -8.03 19.27 22.83
CA ALA B 253 -7.87 19.40 21.39
C ALA B 253 -9.04 20.17 20.77
N TYR B 254 -8.74 20.95 19.74
CA TYR B 254 -9.77 21.75 19.07
C TYR B 254 -9.64 21.79 17.55
N SER B 255 -8.54 21.33 16.97
CA SER B 255 -8.26 21.52 15.54
C SER B 255 -8.69 20.33 14.69
N TRP B 256 -9.44 19.38 15.25
CA TRP B 256 -10.08 18.32 14.49
C TRP B 256 -11.60 18.57 14.52
N GLY B 257 -12.39 17.51 14.51
CA GLY B 257 -13.83 17.65 14.54
C GLY B 257 -14.50 16.44 15.12
N HIS B 258 -15.75 16.63 15.54
CA HIS B 258 -16.57 15.53 16.03
C HIS B 258 -16.78 14.50 14.93
N CYS B 259 -16.50 13.25 15.24
CA CYS B 259 -16.63 12.14 14.28
C CYS B 259 -16.57 10.84 15.07
N TRP B 260 -16.72 9.73 14.34
CA TRP B 260 -16.74 8.42 15.00
C TRP B 260 -15.47 8.19 15.81
N ASP B 261 -14.34 8.71 15.34
CA ASP B 261 -13.06 8.46 16.02
C ASP B 261 -12.85 9.39 17.21
N ASP B 262 -13.43 10.58 17.20
CA ASP B 262 -13.19 11.58 18.23
C ASP B 262 -14.54 12.22 18.60
N VAL B 263 -15.08 11.85 19.76
CA VAL B 263 -16.37 12.34 20.22
C VAL B 263 -16.24 13.32 21.38
N HIS B 264 -15.01 13.74 21.72
CA HIS B 264 -14.86 14.68 22.83
C HIS B 264 -15.38 16.07 22.46
N TYR B 265 -15.45 16.40 21.17
CA TYR B 265 -16.02 17.67 20.77
C TYR B 265 -17.49 17.76 21.16
N GLY B 266 -18.27 16.74 20.78
CA GLY B 266 -19.67 16.71 21.17
C GLY B 266 -19.85 16.55 22.66
N ALA B 267 -18.99 15.75 23.30
CA ALA B 267 -19.07 15.58 24.74
C ALA B 267 -18.96 16.92 25.45
N ALA B 268 -18.05 17.78 25.01
CA ALA B 268 -17.89 19.08 25.64
C ALA B 268 -19.14 19.94 25.44
N LEU B 269 -19.77 19.84 24.28
CA LEU B 269 -20.98 20.62 24.01
C LEU B 269 -22.11 20.21 24.95
N LEU B 270 -22.32 18.90 25.10
CA LEU B 270 -23.38 18.43 25.99
C LEU B 270 -23.06 18.77 27.45
N LEU B 271 -21.81 18.61 27.86
CA LEU B 271 -21.45 18.89 29.24
C LEU B 271 -21.53 20.38 29.56
N ALA B 272 -21.24 21.24 28.58
CA ALA B 272 -21.39 22.68 28.81
C ALA B 272 -22.85 23.05 29.02
N LYS B 273 -23.77 22.44 28.28
CA LYS B 273 -25.19 22.73 28.47
C LYS B 273 -25.70 22.15 29.78
N ILE B 274 -25.17 21.01 30.21
CA ILE B 274 -25.60 20.41 31.47
C ILE B 274 -25.14 21.24 32.65
N THR B 275 -23.86 21.62 32.65
CA THR B 275 -23.24 22.26 33.81
C THR B 275 -23.06 23.76 33.66
N ASN B 276 -22.94 24.25 32.43
CA ASN B 276 -22.62 25.66 32.16
C ASN B 276 -21.24 26.04 32.68
N LYS B 277 -20.39 25.06 32.93
CA LYS B 277 -19.01 25.34 33.33
C LYS B 277 -18.23 25.92 32.15
N SER B 278 -17.32 26.83 32.46
CA SER B 278 -16.56 27.50 31.42
C SER B 278 -15.48 26.63 30.80
N LEU B 279 -15.01 25.60 31.50
CA LEU B 279 -14.06 24.67 30.90
C LEU B 279 -14.62 24.10 29.60
N TYR B 280 -15.88 23.65 29.65
CA TYR B 280 -16.48 23.04 28.46
C TYR B 280 -16.88 24.10 27.44
N LYS B 281 -17.40 25.25 27.91
CA LYS B 281 -17.72 26.33 27.00
C LYS B 281 -16.47 26.81 26.27
N GLU B 282 -15.34 26.87 26.98
CA GLU B 282 -14.09 27.29 26.33
C GLU B 282 -13.68 26.30 25.25
N ALA B 283 -13.77 25.01 25.54
CA ALA B 283 -13.26 24.01 24.60
C ALA B 283 -14.03 24.02 23.29
N ILE B 284 -15.37 24.11 23.35
CA ILE B 284 -16.16 24.08 22.12
C ILE B 284 -16.02 25.41 21.37
N GLU B 285 -15.98 26.53 22.10
CA GLU B 285 -15.78 27.82 21.44
C GLU B 285 -14.40 27.89 20.80
N ARG B 286 -13.40 27.30 21.44
CA ARG B 286 -12.08 27.19 20.81
C ARG B 286 -12.16 26.38 19.53
N HIS B 287 -12.94 25.30 19.54
CA HIS B 287 -13.13 24.47 18.36
C HIS B 287 -13.87 25.23 17.26
N LEU B 288 -15.05 25.76 17.59
CA LEU B 288 -15.85 26.43 16.56
C LEU B 288 -15.20 27.74 16.11
N ASP B 289 -14.45 28.39 16.99
CA ASP B 289 -13.68 29.57 16.56
C ASP B 289 -12.59 29.16 15.58
N TYR B 290 -11.88 28.06 15.87
CA TYR B 290 -10.85 27.58 14.96
C TYR B 290 -11.43 27.25 13.59
N TRP B 291 -12.67 26.75 13.55
CA TRP B 291 -13.30 26.36 12.29
C TRP B 291 -13.93 27.52 11.54
N THR B 292 -13.96 28.71 12.12
CA THR B 292 -14.57 29.86 11.47
C THR B 292 -13.59 31.02 11.36
N VAL B 293 -13.44 31.80 12.44
CA VAL B 293 -12.61 32.99 12.41
C VAL B 293 -11.16 32.72 12.81
N GLY B 294 -10.84 31.52 13.27
CA GLY B 294 -9.50 31.19 13.68
C GLY B 294 -9.28 31.36 15.17
N PHE B 295 -8.29 30.62 15.69
CA PHE B 295 -7.91 30.70 17.09
C PHE B 295 -6.40 30.73 17.19
N ASN B 296 -5.88 31.68 17.97
CA ASN B 296 -4.43 31.85 18.14
C ASN B 296 -3.74 31.87 16.76
N GLY B 297 -4.31 32.63 15.84
CA GLY B 297 -3.73 32.75 14.52
C GLY B 297 -3.75 31.47 13.71
N GLN B 298 -4.57 30.50 14.09
CA GLN B 298 -4.70 29.24 13.37
C GLN B 298 -6.14 29.05 12.95
N ARG B 299 -6.33 28.40 11.80
CA ARG B 299 -7.65 28.26 11.21
C ARG B 299 -7.69 27.04 10.31
N VAL B 300 -8.82 26.34 10.33
CA VAL B 300 -9.00 25.18 9.47
C VAL B 300 -8.84 25.59 8.01
N ARG B 301 -8.40 24.65 7.19
CA ARG B 301 -8.24 24.90 5.77
C ARG B 301 -9.59 25.16 5.11
N TYR B 302 -9.58 26.01 4.10
CA TYR B 302 -10.79 26.38 3.36
C TYR B 302 -10.53 26.31 1.87
N THR B 303 -11.51 25.80 1.13
CA THR B 303 -11.48 25.86 -0.31
C THR B 303 -11.87 27.27 -0.78
N PRO B 304 -11.47 27.66 -1.98
CA PRO B 304 -11.91 28.98 -2.48
C PRO B 304 -13.42 29.16 -2.49
N LYS B 305 -14.18 28.08 -2.55
CA LYS B 305 -15.63 28.16 -2.61
C LYS B 305 -16.29 27.99 -1.25
N GLY B 306 -15.52 28.09 -0.17
CA GLY B 306 -16.08 28.21 1.16
C GLY B 306 -16.25 26.93 1.95
N LEU B 307 -15.74 25.80 1.46
CA LEU B 307 -15.85 24.54 2.18
C LEU B 307 -14.74 24.44 3.22
N ALA B 308 -15.11 24.26 4.48
CA ALA B 308 -14.15 23.97 5.54
C ALA B 308 -13.58 22.57 5.30
N HIS B 309 -12.29 22.49 4.98
CA HIS B 309 -11.68 21.28 4.46
C HIS B 309 -10.68 20.74 5.49
N LEU B 310 -11.18 19.89 6.39
CA LEU B 310 -10.32 19.34 7.44
C LEU B 310 -9.32 18.34 6.86
N THR B 311 -9.80 17.41 6.05
CA THR B 311 -8.96 16.37 5.47
C THR B 311 -9.66 15.87 4.21
N ASP B 312 -8.91 15.12 3.41
CA ASP B 312 -9.46 14.61 2.16
C ASP B 312 -10.40 13.42 2.36
N TRP B 313 -10.34 12.77 3.54
CA TRP B 313 -11.14 11.58 3.80
C TRP B 313 -12.43 11.99 4.47
N GLY B 314 -13.55 11.79 3.77
CA GLY B 314 -14.85 12.14 4.30
C GLY B 314 -14.95 13.60 4.65
N VAL B 315 -14.53 14.46 3.71
CA VAL B 315 -14.45 15.89 4.01
C VAL B 315 -15.83 16.46 4.28
N LEU B 316 -16.83 16.03 3.51
CA LEU B 316 -18.18 16.56 3.72
C LEU B 316 -18.78 16.05 5.02
N ARG B 317 -18.42 14.82 5.42
CA ARG B 317 -18.81 14.32 6.74
C ARG B 317 -18.31 15.25 7.85
N HIS B 318 -17.05 15.67 7.76
CA HIS B 318 -16.47 16.50 8.81
C HIS B 318 -17.09 17.90 8.83
N ALA B 319 -17.32 18.48 7.65
CA ALA B 319 -17.88 19.83 7.60
C ALA B 319 -19.31 19.85 8.12
N THR B 320 -20.17 18.97 7.61
CA THR B 320 -21.56 18.97 8.04
C THR B 320 -21.70 18.61 9.52
N THR B 321 -20.87 17.69 10.01
CA THR B 321 -20.94 17.32 11.42
C THR B 321 -20.53 18.49 12.31
N THR B 322 -19.39 19.12 12.00
CA THR B 322 -19.00 20.32 12.73
C THR B 322 -20.05 21.42 12.58
N ALA B 323 -20.65 21.51 11.39
CA ALA B 323 -21.70 22.50 11.18
C ALA B 323 -22.90 22.23 12.09
N PHE B 324 -23.23 20.95 12.30
CA PHE B 324 -24.33 20.61 13.20
C PHE B 324 -24.01 21.04 14.63
N LEU B 325 -22.78 20.78 15.09
CA LEU B 325 -22.39 21.25 16.41
C LEU B 325 -22.49 22.77 16.51
N ALA B 326 -22.26 23.47 15.39
CA ALA B 326 -22.42 24.92 15.39
C ALA B 326 -23.89 25.33 15.48
N CYS B 327 -24.79 24.51 14.94
CA CYS B 327 -26.21 24.79 15.08
C CYS B 327 -26.67 24.64 16.52
N VAL B 328 -26.28 23.55 17.17
CA VAL B 328 -26.75 23.28 18.53
C VAL B 328 -26.22 24.34 19.50
N TYR B 329 -24.93 24.68 19.40
CA TYR B 329 -24.36 25.65 20.32
C TYR B 329 -24.87 27.06 20.04
N SER B 330 -25.13 27.38 18.76
CA SER B 330 -25.67 28.70 18.44
C SER B 330 -27.07 28.87 18.99
N ASP B 331 -27.83 27.78 19.10
CA ASP B 331 -29.17 27.86 19.69
C ASP B 331 -29.14 27.97 21.21
N TRP B 332 -28.01 27.63 21.84
CA TRP B 332 -27.93 27.69 23.30
C TRP B 332 -27.94 29.14 23.77
N SER B 333 -28.60 29.38 24.90
CA SER B 333 -28.80 30.75 25.38
C SER B 333 -27.53 31.34 25.97
N GLU B 334 -26.62 30.52 26.48
CA GLU B 334 -25.39 31.02 27.07
C GLU B 334 -24.29 31.28 26.05
N CYS B 335 -24.56 31.02 24.77
CA CYS B 335 -23.58 31.29 23.73
C CYS B 335 -23.51 32.80 23.47
N PRO B 336 -22.31 33.39 23.43
CA PRO B 336 -22.22 34.82 23.10
C PRO B 336 -22.97 35.14 21.81
N ARG B 337 -23.72 36.23 21.84
CA ARG B 337 -24.58 36.57 20.70
C ARG B 337 -23.77 36.75 19.42
N GLU B 338 -22.65 37.45 19.49
CA GLU B 338 -21.87 37.69 18.28
C GLU B 338 -21.34 36.38 17.70
N LYS B 339 -20.79 35.51 18.55
CA LYS B 339 -20.31 34.22 18.07
C LYS B 339 -21.44 33.36 17.55
N ALA B 340 -22.65 33.52 18.10
CA ALA B 340 -23.79 32.74 17.64
C ALA B 340 -24.06 33.00 16.16
N ASN B 341 -24.08 34.28 15.76
CA ASN B 341 -24.32 34.62 14.37
C ASN B 341 -23.23 34.05 13.47
N ILE B 342 -21.97 34.09 13.94
CA ILE B 342 -20.89 33.52 13.15
C ILE B 342 -21.07 32.02 12.98
N TYR B 343 -21.44 31.33 14.06
CA TYR B 343 -21.60 29.88 13.98
C TYR B 343 -22.74 29.49 13.05
N ILE B 344 -23.87 30.19 13.13
CA ILE B 344 -25.05 29.79 12.37
C ILE B 344 -24.86 30.15 10.90
N ASP B 345 -24.21 31.28 10.61
CA ASP B 345 -23.89 31.60 9.23
C ASP B 345 -22.90 30.60 8.66
N PHE B 346 -21.93 30.16 9.47
CA PHE B 346 -21.04 29.08 9.07
C PHE B 346 -21.82 27.80 8.77
N ALA B 347 -22.84 27.51 9.59
CA ALA B 347 -23.61 26.29 9.41
C ALA B 347 -24.34 26.28 8.06
N LYS B 348 -24.97 27.39 7.70
CA LYS B 348 -25.65 27.44 6.41
C LYS B 348 -24.67 27.32 5.26
N LYS B 349 -23.52 27.98 5.36
CA LYS B 349 -22.54 27.93 4.28
C LYS B 349 -22.10 26.50 4.00
N GLN B 350 -21.84 25.73 5.05
CA GLN B 350 -21.44 24.33 4.85
C GLN B 350 -22.61 23.50 4.35
N ALA B 351 -23.81 23.73 4.88
CA ALA B 351 -24.99 23.03 4.37
C ALA B 351 -25.17 23.29 2.89
N ASP B 352 -25.15 24.57 2.49
CA ASP B 352 -25.37 24.91 1.09
C ASP B 352 -24.28 24.34 0.18
N TYR B 353 -23.07 24.15 0.70
CA TYR B 353 -22.02 23.56 -0.14
C TYR B 353 -22.34 22.10 -0.43
N ALA B 354 -22.86 21.37 0.55
CA ALA B 354 -23.25 19.99 0.31
C ALA B 354 -24.47 19.88 -0.59
N LEU B 355 -25.30 20.93 -0.64
CA LEU B 355 -26.53 20.89 -1.42
C LEU B 355 -26.37 21.45 -2.83
N GLY B 356 -25.31 22.21 -3.10
CA GLY B 356 -25.01 22.60 -4.47
C GLY B 356 -24.50 24.00 -4.68
N SER B 357 -23.95 24.64 -3.65
CA SER B 357 -23.51 26.02 -3.80
C SER B 357 -22.26 26.14 -4.68
N SER B 358 -21.46 25.08 -4.76
CA SER B 358 -20.27 25.12 -5.60
C SER B 358 -20.57 24.87 -7.07
N GLY B 359 -21.82 24.59 -7.42
CA GLY B 359 -22.21 24.30 -8.78
C GLY B 359 -22.84 22.94 -8.98
N ARG B 360 -22.75 22.04 -8.00
CA ARG B 360 -23.32 20.72 -8.12
C ARG B 360 -23.60 20.18 -6.72
N SER B 361 -24.68 19.43 -6.59
CA SER B 361 -24.98 18.76 -5.33
C SER B 361 -23.96 17.65 -5.07
N TYR B 362 -23.70 17.42 -3.78
CA TYR B 362 -22.94 16.26 -3.34
C TYR B 362 -23.82 15.28 -2.59
N VAL B 363 -25.14 15.37 -2.77
CA VAL B 363 -26.11 14.49 -2.14
C VAL B 363 -26.82 13.72 -3.25
N VAL B 364 -26.66 12.40 -3.26
CA VAL B 364 -27.23 11.57 -4.32
C VAL B 364 -28.72 11.82 -4.43
N GLY B 365 -29.22 11.84 -5.67
CA GLY B 365 -30.64 11.97 -5.92
C GLY B 365 -31.25 13.28 -5.52
N PHE B 366 -30.45 14.32 -5.32
CA PHE B 366 -30.93 15.62 -4.89
C PHE B 366 -30.20 16.72 -5.67
N GLY B 367 -30.95 17.73 -6.08
CA GLY B 367 -30.33 18.96 -6.56
C GLY B 367 -29.79 18.87 -7.98
N VAL B 368 -28.80 19.71 -8.24
CA VAL B 368 -28.25 19.87 -9.59
C VAL B 368 -27.06 18.94 -9.77
N ASN B 369 -27.07 18.20 -10.87
CA ASN B 369 -25.98 17.31 -11.29
C ASN B 369 -25.40 16.56 -10.08
N PRO B 370 -26.20 15.74 -9.40
CA PRO B 370 -25.71 15.04 -8.21
C PRO B 370 -24.84 13.85 -8.61
N PRO B 371 -24.09 13.29 -7.67
CA PRO B 371 -23.29 12.10 -7.97
C PRO B 371 -24.18 10.94 -8.39
N GLN B 372 -23.73 10.20 -9.40
CA GLN B 372 -24.51 9.11 -9.95
C GLN B 372 -23.83 7.75 -9.84
N HIS B 373 -22.61 7.70 -9.29
CA HIS B 373 -21.87 6.44 -9.19
C HIS B 373 -21.25 6.27 -7.81
N PRO B 374 -22.04 6.40 -6.75
CA PRO B 374 -21.47 6.24 -5.40
C PRO B 374 -20.87 4.85 -5.22
N HIS B 375 -19.76 4.80 -4.48
CA HIS B 375 -19.07 3.55 -4.17
C HIS B 375 -19.97 2.71 -3.26
N HIS B 376 -20.98 2.08 -3.87
CA HIS B 376 -22.01 1.36 -3.12
C HIS B 376 -22.43 0.13 -3.91
N ARG B 377 -22.25 -1.05 -3.31
CA ARG B 377 -22.47 -2.30 -4.03
C ARG B 377 -23.94 -2.51 -4.38
N THR B 378 -24.83 -2.29 -3.41
CA THR B 378 -26.23 -2.67 -3.60
C THR B 378 -26.95 -1.72 -4.54
N ALA B 379 -26.65 -0.42 -4.46
CA ALA B 379 -27.26 0.52 -5.39
C ALA B 379 -26.72 0.32 -6.80
N HIS B 380 -25.48 -0.15 -6.93
CA HIS B 380 -24.94 -0.49 -8.24
C HIS B 380 -25.53 -1.79 -8.76
N SER B 381 -25.50 -2.84 -7.93
CA SER B 381 -26.09 -4.13 -8.23
C SER B 381 -25.48 -4.74 -9.50
N SER B 382 -24.21 -5.09 -9.37
CA SER B 382 -23.52 -5.83 -10.42
C SER B 382 -23.99 -7.27 -10.45
N TRP B 383 -24.01 -7.86 -11.65
N TRP B 383 -24.01 -7.86 -11.65
CA TRP B 383 -24.35 -9.26 -11.84
CA TRP B 383 -24.35 -9.26 -11.84
C TRP B 383 -23.14 -10.12 -12.13
C TRP B 383 -23.14 -10.12 -12.17
N CYS B 384 -21.94 -9.54 -12.15
CA CYS B 384 -20.73 -10.30 -12.44
C CYS B 384 -19.57 -9.92 -11.52
N ASP B 385 -19.85 -9.40 -10.32
CA ASP B 385 -18.79 -9.11 -9.36
C ASP B 385 -17.78 -8.14 -9.95
N SER B 386 -18.28 -7.00 -10.44
CA SER B 386 -17.45 -5.98 -11.07
C SER B 386 -18.07 -4.61 -10.87
N GLN B 387 -17.21 -3.62 -10.60
CA GLN B 387 -17.65 -2.23 -10.49
C GLN B 387 -17.96 -1.60 -11.84
N LYS B 388 -17.53 -2.23 -12.93
CA LYS B 388 -17.73 -1.69 -14.27
C LYS B 388 -19.00 -2.20 -14.94
N VAL B 389 -19.68 -3.18 -14.33
CA VAL B 389 -20.84 -3.82 -14.95
C VAL B 389 -21.93 -3.99 -13.88
N PRO B 390 -23.08 -3.31 -14.01
CA PRO B 390 -23.50 -2.43 -15.12
C PRO B 390 -22.64 -1.18 -15.22
N GLU B 391 -22.89 -0.38 -16.26
CA GLU B 391 -22.20 0.88 -16.43
C GLU B 391 -22.87 2.02 -15.69
N TYR B 392 -24.14 1.87 -15.33
CA TYR B 392 -24.87 2.84 -14.54
C TYR B 392 -25.55 2.12 -13.39
N HIS B 393 -25.71 2.82 -12.28
CA HIS B 393 -26.32 2.21 -11.09
C HIS B 393 -27.76 1.85 -11.36
N ARG B 394 -28.15 0.62 -10.97
CA ARG B 394 -29.52 0.17 -11.17
C ARG B 394 -30.50 0.96 -10.30
N HIS B 395 -30.06 1.40 -9.12
CA HIS B 395 -30.94 2.05 -8.16
C HIS B 395 -30.28 3.33 -7.66
N VAL B 396 -31.12 4.27 -7.21
CA VAL B 396 -30.67 5.59 -6.79
C VAL B 396 -30.58 5.60 -5.26
N LEU B 397 -29.39 5.90 -4.75
CA LEU B 397 -29.15 5.94 -3.30
C LEU B 397 -29.50 7.33 -2.77
N TYR B 398 -30.80 7.61 -2.75
CA TYR B 398 -31.30 8.92 -2.37
C TYR B 398 -30.74 9.37 -1.02
N GLY B 399 -30.29 10.62 -0.97
CA GLY B 399 -29.89 11.25 0.27
C GLY B 399 -28.48 10.97 0.72
N ALA B 400 -27.71 10.19 -0.03
CA ALA B 400 -26.36 9.84 0.39
C ALA B 400 -25.42 11.01 0.15
N LEU B 401 -24.71 11.42 1.20
CA LEU B 401 -23.70 12.47 1.11
C LEU B 401 -22.35 11.81 0.80
N VAL B 402 -21.75 12.19 -0.32
CA VAL B 402 -20.52 11.54 -0.77
C VAL B 402 -19.33 12.11 -0.02
N GLY B 403 -18.17 11.48 -0.19
CA GLY B 403 -16.95 11.96 0.43
C GLY B 403 -16.73 13.43 0.22
N GLY B 404 -16.65 13.85 -1.05
CA GLY B 404 -16.59 15.25 -1.39
C GLY B 404 -15.36 15.59 -2.21
N PRO B 405 -15.19 16.88 -2.51
CA PRO B 405 -14.08 17.32 -3.36
C PRO B 405 -12.78 17.45 -2.57
N ASP B 406 -11.71 17.78 -3.29
CA ASP B 406 -10.42 17.99 -2.69
C ASP B 406 -10.33 19.46 -2.23
N ALA B 407 -9.13 19.90 -1.84
CA ALA B 407 -9.00 21.24 -1.28
C ALA B 407 -9.19 22.34 -2.31
N SER B 408 -9.15 22.01 -3.60
CA SER B 408 -9.36 22.99 -4.66
C SER B 408 -10.75 22.87 -5.29
N ASP B 409 -11.70 22.26 -4.60
CA ASP B 409 -13.08 22.10 -5.02
C ASP B 409 -13.23 21.14 -6.20
N ALA B 410 -12.20 20.38 -6.53
CA ALA B 410 -12.24 19.46 -7.66
C ALA B 410 -12.84 18.12 -7.27
N TYR B 411 -13.71 17.60 -8.14
CA TYR B 411 -14.39 16.33 -7.88
C TYR B 411 -14.83 15.73 -9.21
N VAL B 412 -14.82 14.40 -9.28
CA VAL B 412 -15.29 13.67 -10.45
C VAL B 412 -15.98 12.41 -9.98
N ASP B 413 -17.14 12.11 -10.60
CA ASP B 413 -17.85 10.88 -10.30
C ASP B 413 -16.99 9.67 -10.64
N ASP B 414 -16.92 8.71 -9.72
CA ASP B 414 -16.07 7.54 -9.90
C ASP B 414 -16.43 6.47 -8.89
N ILE B 415 -17.08 5.40 -9.35
CA ILE B 415 -17.48 4.32 -8.45
C ILE B 415 -16.27 3.70 -7.77
N GLY B 416 -15.11 3.75 -8.41
CA GLY B 416 -13.92 3.09 -7.88
C GLY B 416 -13.17 3.85 -6.81
N ASN B 417 -13.46 5.14 -6.64
CA ASN B 417 -12.74 5.97 -5.66
C ASN B 417 -13.51 5.96 -4.35
N TYR B 418 -13.08 5.12 -3.41
CA TYR B 418 -13.77 5.00 -2.12
C TYR B 418 -13.33 6.05 -1.10
N VAL B 419 -12.71 7.14 -1.54
CA VAL B 419 -12.54 8.33 -0.71
C VAL B 419 -13.52 9.43 -1.13
N THR B 420 -13.50 9.79 -2.42
CA THR B 420 -14.32 10.90 -2.89
C THR B 420 -15.77 10.49 -3.10
N ASN B 421 -16.01 9.30 -3.66
CA ASN B 421 -17.36 8.81 -3.94
C ASN B 421 -17.89 7.90 -2.85
N GLN B 422 -17.18 7.81 -1.72
CA GLN B 422 -17.63 7.01 -0.59
C GLN B 422 -18.97 7.53 -0.06
N VAL B 423 -19.75 6.63 0.53
CA VAL B 423 -21.00 6.95 1.21
C VAL B 423 -21.09 6.04 2.44
N ALA B 424 -21.62 6.55 3.54
CA ALA B 424 -21.57 5.79 4.78
C ALA B 424 -22.57 6.33 5.80
N CYS B 425 -22.80 5.54 6.85
CA CYS B 425 -23.72 5.92 7.93
C CYS B 425 -23.28 7.22 8.59
N ASP B 426 -22.02 7.27 9.05
CA ASP B 426 -21.57 8.43 9.80
C ASP B 426 -21.42 9.67 8.92
N TYR B 427 -21.37 9.50 7.59
CA TYR B 427 -21.35 10.67 6.72
C TYR B 427 -22.67 11.44 6.82
N ASN B 428 -23.78 10.72 6.94
CA ASN B 428 -25.11 11.34 6.99
C ASN B 428 -25.58 11.64 8.40
N ALA B 429 -24.85 11.21 9.42
CA ALA B 429 -25.32 11.31 10.80
C ALA B 429 -25.50 12.76 11.24
N GLY B 430 -24.41 13.52 11.31
CA GLY B 430 -24.53 14.93 11.64
C GLY B 430 -25.28 15.70 10.57
N PHE B 431 -25.18 15.24 9.32
CA PHE B 431 -25.86 15.92 8.21
C PHE B 431 -27.36 16.03 8.48
N VAL B 432 -27.98 14.99 9.04
CA VAL B 432 -29.42 15.02 9.28
C VAL B 432 -29.77 16.15 10.25
N GLY B 433 -29.07 16.21 11.38
CA GLY B 433 -29.34 17.27 12.34
C GLY B 433 -29.13 18.65 11.75
N LEU B 434 -28.09 18.81 10.94
CA LEU B 434 -27.83 20.11 10.30
C LEU B 434 -29.01 20.51 9.41
N LEU B 435 -29.47 19.60 8.57
CA LEU B 435 -30.60 19.91 7.69
C LEU B 435 -31.88 20.12 8.50
N ALA B 436 -32.01 19.48 9.65
CA ALA B 436 -33.16 19.72 10.51
C ALA B 436 -33.19 21.19 10.95
N LYS B 437 -32.04 21.72 11.36
CA LYS B 437 -31.97 23.13 11.73
C LYS B 437 -32.27 24.02 10.53
N MET B 438 -31.70 23.70 9.37
CA MET B 438 -31.92 24.52 8.18
C MET B 438 -33.39 24.48 7.76
N TYR B 439 -34.07 23.35 7.95
CA TYR B 439 -35.50 23.31 7.70
C TYR B 439 -36.27 24.12 8.74
N GLU B 440 -35.80 24.09 9.99
CA GLU B 440 -36.46 24.87 11.04
C GLU B 440 -36.36 26.36 10.75
N LYS B 441 -35.21 26.81 10.23
CA LYS B 441 -34.95 28.23 10.07
C LYS B 441 -35.36 28.75 8.70
N TYR B 442 -35.08 28.01 7.63
CA TYR B 442 -35.33 28.48 6.27
C TYR B 442 -36.42 27.69 5.54
N GLY B 443 -36.77 26.51 6.01
CA GLY B 443 -37.87 25.79 5.42
C GLY B 443 -37.47 25.00 4.19
N GLY B 444 -38.40 24.91 3.25
CA GLY B 444 -38.28 24.00 2.12
C GLY B 444 -39.16 22.78 2.35
N ASN B 445 -40.10 22.54 1.46
CA ASN B 445 -41.10 21.51 1.72
C ASN B 445 -40.59 20.14 1.23
N PRO B 446 -40.69 19.09 2.03
CA PRO B 446 -40.30 17.77 1.54
C PRO B 446 -41.23 17.32 0.42
N ILE B 447 -40.76 16.37 -0.36
CA ILE B 447 -41.59 15.76 -1.41
C ILE B 447 -42.67 14.96 -0.71
N PRO B 448 -43.95 15.31 -0.85
CA PRO B 448 -44.99 14.61 -0.10
C PRO B 448 -45.15 13.17 -0.59
N ASN B 449 -45.26 12.25 0.37
CA ASN B 449 -45.41 10.83 0.09
C ASN B 449 -44.21 10.27 -0.68
N PHE B 450 -43.02 10.82 -0.45
CA PHE B 450 -41.87 10.42 -1.25
C PHE B 450 -41.56 8.94 -1.03
N MET B 451 -41.45 8.21 -2.13
CA MET B 451 -41.10 6.80 -2.13
C MET B 451 -40.00 6.57 -3.15
N ALA B 452 -39.14 5.59 -2.88
CA ALA B 452 -38.09 5.20 -3.81
C ALA B 452 -38.49 3.97 -4.61
N ILE B 453 -39.66 4.05 -5.26
CA ILE B 453 -40.21 2.93 -6.02
C ILE B 453 -39.68 2.98 -7.44
N GLU B 454 -39.49 1.81 -8.03
CA GLU B 454 -39.05 1.69 -9.41
C GLU B 454 -40.15 1.07 -10.26
N ASP C 2 30.55 -1.14 -30.60
CA ASP C 2 30.03 0.22 -30.75
C ASP C 2 28.67 0.18 -31.44
N TYR C 3 27.73 0.97 -30.93
CA TYR C 3 26.33 0.90 -31.33
C TYR C 3 25.97 2.01 -32.30
N ASN C 4 24.89 1.77 -33.04
CA ASN C 4 24.37 2.71 -34.02
C ASN C 4 23.55 3.77 -33.29
N TYR C 5 24.20 4.89 -32.96
CA TYR C 5 23.53 5.92 -32.18
C TYR C 5 22.53 6.71 -33.00
N GLY C 6 22.67 6.73 -34.32
CA GLY C 6 21.70 7.43 -35.14
C GLY C 6 20.35 6.75 -35.15
N GLU C 7 20.33 5.43 -35.38
CA GLU C 7 19.08 4.70 -35.34
C GLU C 7 18.42 4.82 -33.96
N ALA C 8 19.22 4.75 -32.89
CA ALA C 8 18.68 4.94 -31.55
C ALA C 8 18.07 6.33 -31.40
N LEU C 9 18.77 7.36 -31.88
CA LEU C 9 18.22 8.71 -31.83
C LEU C 9 16.93 8.81 -32.63
N GLN C 10 16.96 8.32 -33.87
CA GLN C 10 15.78 8.38 -34.74
C GLN C 10 14.57 7.76 -34.08
N LYS C 11 14.74 6.58 -33.47
CA LYS C 11 13.61 5.90 -32.84
C LYS C 11 13.23 6.54 -31.51
N ALA C 12 14.22 7.03 -30.75
CA ALA C 12 13.92 7.69 -29.48
C ALA C 12 13.08 8.94 -29.68
N ILE C 13 13.24 9.60 -30.83
CA ILE C 13 12.39 10.75 -31.16
C ILE C 13 11.02 10.29 -31.62
N MET C 14 10.97 9.25 -32.45
CA MET C 14 9.69 8.75 -32.93
C MET C 14 8.78 8.33 -31.79
N PHE C 15 9.35 7.87 -30.68
CA PHE C 15 8.54 7.41 -29.56
C PHE C 15 7.46 8.42 -29.16
N TYR C 16 7.73 9.71 -29.38
CA TYR C 16 6.79 10.73 -28.91
C TYR C 16 5.57 10.81 -29.80
N GLU C 17 5.68 10.41 -31.06
CA GLU C 17 4.49 10.36 -31.91
C GLU C 17 3.46 9.39 -31.33
N PHE C 18 3.91 8.27 -30.78
CA PHE C 18 3.01 7.30 -30.19
C PHE C 18 2.29 7.85 -28.96
N GLN C 19 2.78 8.94 -28.38
CA GLN C 19 2.20 9.52 -27.18
C GLN C 19 1.23 10.65 -27.48
N MET C 20 1.05 11.03 -28.75
CA MET C 20 0.30 12.22 -29.07
C MET C 20 -1.19 12.00 -28.83
N SER C 21 -1.80 12.96 -28.15
CA SER C 21 -3.25 13.01 -27.96
C SER C 21 -3.86 14.02 -28.92
N GLY C 22 -5.12 13.80 -29.28
CA GLY C 22 -5.86 14.74 -30.09
C GLY C 22 -5.92 14.34 -31.55
N LYS C 23 -6.38 15.30 -32.37
CA LYS C 23 -6.45 15.10 -33.81
C LYS C 23 -5.03 15.05 -34.37
N LEU C 24 -4.61 13.89 -34.83
CA LEU C 24 -3.25 13.70 -35.27
C LEU C 24 -3.01 14.37 -36.63
N PRO C 25 -1.80 14.87 -36.87
CA PRO C 25 -1.50 15.45 -38.19
C PRO C 25 -1.32 14.36 -39.24
N ASP C 26 -1.31 14.81 -40.50
CA ASP C 26 -1.21 13.87 -41.61
C ASP C 26 0.19 13.28 -41.74
N ASN C 27 1.21 13.99 -41.29
CA ASN C 27 2.59 13.56 -41.48
C ASN C 27 3.05 12.51 -40.46
N ILE C 28 2.14 11.97 -39.63
CA ILE C 28 2.54 10.93 -38.69
C ILE C 28 3.09 9.72 -39.44
N ARG C 29 4.13 9.11 -38.89
CA ARG C 29 4.88 8.05 -39.56
C ARG C 29 4.40 6.64 -39.20
N ASN C 30 3.28 6.51 -38.49
CA ASN C 30 2.73 5.20 -38.15
C ASN C 30 1.28 5.14 -38.59
N ASN C 31 0.76 3.91 -38.66
CA ASN C 31 -0.60 3.68 -39.14
C ASN C 31 -1.48 2.97 -38.12
N TRP C 32 -1.11 3.00 -36.83
CA TRP C 32 -1.94 2.40 -35.79
C TRP C 32 -2.40 3.38 -34.72
N ARG C 33 -1.87 4.59 -34.66
CA ARG C 33 -2.39 5.63 -33.79
C ARG C 33 -3.44 6.44 -34.54
N GLY C 34 -4.54 6.76 -33.85
CA GLY C 34 -5.62 7.53 -34.43
C GLY C 34 -6.00 8.71 -33.57
N ASP C 35 -7.04 9.42 -34.01
CA ASP C 35 -7.58 10.52 -33.23
C ASP C 35 -8.04 10.01 -31.87
N SER C 36 -7.88 10.85 -30.85
CA SER C 36 -8.18 10.45 -29.49
C SER C 36 -8.44 11.67 -28.64
N CYS C 37 -9.33 11.50 -27.66
CA CYS C 37 -9.60 12.53 -26.64
C CYS C 37 -9.79 13.89 -27.28
N LEU C 38 -10.62 13.92 -28.33
CA LEU C 38 -10.90 15.15 -29.05
C LEU C 38 -11.80 16.10 -28.27
N GLY C 39 -12.42 15.64 -27.18
CA GLY C 39 -13.24 16.47 -26.34
C GLY C 39 -12.52 17.08 -25.15
N ASP C 40 -11.20 16.89 -25.06
CA ASP C 40 -10.45 17.38 -23.92
C ASP C 40 -10.65 18.88 -23.75
N GLY C 41 -11.11 19.29 -22.57
CA GLY C 41 -11.39 20.67 -22.27
C GLY C 41 -12.84 21.06 -22.42
N SER C 42 -13.70 20.16 -22.91
CA SER C 42 -15.09 20.52 -23.16
C SER C 42 -15.83 20.83 -21.86
N ASP C 43 -15.40 20.26 -20.74
CA ASP C 43 -16.06 20.53 -19.46
C ASP C 43 -15.87 21.96 -18.99
N VAL C 44 -14.94 22.70 -19.59
CA VAL C 44 -14.66 24.09 -19.23
C VAL C 44 -14.79 25.02 -20.42
N GLY C 45 -15.38 24.55 -21.52
CA GLY C 45 -15.57 25.41 -22.67
C GLY C 45 -14.31 25.80 -23.39
N LEU C 46 -13.25 25.00 -23.27
CA LEU C 46 -11.97 25.29 -23.89
C LEU C 46 -11.51 24.09 -24.72
N ASP C 47 -10.67 24.37 -25.71
CA ASP C 47 -10.01 23.33 -26.50
C ASP C 47 -8.67 23.03 -25.85
N LEU C 48 -8.65 21.98 -25.01
CA LEU C 48 -7.42 21.54 -24.37
C LEU C 48 -6.92 20.23 -24.96
N THR C 49 -7.24 19.99 -26.23
CA THR C 49 -6.76 18.81 -26.93
C THR C 49 -5.27 18.97 -27.25
N GLY C 50 -4.65 17.86 -27.65
CA GLY C 50 -3.25 17.85 -27.99
C GLY C 50 -2.37 17.40 -26.84
N GLY C 51 -1.08 17.69 -26.98
CA GLY C 51 -0.11 17.30 -25.98
C GLY C 51 0.21 15.82 -26.06
N TRP C 52 0.90 15.34 -25.03
CA TRP C 52 1.29 13.95 -24.92
C TRP C 52 0.59 13.28 -23.74
N PHE C 53 0.11 12.07 -23.96
CA PHE C 53 -0.18 11.18 -22.83
C PHE C 53 1.13 10.95 -22.06
N ASP C 54 1.04 10.98 -20.73
CA ASP C 54 2.26 10.96 -19.92
C ASP C 54 3.07 9.70 -20.15
N ALA C 55 2.49 8.54 -19.84
CA ALA C 55 3.22 7.28 -19.89
C ALA C 55 2.41 6.22 -20.63
N GLY C 56 2.19 5.06 -20.02
CA GLY C 56 1.31 4.05 -20.56
C GLY C 56 -0.15 4.26 -20.26
N ASP C 57 -0.50 5.41 -19.66
CA ASP C 57 -1.87 5.78 -19.39
C ASP C 57 -2.29 6.86 -20.38
N HIS C 58 -3.35 7.60 -20.05
CA HIS C 58 -3.87 8.62 -20.95
C HIS C 58 -4.17 9.93 -20.23
N VAL C 59 -3.65 10.10 -19.03
CA VAL C 59 -3.72 11.38 -18.33
C VAL C 59 -2.66 12.30 -18.91
N LYS C 60 -2.99 13.58 -19.01
CA LYS C 60 -2.03 14.61 -19.42
C LYS C 60 -1.57 15.33 -18.17
N PHE C 61 -0.34 15.02 -17.74
CA PHE C 61 0.28 15.64 -16.56
C PHE C 61 1.24 16.71 -17.05
N ASN C 62 0.88 17.98 -16.82
CA ASN C 62 1.62 19.08 -17.43
C ASN C 62 3.01 19.28 -16.83
N LEU C 63 3.24 18.86 -15.58
CA LEU C 63 4.57 19.06 -15.00
C LEU C 63 5.62 18.20 -15.69
N PRO C 64 5.45 16.88 -15.81
CA PRO C 64 6.44 16.09 -16.56
C PRO C 64 6.40 16.35 -18.05
N MET C 65 5.26 16.77 -18.60
CA MET C 65 5.22 17.11 -20.01
C MET C 65 6.06 18.35 -20.29
N ALA C 66 5.86 19.41 -19.50
CA ALA C 66 6.68 20.60 -19.66
C ALA C 66 8.15 20.30 -19.46
N TYR C 67 8.48 19.45 -18.47
CA TYR C 67 9.86 19.04 -18.30
C TYR C 67 10.40 18.38 -19.56
N THR C 68 9.63 17.46 -20.14
CA THR C 68 10.05 16.79 -21.36
C THR C 68 10.25 17.81 -22.48
N ALA C 69 9.29 18.73 -22.64
CA ALA C 69 9.41 19.74 -23.68
C ALA C 69 10.70 20.53 -23.54
N THR C 70 11.01 20.95 -22.30
CA THR C 70 12.22 21.74 -22.07
C THR C 70 13.47 20.94 -22.40
N MET C 71 13.53 19.68 -21.95
CA MET C 71 14.72 18.87 -22.20
C MET C 71 14.90 18.60 -23.69
N LEU C 72 13.80 18.39 -24.41
CA LEU C 72 13.90 18.18 -25.86
C LEU C 72 14.44 19.44 -26.55
N ALA C 73 13.95 20.61 -26.14
CA ALA C 73 14.49 21.85 -26.68
C ALA C 73 15.97 21.99 -26.32
N TRP C 74 16.34 21.63 -25.09
CA TRP C 74 17.74 21.73 -24.69
C TRP C 74 18.63 20.89 -25.60
N ALA C 75 18.14 19.71 -26.01
CA ALA C 75 18.92 18.90 -26.94
C ALA C 75 19.12 19.61 -28.27
N VAL C 76 18.08 20.31 -28.75
CA VAL C 76 18.19 21.07 -29.99
C VAL C 76 19.20 22.20 -29.82
N TYR C 77 19.09 22.95 -28.72
CA TYR C 77 19.96 24.09 -28.50
C TYR C 77 21.43 23.68 -28.49
N GLU C 78 21.75 22.55 -27.87
CA GLU C 78 23.14 22.14 -27.73
C GLU C 78 23.65 21.39 -28.96
N TYR C 79 22.80 20.57 -29.58
CA TYR C 79 23.23 19.66 -30.65
C TYR C 79 22.30 19.79 -31.86
N LYS C 80 22.09 21.04 -32.29
CA LYS C 80 21.26 21.30 -33.46
C LYS C 80 21.88 20.69 -34.72
N ASP C 81 23.15 21.01 -34.99
CA ASP C 81 23.79 20.53 -36.20
C ASP C 81 23.76 19.00 -36.27
N ALA C 82 24.01 18.33 -35.14
CA ALA C 82 23.97 16.87 -35.14
C ALA C 82 22.57 16.37 -35.46
N LEU C 83 21.54 16.99 -34.87
CA LEU C 83 20.17 16.56 -35.12
C LEU C 83 19.79 16.77 -36.59
N GLN C 84 20.26 17.87 -37.19
CA GLN C 84 19.96 18.11 -38.60
C GLN C 84 20.62 17.05 -39.48
N LYS C 85 21.92 16.81 -39.26
CA LYS C 85 22.63 15.83 -40.09
C LYS C 85 21.98 14.47 -40.03
N SER C 86 21.37 14.12 -38.89
CA SER C 86 20.67 12.84 -38.77
C SER C 86 19.33 12.84 -39.51
N GLY C 87 18.81 14.02 -39.87
CA GLY C 87 17.52 14.11 -40.50
C GLY C 87 16.34 14.06 -39.56
N GLN C 88 16.57 14.01 -38.25
CA GLN C 88 15.50 13.92 -37.27
C GLN C 88 15.13 15.26 -36.66
N LEU C 89 15.85 16.33 -36.99
CA LEU C 89 15.56 17.63 -36.38
C LEU C 89 14.13 18.06 -36.67
N GLY C 90 13.66 17.85 -37.89
CA GLY C 90 12.29 18.22 -38.22
C GLY C 90 11.28 17.50 -37.34
N TYR C 91 11.46 16.20 -37.16
CA TYR C 91 10.53 15.43 -36.33
C TYR C 91 10.57 15.90 -34.88
N LEU C 92 11.76 16.23 -34.37
CA LEU C 92 11.87 16.67 -32.99
C LEU C 92 11.22 18.03 -32.80
N MET C 93 11.49 18.98 -33.71
CA MET C 93 10.91 20.30 -33.61
C MET C 93 9.39 20.24 -33.59
N ASP C 94 8.80 19.40 -34.45
CA ASP C 94 7.35 19.28 -34.48
C ASP C 94 6.80 18.82 -33.14
N GLN C 95 7.51 17.91 -32.47
CA GLN C 95 7.06 17.43 -31.17
C GLN C 95 7.17 18.52 -30.11
N ILE C 96 8.25 19.30 -30.15
CA ILE C 96 8.39 20.43 -29.22
C ILE C 96 7.20 21.37 -29.38
N LYS C 97 6.87 21.73 -30.62
CA LYS C 97 5.76 22.66 -30.85
C LYS C 97 4.42 22.03 -30.48
N TRP C 98 4.30 20.71 -30.64
CA TRP C 98 3.06 20.04 -30.26
C TRP C 98 2.75 20.25 -28.79
N ALA C 99 3.76 20.08 -27.93
CA ALA C 99 3.56 20.27 -26.50
C ALA C 99 3.35 21.74 -26.15
N SER C 100 4.14 22.63 -26.77
CA SER C 100 4.02 24.05 -26.45
C SER C 100 2.69 24.62 -26.91
N ASP C 101 2.22 24.21 -28.10
CA ASP C 101 0.89 24.62 -28.54
C ASP C 101 -0.17 24.25 -27.52
N TYR C 102 -0.02 23.08 -26.90
CA TYR C 102 -0.97 22.65 -25.88
C TYR C 102 -0.83 23.46 -24.61
N PHE C 103 0.41 23.73 -24.17
CA PHE C 103 0.60 24.57 -23.00
C PHE C 103 -0.03 25.93 -23.19
N ILE C 104 0.10 26.52 -24.37
CA ILE C 104 -0.49 27.82 -24.64
C ILE C 104 -2.00 27.76 -24.50
N ARG C 105 -2.62 26.72 -25.06
CA ARG C 105 -4.07 26.57 -24.91
C ARG C 105 -4.48 26.42 -23.46
N CYS C 106 -3.64 25.78 -22.64
CA CYS C 106 -3.91 25.64 -21.23
C CYS C 106 -3.76 26.95 -20.45
N HIS C 107 -3.30 28.02 -21.10
CA HIS C 107 -3.07 29.31 -20.45
C HIS C 107 -3.91 30.37 -21.15
N PRO C 108 -5.23 30.29 -21.05
CA PRO C 108 -6.09 31.26 -21.75
C PRO C 108 -6.08 32.65 -21.12
N GLU C 109 -5.62 32.77 -19.88
CA GLU C 109 -5.66 34.03 -19.13
C GLU C 109 -4.39 34.11 -18.31
N LYS C 110 -3.96 35.34 -18.00
CA LYS C 110 -2.65 35.50 -17.38
C LYS C 110 -2.51 34.66 -16.12
N TYR C 111 -3.54 34.65 -15.27
CA TYR C 111 -3.48 33.98 -13.98
C TYR C 111 -4.45 32.81 -13.91
N VAL C 112 -4.59 32.09 -15.02
CA VAL C 112 -5.41 30.88 -15.07
C VAL C 112 -4.68 29.87 -15.94
N TYR C 113 -4.24 28.77 -15.35
CA TYR C 113 -3.47 27.75 -16.06
C TYR C 113 -4.07 26.38 -15.76
N TYR C 114 -4.45 25.67 -16.81
CA TYR C 114 -4.92 24.30 -16.68
C TYR C 114 -3.71 23.37 -16.71
N TYR C 115 -3.57 22.55 -15.67
CA TYR C 115 -2.37 21.75 -15.47
C TYR C 115 -2.60 20.26 -15.62
N GLN C 116 -3.81 19.83 -15.95
CA GLN C 116 -4.07 18.40 -16.06
C GLN C 116 -5.38 18.17 -16.79
N VAL C 117 -5.39 17.17 -17.67
CA VAL C 117 -6.61 16.65 -18.29
C VAL C 117 -6.67 15.17 -18.01
N GLY C 118 -7.73 14.74 -17.34
CA GLY C 118 -7.91 13.35 -16.97
C GLY C 118 -7.65 13.16 -15.49
N ASN C 119 -8.44 12.28 -14.87
CA ASN C 119 -8.27 11.93 -13.46
C ASN C 119 -7.37 10.71 -13.37
N GLY C 120 -6.34 10.79 -12.52
CA GLY C 120 -5.35 9.74 -12.47
C GLY C 120 -5.92 8.40 -12.02
N ASP C 121 -6.68 8.40 -10.93
CA ASP C 121 -7.23 7.16 -10.41
C ASP C 121 -8.19 6.52 -11.41
N MET C 122 -9.05 7.33 -12.02
CA MET C 122 -10.09 6.78 -12.90
C MET C 122 -9.52 6.37 -14.26
N ASP C 123 -8.58 7.15 -14.80
CA ASP C 123 -7.99 6.81 -16.09
C ASP C 123 -7.24 5.48 -16.01
N HIS C 124 -6.66 5.17 -14.86
CA HIS C 124 -5.86 3.96 -14.70
C HIS C 124 -6.69 2.72 -14.45
N ARG C 125 -7.98 2.85 -14.18
CA ARG C 125 -8.83 1.67 -14.01
C ARG C 125 -9.08 0.94 -15.33
N TRP C 126 -8.86 1.61 -16.46
CA TRP C 126 -9.21 1.07 -17.78
C TRP C 126 -7.94 0.73 -18.54
N TRP C 127 -7.81 -0.54 -18.92
CA TRP C 127 -6.69 -0.98 -19.74
C TRP C 127 -7.13 -1.08 -21.20
N VAL C 128 -7.31 0.08 -21.80
CA VAL C 128 -7.84 0.17 -23.17
C VAL C 128 -7.02 1.17 -23.97
N PRO C 129 -7.06 1.06 -25.29
CA PRO C 129 -6.24 1.96 -26.13
C PRO C 129 -6.71 3.40 -26.05
N ALA C 130 -5.80 4.31 -26.41
CA ALA C 130 -6.09 5.73 -26.33
C ALA C 130 -7.33 6.09 -27.15
N GLU C 131 -7.51 5.45 -28.29
CA GLU C 131 -8.64 5.78 -29.16
C GLU C 131 -9.98 5.38 -28.57
N CYS C 132 -10.01 4.74 -27.40
CA CYS C 132 -11.24 4.32 -26.75
C CYS C 132 -11.41 4.86 -25.35
N ILE C 133 -10.38 5.48 -24.76
CA ILE C 133 -10.43 5.81 -23.33
C ILE C 133 -11.55 6.80 -23.06
N ASP C 134 -11.71 7.82 -23.91
CA ASP C 134 -12.69 8.86 -23.62
C ASP C 134 -14.13 8.36 -23.68
N VAL C 135 -14.34 7.12 -24.12
CA VAL C 135 -15.69 6.54 -24.06
C VAL C 135 -15.98 5.91 -22.70
N GLN C 136 -14.95 5.56 -21.93
CA GLN C 136 -15.13 4.77 -20.72
C GLN C 136 -15.22 5.60 -19.45
N ALA C 137 -14.70 6.82 -19.44
CA ALA C 137 -14.71 7.62 -18.23
C ALA C 137 -14.53 9.08 -18.59
N PRO C 138 -15.15 10.00 -17.86
CA PRO C 138 -14.94 11.42 -18.12
C PRO C 138 -13.49 11.81 -17.88
N ARG C 139 -13.07 12.88 -18.56
CA ARG C 139 -11.69 13.37 -18.52
C ARG C 139 -11.73 14.84 -18.08
N PRO C 140 -11.80 15.09 -16.78
CA PRO C 140 -11.95 16.47 -16.31
C PRO C 140 -10.70 17.29 -16.53
N SER C 141 -10.89 18.62 -16.54
CA SER C 141 -9.82 19.59 -16.67
C SER C 141 -9.59 20.28 -15.33
N TYR C 142 -8.34 20.35 -14.91
CA TYR C 142 -7.98 20.94 -13.63
C TYR C 142 -7.09 22.16 -13.85
N LYS C 143 -7.28 23.18 -13.03
CA LYS C 143 -6.59 24.45 -13.23
C LYS C 143 -6.08 25.00 -11.90
N VAL C 144 -5.11 25.90 -12.02
CA VAL C 144 -4.63 26.73 -10.93
C VAL C 144 -4.90 28.18 -11.30
N ASP C 145 -5.13 29.00 -10.29
CA ASP C 145 -5.34 30.44 -10.48
C ASP C 145 -4.81 31.15 -9.24
N LEU C 146 -5.16 32.43 -9.10
CA LEU C 146 -4.71 33.19 -7.94
C LEU C 146 -5.28 32.65 -6.64
N SER C 147 -6.47 32.05 -6.70
CA SER C 147 -7.08 31.47 -5.51
C SER C 147 -6.64 30.03 -5.26
N ASN C 148 -6.17 29.33 -6.28
CA ASN C 148 -5.65 27.96 -6.17
C ASN C 148 -4.30 27.93 -6.87
N PRO C 149 -3.25 28.42 -6.23
CA PRO C 149 -1.97 28.57 -6.94
C PRO C 149 -1.29 27.24 -7.20
N GLY C 150 -0.37 27.29 -8.17
CA GLY C 150 0.47 26.15 -8.50
C GLY C 150 1.80 26.63 -9.06
N SER C 151 2.66 27.15 -8.19
CA SER C 151 3.89 27.79 -8.65
C SER C 151 4.79 26.81 -9.39
N THR C 152 4.88 25.56 -8.89
CA THR C 152 5.79 24.60 -9.50
C THR C 152 5.44 24.38 -10.97
N VAL C 153 4.17 24.11 -11.26
CA VAL C 153 3.80 23.70 -12.61
C VAL C 153 3.72 24.89 -13.57
N THR C 154 3.34 26.07 -13.08
CA THR C 154 3.33 27.24 -13.96
C THR C 154 4.77 27.64 -14.33
N ALA C 155 5.69 27.61 -13.36
CA ALA C 155 7.08 27.93 -13.66
C ALA C 155 7.72 26.85 -14.51
N GLY C 156 7.36 25.58 -14.29
CA GLY C 156 7.84 24.52 -15.15
C GLY C 156 7.41 24.71 -16.60
N THR C 157 6.18 25.19 -16.79
CA THR C 157 5.68 25.43 -18.15
C THR C 157 6.40 26.62 -18.78
N ALA C 158 6.73 27.63 -17.99
CA ALA C 158 7.44 28.79 -18.52
C ALA C 158 8.80 28.37 -19.09
N ALA C 159 9.52 27.52 -18.38
CA ALA C 159 10.80 27.03 -18.90
C ALA C 159 10.61 26.36 -20.25
N ALA C 160 9.57 25.53 -20.40
CA ALA C 160 9.33 24.85 -21.67
C ALA C 160 9.05 25.84 -22.78
N LEU C 161 8.19 26.83 -22.52
CA LEU C 161 7.87 27.81 -23.54
C LEU C 161 9.07 28.72 -23.84
N ALA C 162 9.83 29.08 -22.81
CA ALA C 162 11.03 29.88 -23.04
C ALA C 162 12.04 29.12 -23.89
N ALA C 163 12.23 27.82 -23.60
CA ALA C 163 13.13 27.01 -24.41
C ALA C 163 12.60 26.88 -25.83
N THR C 164 11.29 26.69 -25.98
CA THR C 164 10.70 26.61 -27.31
C THR C 164 10.99 27.87 -28.12
N ALA C 165 10.77 29.03 -27.51
CA ALA C 165 11.07 30.29 -28.19
C ALA C 165 12.53 30.37 -28.58
N LEU C 166 13.42 29.82 -27.75
CA LEU C 166 14.85 29.88 -28.04
C LEU C 166 15.18 29.12 -29.32
N VAL C 167 14.63 27.92 -29.50
CA VAL C 167 14.96 27.11 -30.67
C VAL C 167 14.12 27.47 -31.89
N PHE C 168 12.96 28.09 -31.69
CA PHE C 168 12.07 28.47 -32.79
C PHE C 168 12.27 29.91 -33.27
N LYS C 169 13.06 30.71 -32.56
CA LYS C 169 13.19 32.12 -32.93
C LYS C 169 13.82 32.27 -34.31
N ASP C 170 14.64 31.31 -34.73
CA ASP C 170 15.34 31.44 -36.00
C ASP C 170 14.41 31.23 -37.19
N THR C 171 13.38 30.40 -37.04
CA THR C 171 12.48 30.05 -38.13
C THR C 171 11.11 30.68 -38.02
N ASP C 172 10.50 30.68 -36.83
CA ASP C 172 9.16 31.19 -36.61
C ASP C 172 9.21 32.27 -35.53
N PRO C 173 9.75 33.45 -35.86
CA PRO C 173 9.91 34.48 -34.83
C PRO C 173 8.61 34.93 -34.20
N ALA C 174 7.51 34.93 -34.95
CA ALA C 174 6.22 35.28 -34.36
C ALA C 174 5.84 34.27 -33.28
N TYR C 175 6.06 32.98 -33.55
CA TYR C 175 5.73 31.96 -32.56
C TYR C 175 6.64 32.07 -31.34
N ALA C 176 7.91 32.41 -31.54
CA ALA C 176 8.81 32.63 -30.42
C ALA C 176 8.31 33.76 -29.53
N ALA C 177 7.94 34.89 -30.14
CA ALA C 177 7.45 36.02 -29.36
C ALA C 177 6.20 35.63 -28.57
N LEU C 178 5.32 34.83 -29.18
CA LEU C 178 4.13 34.37 -28.46
C LEU C 178 4.51 33.46 -27.29
N CYS C 179 5.43 32.51 -27.52
CA CYS C 179 5.87 31.64 -26.44
C CYS C 179 6.48 32.45 -25.30
N ILE C 180 7.30 33.46 -25.63
CA ILE C 180 7.94 34.25 -24.60
C ILE C 180 6.91 35.01 -23.78
N ARG C 181 5.90 35.57 -24.44
CA ARG C 181 4.86 36.29 -23.71
C ARG C 181 4.20 35.40 -22.67
N HIS C 182 3.79 34.20 -23.09
CA HIS C 182 3.18 33.26 -22.14
C HIS C 182 4.18 32.84 -21.07
N ALA C 183 5.46 32.73 -21.42
CA ALA C 183 6.46 32.28 -20.45
C ALA C 183 6.65 33.29 -19.33
N LYS C 184 6.72 34.58 -19.65
CA LYS C 184 6.90 35.58 -18.61
C LYS C 184 5.63 35.78 -17.80
N GLU C 185 4.46 35.70 -18.45
CA GLU C 185 3.21 35.75 -17.69
C GLU C 185 3.14 34.59 -16.69
N LEU C 186 3.46 33.38 -17.14
CA LEU C 186 3.46 32.23 -16.23
C LEU C 186 4.49 32.41 -15.14
N PHE C 187 5.65 32.97 -15.47
CA PHE C 187 6.65 33.26 -14.45
C PHE C 187 6.10 34.20 -13.39
N ASP C 188 5.55 35.34 -13.82
CA ASP C 188 4.93 36.26 -12.87
C ASP C 188 3.83 35.56 -12.06
N PHE C 189 3.05 34.68 -12.71
CA PHE C 189 2.04 33.92 -12.01
C PHE C 189 2.65 33.09 -10.88
N ALA C 190 3.72 32.35 -11.19
CA ALA C 190 4.34 31.50 -10.18
C ALA C 190 5.00 32.33 -9.10
N GLU C 191 5.79 33.34 -9.51
CA GLU C 191 6.50 34.17 -8.55
C GLU C 191 5.54 34.93 -7.64
N THR C 192 4.42 35.39 -8.21
CA THR C 192 3.47 36.18 -7.42
C THR C 192 2.81 35.33 -6.34
N THR C 193 2.52 34.07 -6.62
CA THR C 193 1.70 33.26 -5.73
C THR C 193 2.53 32.50 -4.69
N MET C 194 3.69 31.98 -5.08
CA MET C 194 4.56 31.24 -4.16
C MET C 194 3.76 30.21 -3.37
N SER C 195 3.07 29.33 -4.09
CA SER C 195 2.24 28.34 -3.42
C SER C 195 1.80 27.26 -4.40
N ASP C 196 1.69 26.03 -3.88
CA ASP C 196 1.15 24.90 -4.62
C ASP C 196 -0.17 24.42 -4.04
N LYS C 197 -0.88 25.29 -3.31
CA LYS C 197 -2.13 24.89 -2.67
C LYS C 197 -3.14 24.38 -3.68
N GLY C 198 -3.10 24.88 -4.92
CA GLY C 198 -4.06 24.47 -5.93
C GLY C 198 -3.63 23.32 -6.81
N TYR C 199 -2.39 22.85 -6.67
CA TYR C 199 -1.85 21.77 -7.48
C TYR C 199 -2.17 20.45 -6.77
N THR C 200 -3.40 19.99 -6.98
CA THR C 200 -3.94 18.88 -6.22
C THR C 200 -4.17 17.61 -7.04
N ALA C 201 -4.46 17.74 -8.34
CA ALA C 201 -4.90 16.59 -9.12
C ALA C 201 -3.77 15.60 -9.38
N ALA C 202 -2.52 16.02 -9.26
CA ALA C 202 -1.38 15.14 -9.51
C ALA C 202 -0.87 14.49 -8.23
N LEU C 203 -1.55 14.66 -7.11
CA LEU C 203 -1.16 13.98 -5.88
C LEU C 203 -1.02 12.49 -6.16
N ASN C 204 0.04 11.89 -5.64
CA ASN C 204 0.38 10.47 -5.75
C ASN C 204 0.90 10.12 -7.15
N PHE C 205 0.93 11.07 -8.09
CA PHE C 205 1.44 10.82 -9.43
C PHE C 205 2.65 11.70 -9.73
N TYR C 206 2.51 13.01 -9.61
CA TYR C 206 3.61 13.94 -9.88
C TYR C 206 3.63 15.04 -8.82
N THR C 207 3.69 14.61 -7.56
CA THR C 207 3.80 15.53 -6.45
C THR C 207 5.19 16.15 -6.38
N SER C 208 5.24 17.47 -6.25
CA SER C 208 6.51 18.17 -6.14
C SER C 208 7.04 18.08 -4.72
N HIS C 209 8.29 17.65 -4.57
CA HIS C 209 8.91 17.49 -3.27
C HIS C 209 10.09 18.42 -3.02
N SER C 210 10.77 18.89 -4.08
CA SER C 210 11.93 19.75 -3.88
C SER C 210 11.54 21.21 -3.71
N GLY C 211 10.41 21.63 -4.28
CA GLY C 211 9.98 23.01 -4.19
C GLY C 211 9.90 23.67 -5.56
N TRP C 212 9.17 24.78 -5.63
CA TRP C 212 9.05 25.52 -6.89
C TRP C 212 10.19 26.50 -7.12
N TYR C 213 11.08 26.70 -6.15
CA TYR C 213 12.10 27.73 -6.29
C TYR C 213 13.17 27.33 -7.30
N ASP C 214 13.46 26.04 -7.44
CA ASP C 214 14.40 25.61 -8.47
C ASP C 214 13.77 25.66 -9.86
N GLU C 215 12.43 25.51 -9.93
CA GLU C 215 11.75 25.72 -11.20
C GLU C 215 11.84 27.18 -11.65
N LEU C 216 11.85 28.11 -10.69
CA LEU C 216 11.96 29.52 -11.04
C LEU C 216 13.31 29.81 -11.68
N SER C 217 14.40 29.36 -11.04
CA SER C 217 15.72 29.52 -11.63
C SER C 217 15.80 28.80 -12.98
N TRP C 218 15.25 27.58 -13.04
CA TRP C 218 15.11 26.87 -14.31
C TRP C 218 14.42 27.73 -15.35
N ALA C 219 13.21 28.19 -15.06
CA ALA C 219 12.47 29.01 -16.02
C ALA C 219 13.18 30.32 -16.31
N GLY C 220 13.67 31.00 -15.27
CA GLY C 220 14.32 32.28 -15.48
C GLY C 220 15.53 32.18 -16.39
N ALA C 221 16.28 31.08 -16.28
CA ALA C 221 17.45 30.92 -17.12
C ALA C 221 17.07 30.77 -18.58
N TRP C 222 16.04 29.98 -18.87
CA TRP C 222 15.60 29.82 -20.26
C TRP C 222 15.04 31.11 -20.82
N ILE C 223 14.24 31.84 -20.03
CA ILE C 223 13.73 33.12 -20.48
C ILE C 223 14.89 34.02 -20.91
N TYR C 224 15.93 34.09 -20.08
CA TYR C 224 17.08 34.93 -20.40
C TYR C 224 17.79 34.46 -21.65
N LEU C 225 17.99 33.14 -21.78
CA LEU C 225 18.66 32.61 -22.97
C LEU C 225 17.90 32.95 -24.24
N ALA C 226 16.57 33.03 -24.17
CA ALA C 226 15.75 33.26 -25.35
C ALA C 226 15.47 34.72 -25.61
N ASP C 227 15.53 35.57 -24.59
CA ASP C 227 15.11 36.96 -24.71
C ASP C 227 16.14 37.97 -24.22
N GLY C 228 17.15 37.55 -23.45
CA GLY C 228 18.16 38.46 -22.96
C GLY C 228 17.73 39.37 -21.82
N ASP C 229 16.50 39.24 -21.34
CA ASP C 229 16.00 40.09 -20.26
C ASP C 229 16.72 39.73 -18.96
N GLU C 230 17.64 40.61 -18.53
CA GLU C 230 18.44 40.29 -17.35
C GLU C 230 17.60 40.22 -16.08
N THR C 231 16.46 40.91 -16.04
CA THR C 231 15.62 40.87 -14.85
C THR C 231 15.26 39.44 -14.48
N TYR C 232 15.11 38.56 -15.47
CA TYR C 232 14.79 37.17 -15.19
C TYR C 232 16.03 36.36 -14.84
N LEU C 233 17.20 36.74 -15.38
CA LEU C 233 18.44 36.19 -14.87
C LEU C 233 18.65 36.59 -13.41
N GLU C 234 18.44 37.88 -13.11
CA GLU C 234 18.53 38.35 -11.73
C GLU C 234 17.57 37.58 -10.84
N LYS C 235 16.33 37.38 -11.28
CA LYS C 235 15.38 36.61 -10.49
C LYS C 235 15.84 35.17 -10.31
N ALA C 236 16.38 34.57 -11.37
CA ALA C 236 16.81 33.17 -11.29
C ALA C 236 17.89 32.98 -10.24
N GLU C 237 18.92 33.83 -10.26
CA GLU C 237 19.99 33.72 -9.28
C GLU C 237 19.51 34.08 -7.87
N LYS C 238 18.44 34.88 -7.77
CA LYS C 238 17.92 35.26 -6.47
C LYS C 238 17.44 34.04 -5.69
N TYR C 239 16.77 33.11 -6.37
CA TYR C 239 16.12 31.98 -5.71
C TYR C 239 17.05 30.77 -5.56
N VAL C 240 18.34 30.94 -5.84
CA VAL C 240 19.28 29.84 -5.63
C VAL C 240 19.35 29.46 -4.16
N ASP C 241 19.22 30.44 -3.26
CA ASP C 241 19.34 30.17 -1.83
C ASP C 241 18.23 29.29 -1.29
N LYS C 242 17.15 29.08 -2.06
CA LYS C 242 16.04 28.24 -1.63
C LYS C 242 15.95 26.95 -2.44
N TRP C 243 17.01 26.59 -3.15
CA TRP C 243 17.07 25.29 -3.79
C TRP C 243 17.18 24.19 -2.74
N PRO C 244 16.89 22.95 -3.11
CA PRO C 244 17.11 21.85 -2.17
C PRO C 244 18.57 21.72 -1.79
N ILE C 245 18.81 21.51 -0.49
CA ILE C 245 20.15 21.36 0.06
C ILE C 245 20.35 19.92 0.48
N GLU C 246 21.57 19.41 0.30
CA GLU C 246 21.89 18.07 0.77
C GLU C 246 21.59 17.97 2.26
N SER C 247 20.89 16.91 2.64
CA SER C 247 20.43 16.78 4.03
C SER C 247 21.61 16.85 4.99
N GLN C 248 21.42 17.58 6.08
CA GLN C 248 22.43 17.72 7.14
C GLN C 248 23.69 18.39 6.63
N THR C 249 23.57 19.21 5.58
CA THR C 249 24.70 19.95 5.05
C THR C 249 24.28 21.38 4.78
N THR C 250 25.22 22.16 4.25
CA THR C 250 24.96 23.53 3.81
C THR C 250 25.10 23.70 2.31
N TYR C 251 25.49 22.64 1.59
CA TYR C 251 25.67 22.74 0.15
C TYR C 251 24.39 22.42 -0.59
N ILE C 252 24.30 22.89 -1.83
CA ILE C 252 23.20 22.50 -2.70
C ILE C 252 23.24 20.99 -2.90
N ALA C 253 22.06 20.39 -2.94
CA ALA C 253 21.98 18.94 -3.10
C ALA C 253 22.72 18.50 -4.35
N TYR C 254 23.38 17.34 -4.24
CA TYR C 254 24.17 16.81 -5.34
C TYR C 254 24.05 15.31 -5.52
N SER C 255 23.39 14.59 -4.62
CA SER C 255 23.35 13.13 -4.65
C SER C 255 22.08 12.58 -5.28
N TRP C 256 21.26 13.43 -5.93
CA TRP C 256 20.16 12.98 -6.75
C TRP C 256 20.53 13.23 -8.22
N GLY C 257 19.55 13.58 -9.04
CA GLY C 257 19.81 13.85 -10.44
C GLY C 257 18.73 14.74 -11.03
N HIS C 258 19.03 15.31 -12.18
CA HIS C 258 18.06 16.09 -12.92
C HIS C 258 16.87 15.21 -13.30
N CYS C 259 15.66 15.71 -13.05
CA CYS C 259 14.45 14.95 -13.34
C CYS C 259 13.27 15.90 -13.18
N TRP C 260 12.08 15.38 -13.49
CA TRP C 260 10.88 16.23 -13.51
C TRP C 260 10.63 16.88 -12.15
N ASP C 261 10.98 16.20 -11.06
CA ASP C 261 10.74 16.75 -9.72
C ASP C 261 11.87 17.63 -9.22
N ASP C 262 13.09 17.46 -9.72
CA ASP C 262 14.25 18.22 -9.25
C ASP C 262 15.03 18.72 -10.46
N VAL C 263 14.86 20.00 -10.78
CA VAL C 263 15.48 20.61 -11.96
C VAL C 263 16.64 21.54 -11.59
N HIS C 264 17.01 21.64 -10.32
CA HIS C 264 18.08 22.55 -9.94
C HIS C 264 19.44 22.08 -10.48
N TYR C 265 19.57 20.80 -10.81
CA TYR C 265 20.81 20.32 -11.41
C TYR C 265 21.03 20.95 -12.78
N GLY C 266 20.02 20.88 -13.65
CA GLY C 266 20.15 21.51 -14.95
C GLY C 266 20.27 23.01 -14.85
N ALA C 267 19.46 23.64 -13.98
CA ALA C 267 19.53 25.09 -13.82
C ALA C 267 20.95 25.52 -13.46
N ALA C 268 21.60 24.78 -12.55
CA ALA C 268 22.95 25.14 -12.13
C ALA C 268 23.93 25.03 -13.29
N LEU C 269 23.74 24.03 -14.17
CA LEU C 269 24.59 23.91 -15.34
C LEU C 269 24.41 25.11 -16.27
N LEU C 270 23.15 25.49 -16.53
CA LEU C 270 22.89 26.63 -17.40
C LEU C 270 23.47 27.91 -16.82
N LEU C 271 23.20 28.18 -15.54
CA LEU C 271 23.71 29.40 -14.93
C LEU C 271 25.24 29.41 -14.88
N ALA C 272 25.86 28.23 -14.76
CA ALA C 272 27.32 28.17 -14.82
C ALA C 272 27.83 28.65 -16.16
N LYS C 273 27.12 28.31 -17.25
CA LYS C 273 27.53 28.75 -18.57
C LYS C 273 27.18 30.22 -18.80
N ILE C 274 26.09 30.71 -18.20
CA ILE C 274 25.71 32.10 -18.38
C ILE C 274 26.66 33.03 -17.63
N THR C 275 26.94 32.71 -16.36
CA THR C 275 27.65 33.62 -15.47
C THR C 275 29.09 33.22 -15.19
N ASN C 276 29.43 31.94 -15.28
CA ASN C 276 30.76 31.43 -14.95
C ASN C 276 31.08 31.54 -13.46
N LYS C 277 30.08 31.73 -12.62
CA LYS C 277 30.32 31.86 -11.19
C LYS C 277 30.72 30.52 -10.58
N SER C 278 31.55 30.59 -9.54
CA SER C 278 32.03 29.37 -8.89
C SER C 278 30.91 28.66 -8.13
N LEU C 279 29.94 29.41 -7.61
CA LEU C 279 28.82 28.79 -6.91
C LEU C 279 28.15 27.74 -7.77
N TYR C 280 27.92 28.06 -9.05
CA TYR C 280 27.22 27.11 -9.92
C TYR C 280 28.16 26.05 -10.48
N LYS C 281 29.40 26.44 -10.82
CA LYS C 281 30.35 25.46 -11.33
C LYS C 281 30.65 24.39 -10.28
N GLU C 282 30.81 24.79 -9.02
CA GLU C 282 31.06 23.81 -7.97
C GLU C 282 29.87 22.88 -7.79
N ALA C 283 28.65 23.43 -7.81
CA ALA C 283 27.46 22.63 -7.56
C ALA C 283 27.31 21.52 -8.60
N ILE C 284 27.48 21.85 -9.88
CA ILE C 284 27.30 20.86 -10.93
C ILE C 284 28.45 19.85 -10.91
N GLU C 285 29.67 20.31 -10.67
CA GLU C 285 30.80 19.40 -10.60
C GLU C 285 30.71 18.49 -9.38
N ARG C 286 30.16 18.99 -8.29
CA ARG C 286 29.89 18.13 -7.13
C ARG C 286 28.95 17.00 -7.51
N HIS C 287 27.91 17.32 -8.28
CA HIS C 287 26.92 16.31 -8.68
C HIS C 287 27.54 15.29 -9.63
N LEU C 288 28.19 15.76 -10.69
CA LEU C 288 28.78 14.83 -11.65
C LEU C 288 29.95 14.05 -11.05
N ASP C 289 30.66 14.65 -10.10
CA ASP C 289 31.70 13.90 -9.40
C ASP C 289 31.10 12.76 -8.58
N TYR C 290 30.05 13.07 -7.81
CA TYR C 290 29.39 12.04 -7.02
C TYR C 290 28.87 10.91 -7.89
N TRP C 291 28.45 11.21 -9.12
CA TRP C 291 27.94 10.21 -10.05
C TRP C 291 29.03 9.45 -10.78
N THR C 292 30.30 9.76 -10.54
CA THR C 292 31.39 9.12 -11.27
C THR C 292 32.49 8.65 -10.34
N VAL C 293 33.33 9.59 -9.89
CA VAL C 293 34.48 9.25 -9.04
C VAL C 293 34.15 9.31 -7.55
N GLY C 294 33.00 9.84 -7.18
CA GLY C 294 32.66 10.02 -5.79
C GLY C 294 32.99 11.42 -5.31
N PHE C 295 32.27 11.86 -4.27
CA PHE C 295 32.52 13.15 -3.66
C PHE C 295 32.28 13.07 -2.16
N ASN C 296 33.22 13.60 -1.38
CA ASN C 296 33.13 13.63 0.08
C ASN C 296 32.78 12.25 0.63
N GLY C 297 33.58 11.26 0.22
CA GLY C 297 33.43 9.91 0.71
C GLY C 297 32.17 9.19 0.28
N GLN C 298 31.43 9.73 -0.68
CA GLN C 298 30.19 9.15 -1.15
C GLN C 298 30.21 9.04 -2.67
N ARG C 299 29.36 8.15 -3.18
CA ARG C 299 29.31 7.90 -4.62
C ARG C 299 27.98 7.22 -4.95
N VAL C 300 27.40 7.58 -6.09
CA VAL C 300 26.20 6.90 -6.54
C VAL C 300 26.49 5.41 -6.65
N ARG C 301 25.45 4.60 -6.46
CA ARG C 301 25.62 3.17 -6.59
C ARG C 301 25.83 2.80 -8.06
N TYR C 302 26.68 1.81 -8.30
CA TYR C 302 26.93 1.27 -9.63
C TYR C 302 26.63 -0.22 -9.64
N THR C 303 26.02 -0.68 -10.72
CA THR C 303 25.80 -2.10 -10.89
C THR C 303 27.10 -2.76 -11.36
N PRO C 304 27.19 -4.09 -11.23
CA PRO C 304 28.42 -4.76 -11.72
C PRO C 304 28.71 -4.50 -13.18
N LYS C 305 27.69 -4.27 -14.01
CA LYS C 305 27.87 -4.07 -15.44
C LYS C 305 27.93 -2.60 -15.83
N GLY C 306 28.06 -1.69 -14.85
CA GLY C 306 28.41 -0.32 -15.13
C GLY C 306 27.29 0.70 -15.07
N LEU C 307 26.05 0.28 -14.81
CA LEU C 307 24.95 1.22 -14.76
C LEU C 307 25.02 2.05 -13.47
N ALA C 308 24.98 3.37 -13.62
CA ALA C 308 24.84 4.25 -12.46
C ALA C 308 23.40 4.16 -11.97
N HIS C 309 23.22 3.68 -10.75
CA HIS C 309 21.91 3.27 -10.23
C HIS C 309 21.51 4.21 -9.09
N LEU C 310 20.73 5.23 -9.42
CA LEU C 310 20.23 6.16 -8.40
C LEU C 310 19.10 5.54 -7.60
N THR C 311 18.12 4.95 -8.28
CA THR C 311 16.94 4.40 -7.62
C THR C 311 16.32 3.35 -8.54
N ASP C 312 15.40 2.57 -7.98
CA ASP C 312 14.75 1.50 -8.73
C ASP C 312 13.66 2.01 -9.66
N TRP C 313 13.16 3.22 -9.44
CA TRP C 313 12.06 3.78 -10.23
C TRP C 313 12.65 4.62 -11.36
N GLY C 314 12.55 4.11 -12.59
CA GLY C 314 13.10 4.81 -13.73
C GLY C 314 14.60 4.98 -13.63
N VAL C 315 15.31 3.88 -13.43
CA VAL C 315 16.76 3.96 -13.24
C VAL C 315 17.45 4.42 -14.51
N LEU C 316 16.96 3.98 -15.68
CA LEU C 316 17.57 4.41 -16.93
C LEU C 316 17.22 5.86 -17.26
N ARG C 317 16.04 6.31 -16.85
CA ARG C 317 15.69 7.72 -16.97
C ARG C 317 16.68 8.60 -16.22
N HIS C 318 17.05 8.20 -15.01
CA HIS C 318 17.96 9.01 -14.20
C HIS C 318 19.38 8.99 -14.77
N ALA C 319 19.86 7.81 -15.17
CA ALA C 319 21.24 7.70 -15.62
C ALA C 319 21.44 8.42 -16.95
N THR C 320 20.57 8.17 -17.92
CA THR C 320 20.72 8.79 -19.23
C THR C 320 20.60 10.30 -19.14
N THR C 321 19.71 10.80 -18.25
CA THR C 321 19.57 12.25 -18.11
C THR C 321 20.84 12.85 -17.51
N THR C 322 21.32 12.29 -16.40
CA THR C 322 22.61 12.72 -15.85
C THR C 322 23.71 12.61 -16.90
N ALA C 323 23.64 11.59 -17.77
CA ALA C 323 24.65 11.47 -18.82
C ALA C 323 24.55 12.61 -19.81
N PHE C 324 23.34 13.07 -20.12
CA PHE C 324 23.18 14.20 -21.01
C PHE C 324 23.84 15.46 -20.45
N LEU C 325 23.56 15.77 -19.18
CA LEU C 325 24.21 16.92 -18.55
C LEU C 325 25.72 16.78 -18.57
N ALA C 326 26.23 15.55 -18.40
CA ALA C 326 27.67 15.34 -18.49
C ALA C 326 28.20 15.70 -19.87
N CYS C 327 27.41 15.40 -20.92
CA CYS C 327 27.81 15.78 -22.27
C CYS C 327 27.86 17.30 -22.40
N VAL C 328 26.81 17.98 -21.93
CA VAL C 328 26.73 19.42 -22.10
C VAL C 328 27.85 20.11 -21.34
N TYR C 329 28.11 19.70 -20.09
CA TYR C 329 29.16 20.34 -19.32
C TYR C 329 30.54 19.96 -19.85
N SER C 330 30.71 18.71 -20.29
CA SER C 330 32.01 18.29 -20.82
C SER C 330 32.34 19.03 -22.12
N ASP C 331 31.33 19.41 -22.90
CA ASP C 331 31.55 20.19 -24.11
C ASP C 331 31.88 21.65 -23.81
N TRP C 332 31.63 22.12 -22.59
CA TRP C 332 31.88 23.51 -22.25
C TRP C 332 33.37 23.79 -22.22
N SER C 333 33.75 25.02 -22.61
CA SER C 333 35.16 25.38 -22.66
C SER C 333 35.77 25.50 -21.28
N GLU C 334 34.98 25.92 -20.28
CA GLU C 334 35.49 26.16 -18.94
C GLU C 334 35.48 24.91 -18.06
N CYS C 335 35.01 23.78 -18.58
CA CYS C 335 35.09 22.54 -17.81
C CYS C 335 36.53 22.06 -17.76
N PRO C 336 37.09 21.79 -16.58
CA PRO C 336 38.45 21.24 -16.52
C PRO C 336 38.59 20.06 -17.46
N ARG C 337 39.65 20.06 -18.26
CA ARG C 337 39.82 18.99 -19.24
C ARG C 337 39.86 17.63 -18.56
N GLU C 338 40.48 17.55 -17.38
CA GLU C 338 40.54 16.29 -16.66
C GLU C 338 39.14 15.78 -16.35
N LYS C 339 38.30 16.61 -15.72
CA LYS C 339 36.94 16.20 -15.43
C LYS C 339 36.12 16.02 -16.70
N ALA C 340 36.46 16.77 -17.76
CA ALA C 340 35.71 16.65 -19.02
C ALA C 340 35.85 15.24 -19.59
N ASN C 341 37.07 14.69 -19.60
CA ASN C 341 37.27 13.34 -20.11
C ASN C 341 36.49 12.32 -19.29
N ILE C 342 36.49 12.47 -17.96
CA ILE C 342 35.74 11.53 -17.13
C ILE C 342 34.25 11.64 -17.41
N TYR C 343 33.75 12.87 -17.58
CA TYR C 343 32.32 13.06 -17.76
C TYR C 343 31.84 12.45 -19.08
N ILE C 344 32.61 12.60 -20.15
CA ILE C 344 32.14 12.11 -21.44
C ILE C 344 32.25 10.60 -21.53
N ASP C 345 33.28 10.01 -20.92
CA ASP C 345 33.35 8.55 -20.82
C ASP C 345 32.21 8.02 -19.97
N PHE C 346 31.87 8.73 -18.89
CA PHE C 346 30.67 8.38 -18.11
C PHE C 346 29.44 8.40 -18.99
N ALA C 347 29.29 9.42 -19.84
CA ALA C 347 28.09 9.54 -20.65
C ALA C 347 27.98 8.39 -21.65
N LYS C 348 29.09 8.01 -22.28
CA LYS C 348 29.03 6.91 -23.25
C LYS C 348 28.66 5.60 -22.58
N LYS C 349 29.21 5.34 -21.38
CA LYS C 349 28.92 4.09 -20.69
C LYS C 349 27.44 3.96 -20.40
N GLN C 350 26.80 5.06 -19.97
CA GLN C 350 25.37 5.01 -19.70
C GLN C 350 24.56 4.91 -20.99
N ALA C 351 25.04 5.53 -22.07
CA ALA C 351 24.37 5.40 -23.35
C ALA C 351 24.43 3.96 -23.85
N ASP C 352 25.62 3.37 -23.86
CA ASP C 352 25.78 2.02 -24.38
C ASP C 352 25.06 0.99 -23.51
N TYR C 353 24.92 1.25 -22.21
CA TYR C 353 24.16 0.33 -21.36
C TYR C 353 22.69 0.32 -21.75
N ALA C 354 22.13 1.49 -22.07
CA ALA C 354 20.74 1.54 -22.49
C ALA C 354 20.54 0.91 -23.87
N LEU C 355 21.58 0.88 -24.69
CA LEU C 355 21.47 0.35 -26.05
C LEU C 355 21.87 -1.12 -26.14
N GLY C 356 22.52 -1.67 -25.13
CA GLY C 356 22.73 -3.12 -25.10
C GLY C 356 24.08 -3.61 -24.60
N SER C 357 24.79 -2.82 -23.81
CA SER C 357 26.11 -3.25 -23.35
C SER C 357 26.02 -4.37 -22.32
N SER C 358 24.90 -4.50 -21.62
CA SER C 358 24.76 -5.55 -20.62
C SER C 358 24.36 -6.90 -21.23
N GLY C 359 24.05 -6.94 -22.53
CA GLY C 359 23.68 -8.18 -23.17
C GLY C 359 22.36 -8.06 -23.92
N ARG C 360 21.58 -7.03 -23.60
CA ARG C 360 20.30 -6.82 -24.26
C ARG C 360 19.98 -5.34 -24.27
N SER C 361 19.29 -4.90 -25.32
CA SER C 361 18.81 -3.54 -25.38
C SER C 361 17.70 -3.31 -24.36
N TYR C 362 17.60 -2.08 -23.88
CA TYR C 362 16.49 -1.63 -23.05
C TYR C 362 15.64 -0.60 -23.77
N VAL C 363 15.77 -0.50 -25.10
CA VAL C 363 15.02 0.44 -25.92
C VAL C 363 14.10 -0.39 -26.82
N VAL C 364 12.79 -0.17 -26.68
CA VAL C 364 11.81 -0.95 -27.41
C VAL C 364 12.08 -0.86 -28.90
N GLY C 365 12.09 -2.01 -29.58
CA GLY C 365 12.24 -2.04 -31.01
C GLY C 365 13.62 -1.68 -31.53
N PHE C 366 14.65 -1.80 -30.69
CA PHE C 366 16.01 -1.46 -31.09
C PHE C 366 16.99 -2.50 -30.56
N GLY C 367 17.96 -2.84 -31.40
CA GLY C 367 19.10 -3.60 -30.93
C GLY C 367 18.79 -5.06 -30.62
N VAL C 368 19.56 -5.62 -29.69
CA VAL C 368 19.52 -7.04 -29.38
C VAL C 368 18.48 -7.29 -28.28
N ASN C 369 17.59 -8.25 -28.53
CA ASN C 369 16.60 -8.74 -27.58
C ASN C 369 15.98 -7.59 -26.78
N PRO C 370 15.39 -6.60 -27.45
CA PRO C 370 14.81 -5.45 -26.74
C PRO C 370 13.56 -5.85 -25.97
N PRO C 371 13.11 -5.01 -25.06
CA PRO C 371 11.86 -5.32 -24.33
C PRO C 371 10.67 -5.34 -25.28
N GLN C 372 9.77 -6.29 -25.04
CA GLN C 372 8.62 -6.47 -25.91
C GLN C 372 7.28 -6.28 -25.20
N HIS C 373 7.27 -6.04 -23.89
CA HIS C 373 6.02 -5.95 -23.14
C HIS C 373 5.97 -4.70 -22.27
N PRO C 374 6.18 -3.52 -22.86
CA PRO C 374 6.14 -2.28 -22.08
C PRO C 374 4.76 -2.03 -21.49
N HIS C 375 4.74 -1.54 -20.25
CA HIS C 375 3.49 -1.20 -19.55
C HIS C 375 2.87 0.00 -20.26
N HIS C 376 2.22 -0.28 -21.38
CA HIS C 376 1.68 0.75 -22.26
C HIS C 376 0.37 0.25 -22.86
N ARG C 377 -0.73 0.94 -22.55
CA ARG C 377 -2.05 0.45 -22.91
C ARG C 377 -2.23 0.37 -24.43
N THR C 378 -1.90 1.45 -25.14
CA THR C 378 -2.21 1.53 -26.56
C THR C 378 -1.28 0.68 -27.41
N ALA C 379 -0.02 0.53 -26.99
CA ALA C 379 0.88 -0.38 -27.71
C ALA C 379 0.41 -1.82 -27.56
N HIS C 380 -0.08 -2.19 -26.38
CA HIS C 380 -0.61 -3.53 -26.17
C HIS C 380 -1.93 -3.72 -26.90
N SER C 381 -2.87 -2.79 -26.69
CA SER C 381 -4.13 -2.76 -27.42
C SER C 381 -4.95 -4.04 -27.14
N SER C 382 -5.40 -4.13 -25.89
CA SER C 382 -6.27 -5.23 -25.48
C SER C 382 -7.68 -5.03 -26.01
N TRP C 383 -8.40 -6.15 -26.17
CA TRP C 383 -9.79 -6.12 -26.59
C TRP C 383 -10.74 -6.55 -25.48
N CYS C 384 -10.25 -6.71 -24.24
CA CYS C 384 -11.11 -7.10 -23.14
C CYS C 384 -10.63 -6.50 -21.82
N ASP C 385 -10.02 -5.32 -21.86
CA ASP C 385 -9.70 -4.57 -20.65
C ASP C 385 -8.84 -5.41 -19.71
N SER C 386 -7.80 -6.02 -20.26
CA SER C 386 -6.91 -6.89 -19.51
C SER C 386 -5.48 -6.76 -20.00
N GLN C 387 -4.54 -6.62 -19.05
CA GLN C 387 -3.13 -6.61 -19.40
C GLN C 387 -2.67 -7.93 -20.00
N LYS C 388 -3.36 -9.03 -19.72
CA LYS C 388 -2.92 -10.35 -20.13
C LYS C 388 -3.44 -10.80 -21.48
N VAL C 389 -4.35 -10.03 -22.09
CA VAL C 389 -4.99 -10.42 -23.34
C VAL C 389 -4.98 -9.23 -24.29
N PRO C 390 -4.32 -9.31 -25.46
CA PRO C 390 -3.57 -10.46 -25.99
C PRO C 390 -2.29 -10.71 -25.22
N GLU C 391 -1.60 -11.83 -25.49
CA GLU C 391 -0.40 -12.16 -24.76
C GLU C 391 0.85 -11.50 -25.36
N TYR C 392 0.76 -10.96 -26.57
CA TYR C 392 1.81 -10.15 -27.16
C TYR C 392 1.24 -8.79 -27.55
N HIS C 393 2.12 -7.80 -27.65
CA HIS C 393 1.71 -6.45 -27.99
C HIS C 393 1.31 -6.38 -29.47
N ARG C 394 0.21 -5.66 -29.74
N ARG C 394 0.23 -5.66 -29.75
CA ARG C 394 -0.22 -5.50 -31.12
CA ARG C 394 -0.25 -5.49 -31.12
C ARG C 394 0.71 -4.60 -31.90
C ARG C 394 0.61 -4.51 -31.91
N HIS C 395 1.32 -3.60 -31.24
CA HIS C 395 2.10 -2.57 -31.92
C HIS C 395 3.45 -2.41 -31.23
N VAL C 396 4.47 -2.09 -32.02
CA VAL C 396 5.82 -1.88 -31.51
C VAL C 396 5.99 -0.42 -31.14
N LEU C 397 6.34 -0.17 -29.87
CA LEU C 397 6.52 1.19 -29.35
C LEU C 397 7.97 1.60 -29.55
N TYR C 398 8.31 1.92 -30.80
CA TYR C 398 9.70 2.16 -31.17
C TYR C 398 10.33 3.26 -30.33
N GLY C 399 11.53 2.99 -29.81
CA GLY C 399 12.34 4.01 -29.16
C GLY C 399 12.09 4.22 -27.69
N ALA C 400 11.05 3.60 -27.12
CA ALA C 400 10.72 3.84 -25.72
C ALA C 400 11.79 3.25 -24.81
N LEU C 401 12.29 4.07 -23.89
CA LEU C 401 13.26 3.62 -22.89
C LEU C 401 12.49 3.16 -21.66
N VAL C 402 12.67 1.90 -21.27
CA VAL C 402 11.92 1.34 -20.15
C VAL C 402 12.58 1.73 -18.84
N GLY C 403 11.90 1.46 -17.73
CA GLY C 403 12.43 1.78 -16.41
C GLY C 403 13.84 1.27 -16.21
N GLY C 404 14.03 -0.05 -16.32
CA GLY C 404 15.35 -0.63 -16.25
C GLY C 404 15.51 -1.64 -15.13
N PRO C 405 16.69 -2.24 -15.04
CA PRO C 405 16.93 -3.34 -14.11
C PRO C 405 17.16 -2.84 -12.68
N ASP C 406 17.34 -3.78 -11.77
CA ASP C 406 17.66 -3.46 -10.39
C ASP C 406 19.18 -3.35 -10.24
N ALA C 407 19.63 -3.13 -9.01
CA ALA C 407 21.04 -2.83 -8.78
C ALA C 407 21.97 -3.98 -9.13
N SER C 408 21.43 -5.18 -9.40
CA SER C 408 22.25 -6.33 -9.79
C SER C 408 22.11 -6.64 -11.28
N ASP C 409 21.63 -5.69 -12.08
CA ASP C 409 21.44 -5.83 -13.53
C ASP C 409 20.33 -6.82 -13.89
N ALA C 410 19.46 -7.17 -12.93
CA ALA C 410 18.39 -8.13 -13.17
C ALA C 410 17.18 -7.42 -13.76
N TYR C 411 16.63 -8.00 -14.83
CA TYR C 411 15.45 -7.46 -15.48
C TYR C 411 14.73 -8.60 -16.19
N VAL C 412 13.40 -8.51 -16.23
CA VAL C 412 12.58 -9.47 -16.94
C VAL C 412 11.40 -8.73 -17.56
N ASP C 413 11.10 -9.05 -18.81
CA ASP C 413 9.91 -8.51 -19.47
C ASP C 413 8.68 -8.85 -18.65
N ASP C 414 7.81 -7.86 -18.45
CA ASP C 414 6.63 -8.06 -17.62
C ASP C 414 5.70 -6.87 -17.75
N ILE C 415 4.62 -7.03 -18.52
CA ILE C 415 3.70 -5.93 -18.77
C ILE C 415 3.14 -5.38 -17.47
N GLY C 416 3.03 -6.21 -16.44
CA GLY C 416 2.39 -5.79 -15.20
C GLY C 416 3.28 -4.95 -14.29
N ASN C 417 4.58 -4.94 -14.52
CA ASN C 417 5.53 -4.24 -13.65
C ASN C 417 5.72 -2.81 -14.17
N TYR C 418 4.97 -1.87 -13.60
CA TYR C 418 5.02 -0.49 -14.05
C TYR C 418 6.16 0.30 -13.40
N VAL C 419 7.16 -0.38 -12.87
CA VAL C 419 8.42 0.22 -12.47
C VAL C 419 9.54 -0.14 -13.45
N THR C 420 9.73 -1.43 -13.70
CA THR C 420 10.80 -1.88 -14.57
C THR C 420 10.42 -1.70 -16.05
N ASN C 421 9.20 -2.08 -16.43
CA ASN C 421 8.74 -2.01 -17.81
C ASN C 421 7.94 -0.73 -18.09
N GLN C 422 8.00 0.25 -17.20
CA GLN C 422 7.35 1.53 -17.44
C GLN C 422 8.00 2.26 -18.61
N VAL C 423 7.21 3.11 -19.27
CA VAL C 423 7.69 4.01 -20.31
C VAL C 423 7.00 5.35 -20.12
N ALA C 424 7.66 6.43 -20.47
CA ALA C 424 7.10 7.75 -20.20
C ALA C 424 7.85 8.83 -20.97
N CYS C 425 7.18 9.98 -21.11
CA CYS C 425 7.79 11.13 -21.78
C CYS C 425 9.12 11.50 -21.14
N ASP C 426 9.12 11.67 -19.82
CA ASP C 426 10.32 12.11 -19.12
C ASP C 426 11.44 11.08 -19.21
N TYR C 427 11.11 9.81 -19.45
CA TYR C 427 12.15 8.79 -19.56
C TYR C 427 13.00 9.01 -20.81
N ASN C 428 12.37 9.44 -21.91
CA ASN C 428 13.07 9.63 -23.17
C ASN C 428 13.64 11.03 -23.34
N ALA C 429 13.26 11.98 -22.50
CA ALA C 429 13.64 13.37 -22.70
C ALA C 429 15.16 13.52 -22.73
N GLY C 430 15.83 13.37 -21.59
CA GLY C 430 17.27 13.49 -21.58
C GLY C 430 17.96 12.45 -22.43
N PHE C 431 17.33 11.28 -22.59
CA PHE C 431 17.85 10.25 -23.48
C PHE C 431 18.08 10.79 -24.88
N VAL C 432 17.16 11.63 -25.38
CA VAL C 432 17.30 12.16 -26.74
C VAL C 432 18.55 13.03 -26.85
N GLY C 433 18.72 13.95 -25.90
CA GLY C 433 19.93 14.76 -25.92
C GLY C 433 21.20 13.94 -25.86
N LEU C 434 21.23 12.94 -24.97
CA LEU C 434 22.39 12.06 -24.89
C LEU C 434 22.70 11.43 -26.25
N LEU C 435 21.67 10.88 -26.91
CA LEU C 435 21.89 10.22 -28.18
C LEU C 435 22.34 11.21 -29.25
N ALA C 436 21.87 12.45 -29.19
CA ALA C 436 22.34 13.47 -30.11
C ALA C 436 23.85 13.61 -30.05
N LYS C 437 24.39 13.74 -28.84
CA LYS C 437 25.83 13.89 -28.68
C LYS C 437 26.58 12.64 -29.11
N MET C 438 26.03 11.46 -28.80
CA MET C 438 26.70 10.23 -29.20
C MET C 438 26.73 10.06 -30.71
N TYR C 439 25.70 10.55 -31.40
CA TYR C 439 25.72 10.52 -32.86
C TYR C 439 26.71 11.55 -33.41
N GLU C 440 26.76 12.73 -32.79
CA GLU C 440 27.72 13.74 -33.23
C GLU C 440 29.15 13.23 -33.09
N LYS C 441 29.43 12.51 -32.02
CA LYS C 441 30.80 12.10 -31.69
C LYS C 441 31.19 10.77 -32.31
N TYR C 442 30.27 9.81 -32.35
CA TYR C 442 30.59 8.46 -32.82
C TYR C 442 29.81 8.05 -34.06
N GLY C 443 28.74 8.75 -34.42
CA GLY C 443 28.02 8.43 -35.64
C GLY C 443 27.05 7.27 -35.48
N GLY C 444 26.83 6.56 -36.57
CA GLY C 444 25.78 5.56 -36.64
C GLY C 444 24.64 6.06 -37.51
N ASN C 445 24.42 5.41 -38.65
CA ASN C 445 23.49 5.95 -39.65
C ASN C 445 22.06 5.54 -39.33
N PRO C 446 21.10 6.46 -39.35
CA PRO C 446 19.70 6.08 -39.16
C PRO C 446 19.20 5.24 -40.32
N ILE C 447 18.07 4.57 -40.09
CA ILE C 447 17.39 3.80 -41.12
C ILE C 447 16.70 4.78 -42.07
N PRO C 448 17.11 4.88 -43.34
CA PRO C 448 16.49 5.87 -44.22
C PRO C 448 14.99 5.63 -44.37
N ASN C 449 14.22 6.72 -44.31
CA ASN C 449 12.77 6.68 -44.51
C ASN C 449 12.07 5.74 -43.54
N PHE C 450 12.59 5.60 -42.33
CA PHE C 450 11.98 4.67 -41.38
C PHE C 450 10.55 5.09 -41.07
N MET C 451 9.63 4.14 -41.20
CA MET C 451 8.23 4.34 -40.87
C MET C 451 7.75 3.16 -40.03
N ALA C 452 6.81 3.43 -39.13
CA ALA C 452 6.19 2.39 -38.32
C ALA C 452 4.84 1.99 -38.89
N ILE C 453 4.86 1.46 -40.11
CA ILE C 453 3.67 0.98 -40.80
C ILE C 453 3.60 -0.53 -40.64
N GLU C 454 2.44 -1.04 -40.25
CA GLU C 454 2.25 -2.46 -40.03
C GLU C 454 1.76 -3.17 -41.28
C2 BGC D . 0.98 -8.42 -3.30
C3 BGC D . 1.73 -9.74 -3.34
C4 BGC D . 0.73 -10.89 -3.18
C5 BGC D . -0.39 -10.78 -4.19
C6 BGC D . -1.47 -11.80 -3.98
C1 BGC D . -0.13 -8.40 -4.33
O1 BGC D . -0.81 -7.20 -4.26
O2 BGC D . 1.88 -7.34 -3.54
O3 BGC D . 2.72 -9.78 -2.31
O4 BGC D . 1.44 -12.12 -3.40
O5 BGC D . -1.02 -9.49 -4.10
O6 BGC D . -2.70 -11.42 -4.60
H2 BGC D . 0.56 -8.30 -2.30
H3 BGC D . 2.23 -9.85 -4.31
H4 BGC D . 0.32 -10.85 -2.17
H5 BGC D . 0.01 -10.90 -5.20
H61 BGC D . -1.64 -11.96 -2.91
H62 BGC D . -1.15 -12.77 -4.39
H1 BGC D . 0.26 -8.42 -5.36
HO1 BGC D . -1.24 -6.99 -5.13
HO2 BGC D . 1.73 -6.67 -2.83
HO3 BGC D . 3.54 -9.39 -2.71
HO6 BGC D . -3.33 -12.18 -4.51
C2 BGC D . 1.79 -14.39 -2.83
C3 BGC D . 2.20 -15.35 -1.72
C4 BGC D . 3.43 -14.83 -1.00
C5 BGC D . 3.18 -13.40 -0.52
C6 BGC D . 4.39 -12.80 0.16
C1 BGC D . 1.67 -12.97 -2.30
O2 BGC D . 0.54 -14.80 -3.38
O3 BGC D . 2.46 -16.63 -2.27
O4 BGC D . 3.74 -15.66 0.12
O5 BGC D . 2.86 -12.58 -1.64
O6 BGC D . 5.39 -12.45 -0.79
H2 BGC D . 2.56 -14.41 -3.60
H3 BGC D . 1.39 -15.43 -1.00
H4 BGC D . 4.29 -14.84 -1.68
H5 BGC D . 2.36 -13.40 0.20
H61 BGC D . 4.81 -13.50 0.88
H62 BGC D . 4.10 -11.91 0.71
H1 BGC D . 0.83 -12.91 -1.60
HO2 BGC D . 0.19 -14.03 -3.89
HO3 BGC D . 1.87 -17.27 -1.80
HO4 BGC D . 4.52 -16.21 -0.14
HO6 BGC D . 6.27 -12.63 -0.38
C2 BGC E . -9.17 -2.20 -1.00
C3 BGC E . -10.44 -2.08 -0.17
C4 BGC E . -11.63 -1.91 -1.09
C5 BGC E . -11.69 -3.05 -2.10
C6 BGC E . -12.81 -2.94 -3.10
C1 BGC E . -9.31 -3.31 -2.03
O1 BGC E . -8.16 -3.37 -2.81
O2 BGC E . -8.05 -2.46 -0.15
O3 BGC E . -10.34 -1.00 0.75
O4 BGC E . -12.82 -1.93 -0.29
O5 BGC E . -10.46 -3.08 -2.84
O6 BGC E . -12.47 -2.11 -4.20
H2 BGC E . -9.00 -1.25 -1.50
H3 BGC E . -10.58 -3.00 0.42
H4 BGC E . -11.55 -0.96 -1.62
H5 BGC E . -11.81 -3.99 -1.56
H61 BGC E . -13.07 -3.93 -3.46
H62 BGC E . -13.70 -2.54 -2.61
H1 BGC E . -9.36 -4.30 -1.56
HO1 BGC E . -8.08 -4.27 -3.22
HO2 BGC E . -7.30 -1.88 -0.47
HO3 BGC E . -9.88 -1.36 1.55
HO6 BGC E . -12.66 -2.60 -5.03
C2 BGC E . -14.88 -0.91 0.23
C3 BGC E . -15.56 0.27 0.93
C4 BGC E . -14.88 0.58 2.25
C5 BGC E . -13.40 0.80 2.00
C6 BGC E . -12.62 1.08 3.27
C1 BGC E . -13.37 -0.71 0.16
O2 BGC E . -15.39 -1.02 -1.09
O3 BGC E . -16.94 -0.03 1.13
O4 BGC E . -15.45 1.74 2.83
O5 BGC E . -12.84 -0.39 1.43
O6 BGC E . -12.93 0.14 4.29
H2 BGC E . -15.09 -1.79 0.81
H3 BGC E . -15.49 1.15 0.29
H4 BGC E . -15.03 -0.26 2.94
H5 BGC E . -13.26 1.63 1.33
H61 BGC E . -11.55 1.05 3.06
H62 BGC E . -12.86 2.09 3.61
H1 BGC E . -13.15 0.09 -0.54
HO2 BGC E . -15.71 -1.96 -1.19
HO3 BGC E . -17.11 0.12 2.10
HO4 BGC E . -16.20 1.43 3.41
HO6 BGC E . -12.35 0.35 5.07
C2 BGC F . -1.63 1.02 -9.29
C3 BGC F . -1.47 2.13 -10.33
C4 BGC F . -1.62 1.54 -11.73
C5 BGC F . -2.92 0.75 -11.85
C6 BGC F . -3.03 0.01 -13.16
C1 BGC F . -2.95 0.30 -9.50
O1 BGC F . -3.07 -0.72 -8.55
O2 BGC F . -1.59 1.58 -7.98
O3 BGC F . -0.19 2.73 -10.20
O4 BGC F . -1.67 2.64 -12.64
O5 BGC F . -2.99 -0.25 -10.81
O6 BGC F . -2.06 -1.03 -13.26
H2 BGC F . -0.80 0.33 -9.39
H3 BGC F . -2.23 2.88 -10.18
H4 BGC F . -0.79 0.86 -11.93
H5 BGC F . -3.77 1.42 -11.74
H61 BGC F . -2.90 0.71 -13.98
H62 BGC F . -4.03 -0.42 -13.27
H1 BGC F . -3.81 0.93 -9.30
HO1 BGC F . -2.16 -1.02 -8.28
HO2 BGC F . -1.01 2.39 -8.02
HO3 BGC F . 0.44 2.15 -10.71
HO6 BGC F . -1.26 -0.66 -13.71
C2 BGC F . -0.56 3.34 -14.60
C3 BGC F . 0.73 3.95 -15.14
C4 BGC F . 1.03 5.25 -14.39
C5 BGC F . 1.06 4.99 -12.89
C6 BGC F . 1.22 6.25 -12.07
C1 BGC F . -0.45 3.15 -13.10
O2 BGC F . -0.80 2.09 -15.24
O3 BGC F . 0.61 4.20 -16.54
O4 BGC F . 2.29 5.77 -14.81
O5 BGC F . -0.17 4.39 -12.47
O6 BGC F . 1.00 6.01 -10.69
H2 BGC F . -1.38 4.01 -14.83
H3 BGC F . 1.55 3.26 -14.99
H4 BGC F . 0.25 5.98 -14.61
H5 BGC F . 1.89 4.31 -12.66
H61 BGC F . 0.51 7.00 -12.43
H62 BGC F . 2.22 6.66 -12.23
H1 BGC F . 0.35 2.45 -12.89
HO2 BGC F . -1.03 1.45 -14.51
HO3 BGC F . 0.42 3.33 -16.96
HO4 BGC F . 2.26 5.80 -15.80
HO6 BGC F . 1.14 6.87 -10.22
CA CA G . 20.55 -12.80 10.57
CA CA H . -12.14 8.24 21.48
CA CA I . 11.32 21.57 -7.72
#